data_8HFD
#
_entry.id   8HFD
#
_cell.length_a   203.158
_cell.length_b   77.142
_cell.length_c   144.847
_cell.angle_alpha   90.00
_cell.angle_beta   100.80
_cell.angle_gamma   90.00
#
_symmetry.space_group_name_H-M   'C 1 2 1'
#
loop_
_entity.id
_entity.type
_entity.pdbx_description
1 polymer Allantoinase
2 non-polymer DI(HYDROXYETHYL)ETHER
3 non-polymer 'ZINC ION'
4 water water
#
_entity_poly.entity_id   1
_entity_poly.type   'polypeptide(L)'
_entity_poly.pdbx_seq_one_letter_code
;MSFDLIIKNGTVILENEARVVDIAVKGGKIAAIGQDLGDAKEVMDASGLVVSPGMVDAHTHISEPGRSHWEGYETGTRAA
AKGGITTMIEMPLNQLPATVDRASIELKFDAAKGKLTIDAAQLGGLVSYNIDRLHELDEVGVVGF(KCX)CFVATCGDRG
IDNDFRDVNDWQFFKGAQKLGELGQPVLVHCENALICDELGEEAKREGRVTAHDYVASRPVFTEVEAIRRVLYLAKVAGC
RLHVCHVSSPEGVEEVTRARQEGQDVTCESCPHYFVLDTDQFEEIGTLAKCSPPIRDLENQKGMWEKLFNGEIDCLVSDH
SPCPPEMKAGNIMEAWGGIAGLQNCMDVMFDEAVQKRGMSLPMFGKLMATNAADIFGLQQKGRIAPGKDADFVFIQPNSS
YVLTNDDLEYRHKVSPYVGRTIGARITKTILRGDVIYDIEQGFPVAPKGQFILKHQQHHHHHH
;
_entity_poly.pdbx_strand_id   A,B,C,D
#
loop_
_chem_comp.id
_chem_comp.type
_chem_comp.name
_chem_comp.formula
PEG non-polymer DI(HYDROXYETHYL)ETHER 'C4 H10 O3'
ZN non-polymer 'ZINC ION' 'Zn 2'
#
# COMPACT_ATOMS: atom_id res chain seq x y z
N SER A 2 -18.55 20.03 -52.71
CA SER A 2 -17.23 19.65 -52.21
C SER A 2 -16.99 20.29 -50.84
N PHE A 3 -15.79 20.09 -50.27
CA PHE A 3 -15.51 20.58 -48.92
C PHE A 3 -15.84 22.07 -48.80
N ASP A 4 -16.21 22.48 -47.60
CA ASP A 4 -16.39 23.92 -47.34
C ASP A 4 -15.06 24.62 -47.13
N LEU A 5 -14.07 23.93 -46.56
CA LEU A 5 -12.88 24.61 -46.11
C LEU A 5 -11.76 23.59 -45.99
N ILE A 6 -10.54 23.99 -46.33
CA ILE A 6 -9.37 23.17 -46.13
C ILE A 6 -8.33 24.01 -45.41
N ILE A 7 -7.85 23.50 -44.28
CA ILE A 7 -6.80 24.13 -43.49
C ILE A 7 -5.50 23.43 -43.88
N LYS A 8 -4.58 24.16 -44.51
CA LYS A 8 -3.39 23.57 -45.10
C LYS A 8 -2.14 23.94 -44.32
N ASN A 9 -1.20 22.99 -44.25
CA ASN A 9 0.20 23.22 -43.87
C ASN A 9 0.41 23.49 -42.39
N GLY A 10 -0.62 23.40 -41.55
CA GLY A 10 -0.42 23.54 -40.12
C GLY A 10 0.20 22.30 -39.47
N THR A 11 0.80 22.49 -38.29
CA THR A 11 1.22 21.37 -37.44
C THR A 11 0.00 20.98 -36.62
N VAL A 12 -0.69 19.92 -37.03
CA VAL A 12 -1.97 19.54 -36.46
C VAL A 12 -1.75 18.61 -35.27
N ILE A 13 -2.41 18.94 -34.17
CA ILE A 13 -2.34 18.06 -32.97
C ILE A 13 -3.34 16.92 -33.13
N LEU A 14 -2.85 15.74 -33.45
CA LEU A 14 -3.72 14.55 -33.52
C LEU A 14 -3.60 13.82 -32.18
N GLU A 15 -4.38 12.75 -31.98
CA GLU A 15 -4.41 12.09 -30.66
C GLU A 15 -3.06 11.47 -30.35
N ASN A 16 -2.42 10.90 -31.35
CA ASN A 16 -1.13 10.18 -31.15
C ASN A 16 0.04 11.10 -31.37
N GLU A 17 -0.11 12.09 -32.25
CA GLU A 17 1.06 12.90 -32.60
C GLU A 17 0.71 14.23 -33.26
N ALA A 18 1.72 15.08 -33.38
CA ALA A 18 1.53 16.35 -34.11
C ALA A 18 2.30 16.24 -35.43
N ARG A 19 1.60 16.44 -36.54
CA ARG A 19 2.26 16.38 -37.84
C ARG A 19 1.63 17.40 -38.78
N VAL A 20 2.36 17.72 -39.85
CA VAL A 20 1.86 18.63 -40.88
C VAL A 20 0.92 17.82 -41.76
N VAL A 21 -0.38 18.03 -41.59
CA VAL A 21 -1.40 17.44 -42.44
C VAL A 21 -2.44 18.53 -42.70
N ASP A 22 -3.17 18.37 -43.80
CA ASP A 22 -4.30 19.26 -44.07
C ASP A 22 -5.58 18.75 -43.41
N ILE A 23 -6.52 19.68 -43.19
CA ILE A 23 -7.82 19.37 -42.61
C ILE A 23 -8.93 19.86 -43.54
N ALA A 24 -9.84 18.96 -43.91
CA ALA A 24 -11.00 19.34 -44.70
C ALA A 24 -12.24 19.38 -43.83
N VAL A 25 -13.05 20.42 -44.02
CA VAL A 25 -14.25 20.68 -43.23
C VAL A 25 -15.46 20.72 -44.15
N LYS A 26 -16.55 20.09 -43.72
CA LYS A 26 -17.80 20.19 -44.45
C LYS A 26 -18.95 20.19 -43.45
N GLY A 27 -19.88 21.14 -43.60
CA GLY A 27 -21.02 21.19 -42.69
C GLY A 27 -20.64 21.26 -41.23
N GLY A 28 -19.60 22.04 -40.91
CA GLY A 28 -19.15 22.25 -39.54
C GLY A 28 -18.42 21.08 -38.90
N LYS A 29 -18.22 19.99 -39.65
CA LYS A 29 -17.60 18.76 -39.17
C LYS A 29 -16.29 18.50 -39.91
N ILE A 30 -15.37 17.82 -39.21
CA ILE A 30 -14.12 17.42 -39.83
C ILE A 30 -14.45 16.33 -40.84
N ALA A 31 -14.30 16.63 -42.14
CA ALA A 31 -14.66 15.68 -43.18
C ALA A 31 -13.50 14.78 -43.57
N ALA A 32 -12.25 15.25 -43.47
CA ALA A 32 -11.09 14.43 -43.82
C ALA A 32 -9.84 15.05 -43.22
N ILE A 33 -8.82 14.21 -43.07
CA ILE A 33 -7.48 14.62 -42.65
C ILE A 33 -6.47 13.87 -43.50
N GLY A 34 -5.47 14.59 -44.03
CA GLY A 34 -4.44 13.97 -44.84
C GLY A 34 -3.84 14.98 -45.81
N GLN A 35 -3.26 14.46 -46.89
CA GLN A 35 -2.66 15.25 -47.96
C GLN A 35 -3.57 15.28 -49.19
N ASP A 36 -3.33 16.26 -50.05
CA ASP A 36 -4.01 16.40 -51.34
C ASP A 36 -5.50 16.10 -51.21
N LEU A 37 -6.17 16.91 -50.39
CA LEU A 37 -7.58 16.69 -50.13
C LEU A 37 -8.48 17.24 -51.23
N GLY A 38 -7.91 17.96 -52.18
CA GLY A 38 -8.68 18.40 -53.34
C GLY A 38 -9.18 19.82 -53.25
N ASP A 39 -10.39 20.04 -53.74
CA ASP A 39 -10.97 21.36 -53.89
C ASP A 39 -11.88 21.69 -52.70
N ALA A 40 -11.94 22.97 -52.36
CA ALA A 40 -12.79 23.46 -51.29
C ALA A 40 -13.21 24.90 -51.57
N LYS A 41 -14.37 25.27 -51.04
CA LYS A 41 -14.87 26.63 -51.23
C LYS A 41 -13.90 27.67 -50.69
N GLU A 42 -13.01 27.29 -49.78
CA GLU A 42 -12.16 28.26 -49.11
C GLU A 42 -10.94 27.53 -48.56
N VAL A 43 -9.82 28.24 -48.51
CA VAL A 43 -8.54 27.67 -48.09
C VAL A 43 -7.93 28.62 -47.07
N MET A 44 -7.40 28.08 -45.98
CA MET A 44 -6.55 28.84 -45.07
C MET A 44 -5.16 28.23 -45.03
N ASP A 45 -4.17 29.09 -44.86
CA ASP A 45 -2.78 28.69 -44.70
C ASP A 45 -2.48 28.67 -43.20
N ALA A 46 -2.04 27.53 -42.69
CA ALA A 46 -1.64 27.41 -41.29
C ALA A 46 -0.12 27.24 -41.12
N SER A 47 0.66 27.59 -42.14
CA SER A 47 2.10 27.40 -42.07
C SER A 47 2.67 28.08 -40.82
N GLY A 48 3.63 27.40 -40.20
CA GLY A 48 4.24 27.96 -39.01
C GLY A 48 3.33 28.00 -37.79
N LEU A 49 2.11 27.51 -37.89
CA LEU A 49 1.17 27.53 -36.78
C LEU A 49 0.94 26.12 -36.25
N VAL A 50 0.64 26.03 -34.96
CA VAL A 50 0.11 24.79 -34.40
C VAL A 50 -1.41 24.87 -34.47
N VAL A 51 -2.03 23.81 -34.98
CA VAL A 51 -3.47 23.69 -35.08
C VAL A 51 -3.93 22.68 -34.04
N SER A 52 -4.41 23.16 -32.92
CA SER A 52 -4.83 22.32 -31.81
C SER A 52 -6.34 22.16 -31.83
N PRO A 53 -6.88 21.11 -31.24
CA PRO A 53 -8.30 21.13 -30.90
C PRO A 53 -8.55 22.38 -30.05
N GLY A 54 -9.69 23.02 -30.26
CA GLY A 54 -10.04 24.15 -29.40
C GLY A 54 -10.23 23.69 -27.97
N MET A 55 -9.87 24.55 -27.02
CA MET A 55 -9.86 24.12 -25.63
C MET A 55 -11.27 23.75 -25.18
N VAL A 56 -11.36 22.73 -24.32
CA VAL A 56 -12.62 22.38 -23.65
C VAL A 56 -12.44 22.76 -22.18
N ASP A 57 -12.99 23.91 -21.79
CA ASP A 57 -12.85 24.43 -20.43
C ASP A 57 -13.93 23.79 -19.57
N ALA A 58 -13.54 22.86 -18.71
CA ALA A 58 -14.52 22.15 -17.91
C ALA A 58 -14.94 22.92 -16.65
N HIS A 59 -14.55 24.18 -16.51
CA HIS A 59 -14.86 24.86 -15.26
C HIS A 59 -14.96 26.36 -15.48
N THR A 60 -16.10 26.82 -15.97
CA THR A 60 -16.33 28.21 -16.30
C THR A 60 -17.49 28.77 -15.49
N HIS A 61 -17.28 29.92 -14.85
CA HIS A 61 -18.37 30.69 -14.25
C HIS A 61 -18.73 31.86 -15.14
N ILE A 62 -19.96 31.86 -15.66
CA ILE A 62 -20.50 32.96 -16.44
C ILE A 62 -21.50 33.78 -15.63
N SER A 63 -22.37 33.10 -14.88
CA SER A 63 -23.24 33.68 -13.86
C SER A 63 -24.33 34.52 -14.46
N GLU A 64 -24.57 34.32 -15.76
CA GLU A 64 -25.42 35.30 -16.48
C GLU A 64 -26.80 35.61 -15.94
N PRO A 65 -27.68 34.64 -15.68
CA PRO A 65 -29.03 35.05 -15.35
C PRO A 65 -28.75 35.54 -13.92
N GLY A 66 -29.05 36.80 -13.61
CA GLY A 66 -28.99 37.31 -12.22
C GLY A 66 -27.71 37.99 -11.78
N ARG A 67 -26.56 37.44 -12.15
CA ARG A 67 -25.27 38.06 -11.80
C ARG A 67 -24.51 38.29 -13.10
N SER A 68 -25.25 38.56 -14.17
CA SER A 68 -24.63 38.87 -15.48
C SER A 68 -23.61 40.00 -15.31
N HIS A 69 -23.83 40.90 -14.35
CA HIS A 69 -22.93 42.04 -14.28
C HIS A 69 -21.55 41.65 -13.77
N TRP A 70 -21.37 40.39 -13.34
CA TRP A 70 -20.05 39.88 -13.01
C TRP A 70 -19.29 39.52 -14.27
N GLU A 71 -20.00 39.00 -15.28
CA GLU A 71 -19.43 38.61 -16.56
C GLU A 71 -20.53 38.46 -17.60
N GLY A 72 -21.28 37.36 -17.58
CA GLY A 72 -22.36 37.16 -18.53
C GLY A 72 -21.90 36.54 -19.84
N TYR A 73 -22.87 36.02 -20.61
CA TYR A 73 -22.54 35.24 -21.81
C TYR A 73 -21.86 36.09 -22.88
N GLU A 74 -22.34 37.31 -23.08
CA GLU A 74 -21.88 38.12 -24.19
C GLU A 74 -20.36 38.28 -24.17
N THR A 75 -19.85 38.90 -23.09
CA THR A 75 -18.41 39.14 -22.94
C THR A 75 -17.67 37.87 -22.58
N GLY A 76 -18.28 37.03 -21.76
CA GLY A 76 -17.55 35.85 -21.29
C GLY A 76 -17.16 34.93 -22.42
N THR A 77 -18.09 34.66 -23.34
CA THR A 77 -17.74 33.72 -24.41
C THR A 77 -16.89 34.38 -25.50
N ARG A 78 -16.92 35.72 -25.62
CA ARG A 78 -15.96 36.40 -26.50
C ARG A 78 -14.55 36.22 -25.95
N ALA A 79 -14.39 36.43 -24.64
CA ALA A 79 -13.09 36.22 -24.02
C ALA A 79 -12.64 34.77 -24.18
N ALA A 80 -13.56 33.83 -24.02
CA ALA A 80 -13.22 32.42 -24.20
C ALA A 80 -12.70 32.17 -25.61
N ALA A 81 -13.39 32.68 -26.63
CA ALA A 81 -12.95 32.47 -28.01
C ALA A 81 -11.58 33.10 -28.26
N LYS A 82 -11.37 34.32 -27.77
CA LYS A 82 -10.07 34.96 -27.93
C LYS A 82 -8.98 34.19 -27.20
N GLY A 83 -9.34 33.44 -26.17
CA GLY A 83 -8.38 32.60 -25.49
C GLY A 83 -8.19 31.24 -26.12
N GLY A 84 -8.89 30.96 -27.22
CA GLY A 84 -8.79 29.68 -27.90
C GLY A 84 -9.66 28.58 -27.32
N ILE A 85 -10.72 28.93 -26.59
CA ILE A 85 -11.69 27.97 -26.09
C ILE A 85 -12.87 27.90 -27.04
N THR A 86 -13.30 26.69 -27.37
CA THR A 86 -14.44 26.53 -28.26
C THR A 86 -15.63 25.84 -27.60
N THR A 87 -15.40 25.09 -26.51
CA THR A 87 -16.48 24.54 -25.70
C THR A 87 -16.20 24.90 -24.25
N MET A 88 -17.20 25.39 -23.53
CA MET A 88 -17.07 25.49 -22.09
C MET A 88 -18.04 24.53 -21.46
N ILE A 89 -17.73 24.04 -20.27
CA ILE A 89 -18.68 23.28 -19.49
C ILE A 89 -19.05 24.19 -18.33
N GLU A 90 -20.22 24.82 -18.46
CA GLU A 90 -20.63 25.90 -17.53
C GLU A 90 -21.11 25.43 -16.16
N MET A 91 -20.55 26.05 -15.13
CA MET A 91 -20.94 25.76 -13.73
C MET A 91 -22.36 26.27 -13.44
N PRO A 92 -23.06 25.71 -12.45
CA PRO A 92 -24.43 26.10 -12.11
C PRO A 92 -24.48 27.39 -11.26
N LEU A 93 -23.32 28.00 -11.00
CA LEU A 93 -23.21 29.26 -10.23
C LEU A 93 -22.20 30.17 -10.94
N ASN A 94 -22.36 31.50 -10.86
CA ASN A 94 -23.01 32.29 -9.77
C ASN A 94 -24.36 32.85 -10.24
N GLN A 95 -24.92 32.28 -11.30
CA GLN A 95 -26.22 32.72 -11.83
C GLN A 95 -27.31 32.63 -10.77
N LEU A 96 -28.34 33.45 -10.93
CA LEU A 96 -29.50 33.48 -10.02
C LEU A 96 -30.73 33.63 -10.92
N PRO A 97 -31.64 32.64 -10.96
CA PRO A 97 -31.51 31.42 -10.16
C PRO A 97 -30.37 30.44 -10.53
N ALA A 98 -29.80 29.80 -9.53
CA ALA A 98 -28.77 28.77 -9.76
C ALA A 98 -29.34 27.64 -10.61
N THR A 99 -28.50 27.02 -11.43
CA THR A 99 -29.00 25.95 -12.32
C THR A 99 -29.17 24.66 -11.52
N VAL A 100 -30.39 24.42 -11.03
CA VAL A 100 -30.64 23.31 -10.12
C VAL A 100 -31.81 22.43 -10.56
N ASP A 101 -32.62 22.91 -11.51
CA ASP A 101 -33.78 22.15 -11.96
C ASP A 101 -34.19 22.62 -13.36
N ARG A 102 -35.30 22.06 -13.86
CA ARG A 102 -35.69 22.34 -15.24
C ARG A 102 -36.08 23.80 -15.42
N ALA A 103 -36.88 24.33 -14.49
CA ALA A 103 -37.30 25.73 -14.58
C ALA A 103 -36.10 26.66 -14.57
N SER A 104 -35.12 26.40 -13.69
CA SER A 104 -34.01 27.32 -13.60
C SER A 104 -33.13 27.27 -14.85
N ILE A 105 -32.97 26.10 -15.46
CA ILE A 105 -32.09 26.05 -16.63
C ILE A 105 -32.79 26.61 -17.86
N GLU A 106 -34.13 26.48 -17.92
CA GLU A 106 -34.87 27.02 -19.05
C GLU A 106 -34.89 28.54 -19.03
N LEU A 107 -35.00 29.13 -17.85
CA LEU A 107 -34.81 30.56 -17.72
C LEU A 107 -33.45 30.97 -18.25
N LYS A 108 -32.42 30.21 -17.89
CA LYS A 108 -31.08 30.54 -18.37
C LYS A 108 -30.98 30.38 -19.88
N PHE A 109 -31.53 29.29 -20.45
CA PHE A 109 -31.46 29.14 -21.90
C PHE A 109 -32.06 30.35 -22.59
N ASP A 110 -33.17 30.85 -22.05
CA ASP A 110 -33.84 32.01 -22.63
C ASP A 110 -32.95 33.25 -22.59
N ALA A 111 -32.30 33.50 -21.44
CA ALA A 111 -31.45 34.67 -21.32
C ALA A 111 -30.24 34.59 -22.26
N ALA A 112 -29.79 33.37 -22.60
CA ALA A 112 -28.55 33.21 -23.36
C ALA A 112 -28.75 33.29 -24.87
N LYS A 113 -30.00 33.19 -25.36
CA LYS A 113 -30.29 33.14 -26.78
C LYS A 113 -29.46 34.17 -27.55
N GLY A 114 -28.64 33.68 -28.48
CA GLY A 114 -27.88 34.56 -29.36
C GLY A 114 -26.69 35.28 -28.76
N LYS A 115 -26.31 34.97 -27.52
CA LYS A 115 -25.16 35.58 -26.89
C LYS A 115 -23.94 34.66 -26.79
N LEU A 116 -24.11 33.37 -27.11
CA LEU A 116 -23.04 32.37 -27.07
C LEU A 116 -22.10 32.54 -28.26
N THR A 117 -20.88 32.99 -28.00
CA THR A 117 -19.86 32.97 -29.04
C THR A 117 -19.18 31.59 -29.17
N ILE A 118 -19.27 30.74 -28.12
CA ILE A 118 -18.69 29.41 -28.11
C ILE A 118 -19.77 28.42 -27.73
N ASP A 119 -19.47 27.14 -27.89
CA ASP A 119 -20.44 26.12 -27.48
C ASP A 119 -20.35 25.91 -25.97
N ALA A 120 -21.43 25.41 -25.38
CA ALA A 120 -21.54 25.33 -23.93
C ALA A 120 -22.31 24.08 -23.52
N ALA A 121 -21.62 23.08 -22.98
CA ALA A 121 -22.28 22.04 -22.22
C ALA A 121 -22.61 22.59 -20.82
N GLN A 122 -23.45 21.87 -20.07
CA GLN A 122 -24.03 22.40 -18.84
C GLN A 122 -23.83 21.46 -17.66
N LEU A 123 -23.53 22.05 -16.51
CA LEU A 123 -23.51 21.35 -15.23
C LEU A 123 -24.67 21.81 -14.37
N GLY A 124 -25.35 20.85 -13.74
CA GLY A 124 -26.32 21.20 -12.74
C GLY A 124 -25.66 21.41 -11.38
N GLY A 125 -26.43 21.98 -10.47
CA GLY A 125 -26.02 22.09 -9.07
C GLY A 125 -26.66 21.02 -8.22
N LEU A 126 -25.83 20.33 -7.45
CA LEU A 126 -26.31 19.47 -6.37
C LEU A 126 -26.26 20.34 -5.12
N VAL A 127 -27.42 20.79 -4.67
CA VAL A 127 -27.52 21.76 -3.59
C VAL A 127 -28.45 21.19 -2.55
N SER A 128 -28.51 21.87 -1.39
CA SER A 128 -29.24 21.30 -0.27
C SER A 128 -30.71 21.06 -0.60
N TYR A 129 -31.29 21.84 -1.52
CA TYR A 129 -32.74 21.87 -1.67
C TYR A 129 -33.26 21.25 -2.97
N ASN A 130 -32.43 20.52 -3.73
CA ASN A 130 -32.93 19.88 -4.94
C ASN A 130 -32.60 18.40 -5.01
N ILE A 131 -32.23 17.79 -3.89
CA ILE A 131 -31.78 16.40 -3.90
C ILE A 131 -32.89 15.48 -4.42
N ASP A 132 -34.14 15.83 -4.19
CA ASP A 132 -35.24 15.00 -4.64
C ASP A 132 -35.62 15.25 -6.09
N ARG A 133 -34.97 16.22 -6.76
CA ARG A 133 -35.33 16.62 -8.11
C ARG A 133 -34.17 16.51 -9.09
N LEU A 134 -33.10 15.78 -8.72
CA LEU A 134 -31.92 15.72 -9.58
C LEU A 134 -32.23 15.11 -10.94
N HIS A 135 -33.30 14.35 -11.05
CA HIS A 135 -33.68 13.76 -12.33
C HIS A 135 -34.04 14.82 -13.35
N GLU A 136 -34.51 15.99 -12.91
CA GLU A 136 -34.98 16.98 -13.87
C GLU A 136 -33.84 17.43 -14.78
N LEU A 137 -32.69 17.77 -14.19
CA LEU A 137 -31.57 18.24 -14.99
C LEU A 137 -30.93 17.09 -15.75
N ASP A 138 -30.99 15.87 -15.22
CA ASP A 138 -30.50 14.73 -15.98
C ASP A 138 -31.32 14.55 -17.26
N GLU A 139 -32.64 14.75 -17.17
CA GLU A 139 -33.49 14.66 -18.37
C GLU A 139 -33.16 15.78 -19.34
N VAL A 140 -32.99 17.00 -18.84
CA VAL A 140 -32.65 18.12 -19.70
C VAL A 140 -31.36 17.83 -20.45
N GLY A 141 -30.36 17.30 -19.75
CA GLY A 141 -29.13 16.92 -20.43
C GLY A 141 -27.86 17.57 -19.90
N VAL A 142 -27.84 17.99 -18.63
CA VAL A 142 -26.57 18.39 -18.05
C VAL A 142 -25.60 17.20 -18.13
N VAL A 143 -24.31 17.52 -18.05
CA VAL A 143 -23.24 16.56 -18.19
C VAL A 143 -22.62 16.16 -16.83
N GLY A 144 -23.09 16.75 -15.75
CA GLY A 144 -22.54 16.51 -14.43
C GLY A 144 -23.22 17.44 -13.45
N PHE A 145 -22.92 17.20 -12.16
CA PHE A 145 -23.50 18.01 -11.09
C PHE A 145 -22.41 18.49 -10.17
N KCX A 146 -22.40 19.81 -9.91
CA KCX A 146 -21.31 20.39 -9.09
CB KCX A 146 -20.71 21.62 -9.77
CG KCX A 146 -19.18 21.70 -9.72
CD KCX A 146 -18.61 21.77 -8.32
CE KCX A 146 -18.40 23.18 -7.82
NZ KCX A 146 -17.51 23.95 -8.67
C KCX A 146 -21.81 20.74 -7.69
O KCX A 146 -22.93 21.30 -7.59
CX KCX A 146 -16.87 25.03 -8.22
OQ1 KCX A 146 -17.28 26.16 -8.36
OQ2 KCX A 146 -15.73 24.76 -7.60
N CYS A 147 -21.03 20.42 -6.67
CA CYS A 147 -21.36 20.77 -5.29
C CYS A 147 -20.17 21.21 -4.45
N PHE A 148 -20.48 21.88 -3.34
CA PHE A 148 -19.54 22.22 -2.28
C PHE A 148 -19.97 21.47 -1.03
N VAL A 149 -19.05 20.72 -0.44
CA VAL A 149 -19.38 19.89 0.75
C VAL A 149 -18.96 20.61 2.03
N ALA A 150 -19.91 20.91 2.90
CA ALA A 150 -19.62 21.53 4.21
C ALA A 150 -20.25 20.51 5.15
N THR A 151 -19.51 20.09 6.17
CA THR A 151 -20.03 19.11 7.15
C THR A 151 -21.34 19.70 7.65
N CYS A 152 -21.37 21.02 7.89
CA CYS A 152 -22.55 21.68 8.48
C CYS A 152 -23.51 22.21 7.41
N GLY A 153 -23.00 22.89 6.39
CA GLY A 153 -23.88 23.53 5.40
C GLY A 153 -23.83 25.02 5.67
N ASP A 154 -23.30 25.81 4.75
CA ASP A 154 -23.07 27.25 5.05
C ASP A 154 -24.32 28.13 4.90
N ARG A 155 -24.12 29.44 5.04
CA ARG A 155 -25.23 30.41 4.89
C ARG A 155 -25.53 30.57 3.40
N GLY A 156 -26.68 31.16 3.05
CA GLY A 156 -26.94 31.43 1.63
C GLY A 156 -28.24 32.12 1.30
N ILE A 157 -28.49 32.34 0.01
CA ILE A 157 -29.72 33.05 -0.46
C ILE A 157 -30.67 32.05 -1.09
N ASP A 158 -31.97 32.26 -0.97
CA ASP A 158 -32.94 31.37 -1.66
C ASP A 158 -32.69 31.39 -3.18
N ASN A 159 -32.87 30.26 -3.87
CA ASN A 159 -32.67 30.17 -5.35
C ASN A 159 -31.19 30.31 -5.72
N ASP A 160 -30.31 30.39 -4.71
CA ASP A 160 -28.86 30.56 -4.96
C ASP A 160 -28.16 29.22 -4.79
N PHE A 161 -26.90 29.16 -5.19
CA PHE A 161 -26.11 27.91 -4.96
C PHE A 161 -25.84 27.79 -3.47
N ARG A 162 -26.12 26.63 -2.93
CA ARG A 162 -25.89 26.39 -1.49
C ARG A 162 -25.01 25.16 -1.34
N ASP A 163 -24.23 25.11 -0.27
CA ASP A 163 -23.38 23.94 0.01
C ASP A 163 -24.24 22.75 0.42
N VAL A 164 -23.67 21.57 0.36
CA VAL A 164 -24.37 20.34 0.82
C VAL A 164 -23.66 19.83 2.07
N ASN A 165 -24.41 19.30 3.02
CA ASN A 165 -23.77 18.65 4.19
C ASN A 165 -23.41 17.22 3.77
N ASP A 166 -22.76 16.46 4.65
CA ASP A 166 -22.30 15.08 4.32
C ASP A 166 -23.50 14.22 3.89
N TRP A 167 -24.62 14.36 4.58
CA TRP A 167 -25.82 13.55 4.26
C TRP A 167 -26.29 13.91 2.85
N GLN A 168 -26.45 15.20 2.59
CA GLN A 168 -26.96 15.67 1.28
C GLN A 168 -26.00 15.21 0.16
N PHE A 169 -24.70 15.32 0.38
CA PHE A 169 -23.73 14.82 -0.61
C PHE A 169 -23.97 13.32 -0.85
N PHE A 170 -23.96 12.53 0.22
CA PHE A 170 -24.13 11.06 0.09
C PHE A 170 -25.43 10.70 -0.64
N LYS A 171 -26.55 11.28 -0.20
CA LYS A 171 -27.86 10.93 -0.82
C LYS A 171 -27.89 11.37 -2.28
N GLY A 172 -27.43 12.59 -2.56
CA GLY A 172 -27.38 13.08 -3.95
C GLY A 172 -26.45 12.24 -4.80
N ALA A 173 -25.26 11.96 -4.27
CA ALA A 173 -24.28 11.13 -4.98
C ALA A 173 -24.90 9.78 -5.33
N GLN A 174 -25.62 9.18 -4.38
CA GLN A 174 -26.29 7.88 -4.61
C GLN A 174 -27.24 8.00 -5.81
N LYS A 175 -28.04 9.05 -5.82
CA LYS A 175 -29.02 9.26 -6.91
C LYS A 175 -28.28 9.53 -8.22
N LEU A 176 -27.20 10.32 -8.18
CA LEU A 176 -26.39 10.62 -9.37
C LEU A 176 -25.77 9.33 -9.91
N GLY A 177 -25.24 8.48 -9.03
CA GLY A 177 -24.72 7.17 -9.46
C GLY A 177 -25.76 6.37 -10.21
N GLU A 178 -26.99 6.39 -9.72
CA GLU A 178 -28.11 5.65 -10.37
C GLU A 178 -28.47 6.28 -11.72
N LEU A 179 -28.34 7.59 -11.87
CA LEU A 179 -28.69 8.30 -13.13
C LEU A 179 -27.54 8.23 -14.15
N GLY A 180 -26.33 7.85 -13.74
CA GLY A 180 -25.17 7.83 -14.63
C GLY A 180 -24.53 9.20 -14.75
N GLN A 181 -24.65 10.02 -13.70
CA GLN A 181 -24.13 11.41 -13.71
C GLN A 181 -22.97 11.55 -12.75
N PRO A 182 -21.88 12.21 -13.18
CA PRO A 182 -20.76 12.43 -12.31
C PRO A 182 -21.00 13.62 -11.36
N VAL A 183 -20.41 13.55 -10.16
CA VAL A 183 -20.47 14.68 -9.20
C VAL A 183 -19.11 15.40 -9.21
N LEU A 184 -19.14 16.72 -9.31
CA LEU A 184 -17.90 17.52 -9.27
C LEU A 184 -17.87 18.24 -7.93
N VAL A 185 -16.70 18.32 -7.30
CA VAL A 185 -16.68 18.88 -5.93
C VAL A 185 -15.54 19.88 -5.70
N HIS A 186 -15.88 21.02 -5.08
CA HIS A 186 -14.85 21.96 -4.61
C HIS A 186 -14.41 21.39 -3.27
N CYS A 187 -13.19 20.86 -3.21
CA CYS A 187 -12.73 20.12 -2.02
C CYS A 187 -11.82 20.96 -1.11
N GLU A 188 -12.43 21.65 -0.16
CA GLU A 188 -11.68 22.42 0.85
C GLU A 188 -12.48 22.32 2.15
N ASN A 189 -11.84 22.05 3.28
CA ASN A 189 -12.61 22.09 4.54
C ASN A 189 -12.91 23.57 4.81
N ALA A 190 -14.10 24.03 4.46
CA ALA A 190 -14.41 25.47 4.54
C ALA A 190 -14.37 26.00 5.98
N LEU A 191 -14.90 25.24 6.92
CA LEU A 191 -14.89 25.66 8.34
C LEU A 191 -13.46 25.94 8.77
N ILE A 192 -12.56 24.99 8.52
CA ILE A 192 -11.21 25.20 9.03
C ILE A 192 -10.55 26.39 8.32
N CYS A 193 -10.73 26.51 7.00
CA CYS A 193 -10.23 27.68 6.28
C CYS A 193 -10.86 28.97 6.79
N ASP A 194 -12.18 28.98 7.01
CA ASP A 194 -12.85 30.19 7.51
C ASP A 194 -12.28 30.58 8.86
N GLU A 195 -12.15 29.60 9.77
CA GLU A 195 -11.74 29.92 11.14
C GLU A 195 -10.29 30.38 11.18
N LEU A 196 -9.41 29.72 10.41
CA LEU A 196 -8.02 30.18 10.38
C LEU A 196 -7.92 31.57 9.74
N GLY A 197 -8.76 31.84 8.74
CA GLY A 197 -8.79 33.18 8.18
C GLY A 197 -9.15 34.22 9.23
N GLU A 198 -10.19 33.94 10.02
CA GLU A 198 -10.58 34.84 11.11
C GLU A 198 -9.43 35.04 12.10
N GLU A 199 -8.74 33.96 12.44
CA GLU A 199 -7.54 34.05 13.26
C GLU A 199 -6.55 35.06 12.72
N ALA A 200 -6.24 34.96 11.41
CA ALA A 200 -5.25 35.86 10.81
C ALA A 200 -5.70 37.31 10.92
N LYS A 201 -6.91 37.60 10.46
CA LYS A 201 -7.43 38.97 10.52
C LYS A 201 -7.31 39.53 11.93
N ARG A 202 -7.71 38.73 12.92
CA ARG A 202 -7.65 39.11 14.33
C ARG A 202 -6.23 39.49 14.72
N GLU A 203 -5.24 38.82 14.16
CA GLU A 203 -3.84 39.03 14.52
C GLU A 203 -3.19 40.13 13.72
N GLY A 204 -3.93 40.80 12.83
CA GLY A 204 -3.34 41.75 11.91
C GLY A 204 -2.52 41.16 10.79
N ARG A 205 -2.65 39.85 10.54
CA ARG A 205 -1.87 39.14 9.51
C ARG A 205 -2.75 39.02 8.28
N VAL A 206 -2.51 39.86 7.28
CA VAL A 206 -3.39 39.88 6.13
C VAL A 206 -2.65 39.92 4.81
N THR A 207 -1.39 39.49 4.80
CA THR A 207 -0.66 39.36 3.55
C THR A 207 -1.12 38.13 2.76
N ALA A 208 -0.64 38.02 1.51
CA ALA A 208 -0.94 36.83 0.72
C ALA A 208 -0.40 35.58 1.37
N HIS A 209 0.79 35.68 1.97
CA HIS A 209 1.37 34.51 2.64
C HIS A 209 0.53 34.09 3.84
N ASP A 210 -0.04 35.06 4.57
CA ASP A 210 -0.99 34.79 5.63
C ASP A 210 -2.27 34.12 5.11
N TYR A 211 -2.76 34.57 3.95
CA TYR A 211 -3.96 33.94 3.40
C TYR A 211 -3.68 32.48 3.03
N VAL A 212 -2.55 32.23 2.38
CA VAL A 212 -2.22 30.86 2.00
C VAL A 212 -2.05 29.97 3.24
N ALA A 213 -1.40 30.48 4.30
CA ALA A 213 -1.31 29.74 5.57
C ALA A 213 -2.66 29.50 6.22
N SER A 214 -3.66 30.31 5.90
CA SER A 214 -4.98 30.13 6.47
C SER A 214 -5.83 29.15 5.66
N ARG A 215 -5.31 28.64 4.56
CA ARG A 215 -5.94 27.58 3.76
C ARG A 215 -4.91 26.50 3.48
N PRO A 216 -4.39 25.87 4.54
CA PRO A 216 -3.25 24.96 4.39
C PRO A 216 -3.62 23.73 3.57
N VAL A 217 -2.55 23.05 3.13
CA VAL A 217 -2.71 21.88 2.27
C VAL A 217 -3.64 20.85 2.91
N PHE A 218 -3.54 20.65 4.23
CA PHE A 218 -4.34 19.59 4.85
C PHE A 218 -5.85 19.86 4.74
N THR A 219 -6.27 21.12 4.62
CA THR A 219 -7.70 21.38 4.42
C THR A 219 -8.17 20.88 3.06
N GLU A 220 -7.30 20.93 2.05
CA GLU A 220 -7.62 20.34 0.76
C GLU A 220 -7.60 18.81 0.82
N VAL A 221 -6.55 18.23 1.41
CA VAL A 221 -6.41 16.77 1.48
C VAL A 221 -7.56 16.15 2.28
N GLU A 222 -7.92 16.75 3.41
CA GLU A 222 -9.03 16.22 4.21
C GLU A 222 -10.31 16.18 3.40
N ALA A 223 -10.59 17.26 2.67
CA ALA A 223 -11.86 17.32 1.94
C ALA A 223 -11.89 16.32 0.80
N ILE A 224 -10.76 16.16 0.08
CA ILE A 224 -10.68 15.17 -0.97
C ILE A 224 -10.87 13.76 -0.39
N ARG A 225 -10.20 13.46 0.72
CA ARG A 225 -10.34 12.14 1.31
C ARG A 225 -11.77 11.87 1.73
N ARG A 226 -12.44 12.89 2.29
CA ARG A 226 -13.82 12.68 2.74
C ARG A 226 -14.74 12.41 1.56
N VAL A 227 -14.59 13.20 0.49
CA VAL A 227 -15.44 13.07 -0.69
C VAL A 227 -15.11 11.81 -1.47
N LEU A 228 -13.82 11.50 -1.63
CA LEU A 228 -13.45 10.23 -2.25
C LEU A 228 -14.22 9.05 -1.64
N TYR A 229 -14.22 8.99 -0.30
CA TYR A 229 -14.83 7.85 0.40
C TYR A 229 -16.35 7.87 0.30
N LEU A 230 -16.98 9.03 0.47
CA LEU A 230 -18.44 9.09 0.40
C LEU A 230 -18.96 8.78 -1.00
N ALA A 231 -18.28 9.30 -2.02
CA ALA A 231 -18.69 9.01 -3.39
C ALA A 231 -18.48 7.53 -3.69
N LYS A 232 -17.39 6.95 -3.20
CA LYS A 232 -17.17 5.51 -3.39
C LYS A 232 -18.33 4.73 -2.81
N VAL A 233 -18.73 5.03 -1.56
CA VAL A 233 -19.79 4.27 -0.92
C VAL A 233 -21.12 4.50 -1.63
N ALA A 234 -21.38 5.75 -2.04
CA ALA A 234 -22.60 6.03 -2.79
C ALA A 234 -22.57 5.47 -4.21
N GLY A 235 -21.41 5.07 -4.71
CA GLY A 235 -21.38 4.47 -6.03
C GLY A 235 -21.47 5.50 -7.14
N CYS A 236 -20.82 6.64 -6.96
CA CYS A 236 -20.89 7.78 -7.87
C CYS A 236 -19.51 8.09 -8.43
N ARG A 237 -19.46 8.32 -9.74
CA ARG A 237 -18.28 8.85 -10.38
C ARG A 237 -17.97 10.25 -9.85
N LEU A 238 -16.70 10.53 -9.64
CA LEU A 238 -16.29 11.77 -9.01
C LEU A 238 -15.26 12.50 -9.87
N HIS A 239 -15.40 13.82 -9.93
CA HIS A 239 -14.37 14.70 -10.48
C HIS A 239 -13.96 15.71 -9.41
N VAL A 240 -12.68 15.73 -9.09
CA VAL A 240 -12.16 16.64 -8.07
C VAL A 240 -11.72 17.93 -8.77
N CYS A 241 -12.35 19.04 -8.41
CA CYS A 241 -12.14 20.31 -9.09
C CYS A 241 -10.84 20.95 -8.65
N HIS A 242 -10.31 21.83 -9.51
CA HIS A 242 -9.08 22.59 -9.31
C HIS A 242 -8.22 22.16 -8.13
N VAL A 243 -7.40 21.13 -8.29
CA VAL A 243 -6.52 20.73 -7.19
C VAL A 243 -5.34 21.69 -7.12
N SER A 244 -5.00 22.13 -5.91
CA SER A 244 -4.01 23.18 -5.75
C SER A 244 -2.66 22.67 -5.22
N SER A 245 -2.54 21.40 -4.88
CA SER A 245 -1.36 20.88 -4.23
C SER A 245 -1.07 19.47 -4.71
N PRO A 246 0.21 19.08 -4.75
CA PRO A 246 0.52 17.69 -5.15
C PRO A 246 0.00 16.67 -4.16
N GLU A 247 -0.07 17.00 -2.86
CA GLU A 247 -0.68 16.12 -1.87
C GLU A 247 -2.14 15.80 -2.23
N GLY A 248 -2.90 16.80 -2.68
CA GLY A 248 -4.25 16.52 -3.16
C GLY A 248 -4.28 15.60 -4.37
N VAL A 249 -3.37 15.83 -5.33
CA VAL A 249 -3.34 14.94 -6.48
C VAL A 249 -3.05 13.51 -6.04
N GLU A 250 -2.10 13.35 -5.10
CA GLU A 250 -1.69 12.02 -4.67
C GLU A 250 -2.86 11.23 -4.08
N GLU A 251 -3.76 11.90 -3.34
CA GLU A 251 -4.98 11.22 -2.88
C GLU A 251 -5.83 10.71 -4.03
N VAL A 252 -6.00 11.54 -5.07
CA VAL A 252 -6.82 11.11 -6.20
C VAL A 252 -6.18 9.91 -6.88
N THR A 253 -4.86 10.00 -7.10
CA THR A 253 -4.11 8.93 -7.76
C THR A 253 -4.24 7.62 -6.99
N ARG A 254 -4.04 7.66 -5.67
CA ARG A 254 -4.16 6.42 -4.88
C ARG A 254 -5.55 5.81 -5.02
N ALA A 255 -6.60 6.63 -4.94
CA ALA A 255 -7.96 6.12 -5.11
C ALA A 255 -8.14 5.45 -6.47
N ARG A 256 -7.67 6.08 -7.55
CA ARG A 256 -7.80 5.48 -8.88
C ARG A 256 -7.03 4.17 -8.97
N GLN A 257 -5.85 4.14 -8.38
CA GLN A 257 -5.03 2.93 -8.44
C GLN A 257 -5.72 1.78 -7.73
N GLU A 258 -6.61 2.09 -6.78
CA GLU A 258 -7.42 1.07 -6.11
C GLU A 258 -8.69 0.76 -6.89
N GLY A 259 -8.93 1.44 -8.02
CA GLY A 259 -10.06 1.16 -8.87
C GLY A 259 -11.22 2.13 -8.77
N GLN A 260 -11.12 3.17 -7.97
CA GLN A 260 -12.21 4.13 -7.92
C GLN A 260 -12.29 4.93 -9.21
N ASP A 261 -13.52 5.26 -9.62
CA ASP A 261 -13.76 6.09 -10.83
C ASP A 261 -13.72 7.55 -10.41
N VAL A 262 -12.52 8.10 -10.43
CA VAL A 262 -12.34 9.52 -10.05
C VAL A 262 -11.37 10.16 -11.02
N THR A 263 -11.63 11.43 -11.33
CA THR A 263 -10.72 12.21 -12.19
C THR A 263 -10.43 13.50 -11.43
N CYS A 264 -9.46 14.27 -11.88
CA CYS A 264 -9.24 15.57 -11.27
C CYS A 264 -8.74 16.55 -12.31
N GLU A 265 -8.68 17.81 -11.92
CA GLU A 265 -8.29 18.89 -12.82
C GLU A 265 -7.45 19.86 -12.01
N SER A 266 -6.77 20.77 -12.70
CA SER A 266 -6.17 21.94 -12.04
C SER A 266 -6.27 23.14 -12.98
N CYS A 267 -5.63 24.24 -12.62
CA CYS A 267 -5.78 25.47 -13.39
C CYS A 267 -4.43 26.09 -13.70
N PRO A 268 -4.34 26.90 -14.75
CA PRO A 268 -3.05 27.54 -15.07
C PRO A 268 -2.48 28.35 -13.91
N HIS A 269 -3.31 29.00 -13.08
CA HIS A 269 -2.72 29.83 -12.01
C HIS A 269 -1.94 29.00 -11.00
N TYR A 270 -2.28 27.71 -10.82
CA TYR A 270 -1.51 26.89 -9.90
C TYR A 270 -0.21 26.38 -10.51
N PHE A 271 0.01 26.61 -11.80
CA PHE A 271 1.25 26.24 -12.49
C PHE A 271 2.12 27.42 -12.84
N VAL A 272 1.56 28.64 -12.84
CA VAL A 272 2.21 29.79 -13.44
C VAL A 272 2.37 30.94 -12.44
N LEU A 273 1.62 30.95 -11.35
CA LEU A 273 1.81 31.90 -10.29
C LEU A 273 2.29 31.15 -9.06
N ASP A 274 2.85 31.89 -8.10
CA ASP A 274 3.13 31.35 -6.76
C ASP A 274 2.81 32.44 -5.76
N THR A 275 2.92 32.10 -4.46
CA THR A 275 2.50 33.06 -3.42
C THR A 275 3.31 34.35 -3.47
N ASP A 276 4.59 34.29 -3.87
CA ASP A 276 5.35 35.53 -3.93
C ASP A 276 4.80 36.45 -4.99
N GLN A 277 4.43 35.93 -6.16
CA GLN A 277 3.84 36.79 -7.18
C GLN A 277 2.45 37.28 -6.75
N PHE A 278 1.66 36.41 -6.11
CA PHE A 278 0.40 36.78 -5.48
C PHE A 278 0.58 38.02 -4.59
N GLU A 279 1.54 37.98 -3.67
CA GLU A 279 1.83 39.15 -2.80
C GLU A 279 2.09 40.43 -3.62
N GLU A 280 2.82 40.33 -4.73
CA GLU A 280 3.07 41.53 -5.54
C GLU A 280 1.85 41.94 -6.34
N ILE A 281 1.02 40.98 -6.72
CA ILE A 281 -0.13 41.29 -7.57
C ILE A 281 -1.26 41.88 -6.74
N GLY A 282 -1.52 41.33 -5.55
CA GLY A 282 -2.68 41.73 -4.76
C GLY A 282 -3.88 40.81 -4.92
N THR A 283 -5.06 41.38 -4.62
CA THR A 283 -6.30 40.60 -4.56
C THR A 283 -6.69 39.98 -5.88
N LEU A 284 -6.20 40.50 -7.02
CA LEU A 284 -6.53 39.89 -8.31
C LEU A 284 -6.02 38.45 -8.43
N ALA A 285 -5.06 38.07 -7.59
CA ALA A 285 -4.51 36.72 -7.56
C ALA A 285 -4.97 35.94 -6.34
N LYS A 286 -5.97 36.45 -5.63
CA LYS A 286 -6.59 35.68 -4.52
C LYS A 286 -7.61 34.71 -5.10
N CYS A 287 -7.54 33.44 -4.69
CA CYS A 287 -8.46 32.38 -5.17
C CYS A 287 -8.70 31.36 -4.04
N SER A 288 -9.84 30.64 -4.06
CA SER A 288 -10.27 29.77 -2.93
C SER A 288 -9.25 28.68 -2.72
N PRO A 289 -9.10 27.63 -3.56
CA PRO A 289 -8.01 26.73 -3.35
C PRO A 289 -6.91 27.78 -3.62
N PRO A 290 -6.03 28.07 -2.64
CA PRO A 290 -5.01 29.13 -2.79
C PRO A 290 -3.80 28.84 -3.71
N ILE A 291 -3.17 29.90 -4.21
CA ILE A 291 -1.91 29.75 -5.00
C ILE A 291 -0.79 29.54 -3.99
N ARG A 292 -0.12 28.40 -4.06
CA ARG A 292 0.83 28.04 -3.03
C ARG A 292 2.26 28.40 -3.47
N ASP A 293 3.26 27.95 -2.71
CA ASP A 293 4.62 28.44 -2.95
C ASP A 293 5.29 27.67 -4.09
N LEU A 294 6.52 28.10 -4.43
CA LEU A 294 7.22 27.56 -5.59
C LEU A 294 7.49 26.07 -5.46
N GLU A 295 7.88 25.61 -4.27
CA GLU A 295 8.08 24.19 -4.08
C GLU A 295 6.81 23.41 -4.41
N ASN A 296 5.66 23.91 -3.97
CA ASN A 296 4.39 23.30 -4.34
C ASN A 296 4.21 23.31 -5.86
N GLN A 297 4.52 24.45 -6.51
CA GLN A 297 4.35 24.55 -7.95
C GLN A 297 5.22 23.54 -8.69
N LYS A 298 6.47 23.35 -8.25
CA LYS A 298 7.31 22.32 -8.88
C LYS A 298 6.66 20.96 -8.79
N GLY A 299 6.08 20.64 -7.63
CA GLY A 299 5.40 19.36 -7.47
C GLY A 299 4.19 19.26 -8.37
N MET A 300 3.42 20.34 -8.50
CA MET A 300 2.28 20.31 -9.42
C MET A 300 2.76 20.01 -10.83
N TRP A 301 3.86 20.63 -11.27
CA TRP A 301 4.38 20.34 -12.62
C TRP A 301 4.75 18.87 -12.80
N GLU A 302 5.34 18.22 -11.79
CA GLU A 302 5.64 16.79 -11.94
C GLU A 302 4.38 15.95 -12.00
N LYS A 303 3.38 16.27 -11.19
CA LYS A 303 2.10 15.58 -11.29
C LYS A 303 1.53 15.68 -12.70
N LEU A 304 1.52 16.90 -13.25
CA LEU A 304 0.97 17.14 -14.58
C LEU A 304 1.72 16.33 -15.63
N PHE A 305 3.06 16.40 -15.63
CA PHE A 305 3.83 15.65 -16.62
C PHE A 305 3.72 14.16 -16.41
N ASN A 306 3.39 13.72 -15.18
CA ASN A 306 3.26 12.30 -14.91
C ASN A 306 1.90 11.75 -15.28
N GLY A 307 1.00 12.59 -15.81
CA GLY A 307 -0.30 12.12 -16.23
C GLY A 307 -1.32 11.99 -15.13
N GLU A 308 -1.08 12.57 -13.95
CA GLU A 308 -1.97 12.40 -12.81
C GLU A 308 -3.05 13.47 -12.71
N ILE A 309 -2.99 14.50 -13.54
CA ILE A 309 -4.03 15.54 -13.60
C ILE A 309 -4.72 15.42 -14.94
N ASP A 310 -5.99 15.08 -14.91
CA ASP A 310 -6.68 14.79 -16.19
C ASP A 310 -6.90 16.03 -17.06
N CYS A 311 -7.28 17.15 -16.47
CA CYS A 311 -7.68 18.31 -17.31
C CYS A 311 -7.20 19.65 -16.76
N LEU A 312 -6.89 20.58 -17.65
CA LEU A 312 -6.57 21.95 -17.21
C LEU A 312 -7.80 22.80 -17.53
N VAL A 313 -8.25 23.58 -16.56
CA VAL A 313 -9.50 24.39 -16.71
C VAL A 313 -9.25 25.80 -16.19
N SER A 314 -10.18 26.71 -16.47
CA SER A 314 -9.90 28.10 -16.10
C SER A 314 -10.24 28.38 -14.65
N ASP A 315 -11.33 27.79 -14.17
CA ASP A 315 -12.04 28.31 -12.99
C ASP A 315 -12.21 29.81 -13.08
N HIS A 316 -12.60 30.28 -14.29
CA HIS A 316 -12.83 31.69 -14.50
C HIS A 316 -13.82 32.19 -13.46
N SER A 317 -13.36 33.10 -12.60
CA SER A 317 -14.10 33.53 -11.43
C SER A 317 -14.03 35.05 -11.30
N PRO A 318 -14.62 35.77 -12.24
CA PRO A 318 -14.61 37.24 -12.18
C PRO A 318 -15.61 37.78 -11.15
N CYS A 319 -15.38 39.03 -10.77
CA CYS A 319 -16.35 39.79 -9.99
C CYS A 319 -16.15 41.26 -10.31
N PRO A 320 -17.12 42.11 -9.97
CA PRO A 320 -16.92 43.56 -10.15
C PRO A 320 -15.71 44.02 -9.37
N PRO A 321 -14.93 44.96 -9.91
CA PRO A 321 -13.67 45.32 -9.26
C PRO A 321 -13.83 45.86 -7.86
N GLU A 322 -14.99 46.43 -7.54
CA GLU A 322 -15.25 46.87 -6.17
C GLU A 322 -15.11 45.73 -5.18
N MET A 323 -15.39 44.50 -5.61
CA MET A 323 -15.25 43.37 -4.71
C MET A 323 -13.80 42.94 -4.53
N LYS A 324 -12.87 43.57 -5.24
CA LYS A 324 -11.46 43.30 -5.09
C LYS A 324 -10.77 44.33 -4.23
N ALA A 325 -11.52 45.27 -3.65
CA ALA A 325 -10.97 46.26 -2.73
C ALA A 325 -10.76 45.62 -1.35
N GLY A 326 -10.02 46.32 -0.50
CA GLY A 326 -9.71 45.78 0.82
C GLY A 326 -8.42 44.97 0.82
N ASN A 327 -8.04 44.53 2.02
CA ASN A 327 -6.88 43.67 2.14
C ASN A 327 -7.20 42.26 1.63
N ILE A 328 -6.15 41.45 1.49
CA ILE A 328 -6.32 40.14 0.86
C ILE A 328 -7.32 39.27 1.61
N MET A 329 -7.45 39.41 2.92
CA MET A 329 -8.39 38.56 3.69
C MET A 329 -9.86 39.02 3.51
N GLU A 330 -10.09 40.27 3.11
CA GLU A 330 -11.47 40.80 2.95
C GLU A 330 -11.98 40.66 1.51
N ALA A 331 -11.10 40.57 0.53
CA ALA A 331 -11.54 40.61 -0.88
C ALA A 331 -12.16 39.30 -1.37
N TRP A 332 -13.02 39.41 -2.38
CA TRP A 332 -13.63 38.23 -3.00
C TRP A 332 -12.57 37.40 -3.72
N GLY A 333 -12.53 36.10 -3.43
CA GLY A 333 -11.64 35.21 -4.17
C GLY A 333 -12.12 34.93 -5.59
N GLY A 334 -11.17 34.70 -6.49
CA GLY A 334 -11.48 34.37 -7.87
C GLY A 334 -10.48 34.97 -8.85
N ILE A 335 -10.04 34.17 -9.82
CA ILE A 335 -9.07 34.59 -10.82
C ILE A 335 -9.81 34.83 -12.12
N ALA A 336 -9.70 36.05 -12.66
CA ALA A 336 -10.22 36.29 -14.00
C ALA A 336 -9.15 35.83 -14.97
N GLY A 337 -9.34 34.66 -15.58
CA GLY A 337 -8.26 34.11 -16.36
C GLY A 337 -8.66 33.36 -17.61
N LEU A 338 -9.95 33.41 -17.94
CA LEU A 338 -10.50 32.66 -19.06
C LEU A 338 -9.74 32.94 -20.36
N GLN A 339 -9.23 34.15 -20.53
CA GLN A 339 -8.64 34.47 -21.84
C GLN A 339 -7.21 33.93 -22.02
N ASN A 340 -6.56 33.50 -20.96
CA ASN A 340 -5.13 33.22 -21.01
C ASN A 340 -4.83 31.84 -20.42
N CYS A 341 -5.65 30.85 -20.75
CA CYS A 341 -5.34 29.47 -20.42
C CYS A 341 -4.48 28.82 -21.49
N MET A 342 -4.94 28.90 -22.74
CA MET A 342 -4.28 28.23 -23.85
C MET A 342 -2.90 28.84 -24.12
N ASP A 343 -2.82 30.17 -24.25
CA ASP A 343 -1.52 30.70 -24.65
C ASP A 343 -0.52 30.68 -23.49
N VAL A 344 -0.97 30.91 -22.25
CA VAL A 344 -0.03 30.81 -21.13
C VAL A 344 0.46 29.38 -20.94
N MET A 345 -0.46 28.41 -21.00
CA MET A 345 -0.07 27.02 -20.79
C MET A 345 0.75 26.49 -21.98
N PHE A 346 0.39 26.86 -23.21
CA PHE A 346 1.26 26.47 -24.32
C PHE A 346 2.68 26.98 -24.09
N ASP A 347 2.80 28.23 -23.64
CA ASP A 347 4.11 28.81 -23.39
C ASP A 347 4.82 28.12 -22.22
N GLU A 348 4.11 27.88 -21.12
CA GLU A 348 4.80 27.34 -19.95
C GLU A 348 5.02 25.83 -20.06
N ALA A 349 4.05 25.08 -20.56
CA ALA A 349 4.20 23.63 -20.63
C ALA A 349 5.02 23.22 -21.84
N VAL A 350 4.61 23.65 -23.03
CA VAL A 350 5.22 23.14 -24.26
C VAL A 350 6.56 23.83 -24.53
N GLN A 351 6.56 25.16 -24.60
CA GLN A 351 7.76 25.88 -25.00
C GLN A 351 8.83 25.81 -23.91
N LYS A 352 8.49 26.23 -22.69
CA LYS A 352 9.50 26.34 -21.64
C LYS A 352 9.88 24.98 -21.06
N ARG A 353 8.95 24.03 -20.99
CA ARG A 353 9.21 22.78 -20.29
C ARG A 353 9.15 21.55 -21.17
N GLY A 354 8.87 21.70 -22.46
CA GLY A 354 9.05 20.59 -23.38
C GLY A 354 7.94 19.58 -23.43
N MET A 355 6.75 19.90 -22.95
CA MET A 355 5.66 18.94 -23.05
C MET A 355 5.32 18.67 -24.51
N SER A 356 4.92 17.45 -24.80
CA SER A 356 4.60 17.08 -26.17
C SER A 356 3.27 17.71 -26.60
N LEU A 357 3.17 18.05 -27.88
CA LEU A 357 1.92 18.63 -28.39
C LEU A 357 0.72 17.72 -28.18
N PRO A 358 0.79 16.40 -28.43
CA PRO A 358 -0.40 15.57 -28.16
C PRO A 358 -0.76 15.50 -26.67
N MET A 359 0.20 15.59 -25.75
CA MET A 359 -0.19 15.67 -24.34
C MET A 359 -0.88 16.99 -24.04
N PHE A 360 -0.35 18.09 -24.59
CA PHE A 360 -1.02 19.38 -24.48
C PHE A 360 -2.46 19.28 -24.93
N GLY A 361 -2.69 18.64 -26.07
CA GLY A 361 -4.04 18.55 -26.59
C GLY A 361 -4.97 17.76 -25.69
N LYS A 362 -4.47 16.70 -25.07
CA LYS A 362 -5.31 15.93 -24.16
C LYS A 362 -5.64 16.74 -22.91
N LEU A 363 -4.65 17.45 -22.37
CA LEU A 363 -4.86 18.17 -21.12
C LEU A 363 -5.79 19.35 -21.30
N MET A 364 -5.77 19.97 -22.49
CA MET A 364 -6.54 21.19 -22.72
C MET A 364 -7.93 20.91 -23.31
N ALA A 365 -8.18 19.70 -23.83
CA ALA A 365 -9.39 19.47 -24.60
C ALA A 365 -9.91 18.03 -24.58
N THR A 366 -9.08 17.05 -24.98
CA THR A 366 -9.62 15.71 -25.23
C THR A 366 -10.09 15.03 -23.96
N ASN A 367 -9.30 15.12 -22.88
CA ASN A 367 -9.67 14.43 -21.64
C ASN A 367 -11.00 14.96 -21.08
N ALA A 368 -11.16 16.29 -21.05
CA ALA A 368 -12.43 16.85 -20.58
C ALA A 368 -13.59 16.38 -21.42
N ALA A 369 -13.45 16.44 -22.75
CA ALA A 369 -14.51 15.90 -23.61
C ALA A 369 -14.82 14.45 -23.29
N ASP A 370 -13.78 13.63 -23.08
CA ASP A 370 -14.01 12.21 -22.78
C ASP A 370 -14.67 12.02 -21.43
N ILE A 371 -14.22 12.74 -20.39
CA ILE A 371 -14.80 12.59 -19.06
C ILE A 371 -16.27 12.98 -19.04
N PHE A 372 -16.64 14.06 -19.72
CA PHE A 372 -18.03 14.51 -19.65
C PHE A 372 -18.86 14.06 -20.84
N GLY A 373 -18.35 13.13 -21.64
CA GLY A 373 -19.11 12.56 -22.74
C GLY A 373 -19.50 13.52 -23.86
N LEU A 374 -18.60 14.45 -24.22
CA LEU A 374 -18.87 15.39 -25.32
C LEU A 374 -18.40 14.73 -26.61
N GLN A 375 -19.25 13.93 -27.22
CA GLN A 375 -18.86 13.08 -28.38
C GLN A 375 -18.24 13.85 -29.56
N GLN A 376 -18.69 15.07 -29.81
CA GLN A 376 -18.24 15.80 -30.98
C GLN A 376 -17.02 16.68 -30.72
N LYS A 377 -16.53 16.75 -29.49
CA LYS A 377 -15.59 17.77 -29.08
C LYS A 377 -14.25 17.16 -28.66
N GLY A 378 -13.23 18.01 -28.66
CA GLY A 378 -11.98 17.74 -27.98
C GLY A 378 -10.89 17.06 -28.79
N ARG A 379 -11.15 16.71 -30.05
CA ARG A 379 -10.14 15.98 -30.82
C ARG A 379 -10.29 16.23 -32.32
N ILE A 380 -9.15 16.29 -33.00
CA ILE A 380 -9.12 16.51 -34.45
C ILE A 380 -9.15 15.12 -35.08
N ALA A 381 -10.36 14.67 -35.41
CA ALA A 381 -10.57 13.32 -35.91
C ALA A 381 -11.76 13.35 -36.84
N PRO A 382 -11.80 12.47 -37.84
CA PRO A 382 -12.90 12.53 -38.82
C PRO A 382 -14.25 12.40 -38.12
N GLY A 383 -15.19 13.26 -38.51
CA GLY A 383 -16.53 13.20 -38.00
C GLY A 383 -16.76 14.01 -36.73
N LYS A 384 -15.72 14.54 -36.12
CA LYS A 384 -15.84 15.42 -34.96
C LYS A 384 -16.11 16.86 -35.43
N ASP A 385 -16.49 17.73 -34.50
CA ASP A 385 -16.76 19.12 -34.84
C ASP A 385 -15.47 19.80 -35.28
N ALA A 386 -15.60 20.68 -36.26
CA ALA A 386 -14.45 21.41 -36.79
C ALA A 386 -14.13 22.60 -35.88
N ASP A 387 -13.62 22.26 -34.70
CA ASP A 387 -13.32 23.23 -33.63
C ASP A 387 -11.81 23.28 -33.47
N PHE A 388 -11.20 24.43 -33.76
CA PHE A 388 -9.75 24.52 -33.68
C PHE A 388 -9.34 25.84 -33.09
N VAL A 389 -8.11 25.86 -32.60
CA VAL A 389 -7.41 27.10 -32.33
C VAL A 389 -6.04 27.02 -32.99
N PHE A 390 -5.66 28.07 -33.71
CA PHE A 390 -4.34 28.19 -34.31
C PHE A 390 -3.46 28.94 -33.33
N ILE A 391 -2.32 28.35 -33.00
CA ILE A 391 -1.40 28.95 -32.04
C ILE A 391 -0.10 29.25 -32.74
N GLN A 392 0.42 30.46 -32.53
CA GLN A 392 1.70 30.84 -33.09
C GLN A 392 2.78 30.71 -32.03
N PRO A 393 3.73 29.78 -32.18
CA PRO A 393 4.79 29.63 -31.17
C PRO A 393 5.83 30.73 -31.28
N ASN A 394 6.60 30.86 -30.20
CA ASN A 394 7.76 31.75 -30.20
C ASN A 394 7.40 33.13 -30.72
N SER A 395 6.28 33.65 -30.22
CA SER A 395 5.78 34.96 -30.62
C SER A 395 5.11 35.56 -29.40
N SER A 396 5.72 36.58 -28.83
CA SER A 396 5.34 37.06 -27.52
C SER A 396 4.60 38.39 -27.59
N TYR A 397 4.05 38.76 -26.45
CA TYR A 397 3.25 39.97 -26.30
C TYR A 397 3.07 40.19 -24.82
N VAL A 398 2.83 41.44 -24.45
CA VAL A 398 2.64 41.85 -23.07
C VAL A 398 1.15 42.13 -22.89
N LEU A 399 0.52 41.40 -21.97
CA LEU A 399 -0.92 41.48 -21.81
C LEU A 399 -1.33 42.80 -21.15
N THR A 400 -2.26 43.51 -21.77
CA THR A 400 -2.79 44.75 -21.24
C THR A 400 -4.27 44.62 -20.88
N ASN A 401 -4.75 45.56 -20.06
CA ASN A 401 -6.16 45.57 -19.72
C ASN A 401 -7.01 45.62 -20.96
N ASP A 402 -6.62 46.44 -21.94
CA ASP A 402 -7.44 46.64 -23.12
C ASP A 402 -7.58 45.37 -23.94
N ASP A 403 -6.57 44.48 -23.92
CA ASP A 403 -6.70 43.21 -24.61
C ASP A 403 -7.86 42.40 -24.09
N LEU A 404 -8.22 42.59 -22.83
CA LEU A 404 -9.14 41.67 -22.19
C LEU A 404 -10.54 41.91 -22.72
N GLU A 405 -11.25 40.82 -23.00
CA GLU A 405 -12.64 40.94 -23.41
C GLU A 405 -13.62 40.65 -22.28
N TYR A 406 -13.14 40.39 -21.06
CA TYR A 406 -14.06 40.21 -19.93
C TYR A 406 -14.92 41.45 -19.75
N ARG A 407 -16.08 41.27 -19.12
CA ARG A 407 -16.85 42.45 -18.71
C ARG A 407 -15.99 43.41 -17.88
N HIS A 408 -15.25 42.87 -16.91
CA HIS A 408 -14.35 43.69 -16.09
C HIS A 408 -12.92 43.38 -16.50
N LYS A 409 -12.25 44.40 -17.04
CA LYS A 409 -11.02 44.22 -17.79
C LYS A 409 -9.82 44.23 -16.86
N VAL A 410 -9.80 43.25 -15.96
CA VAL A 410 -8.73 43.06 -14.98
C VAL A 410 -8.36 41.59 -14.97
N SER A 411 -7.12 41.29 -14.60
CA SER A 411 -6.63 39.92 -14.50
C SER A 411 -5.26 39.94 -13.85
N PRO A 412 -4.90 38.92 -13.05
CA PRO A 412 -3.54 38.90 -12.47
C PRO A 412 -2.45 38.73 -13.52
N TYR A 413 -2.79 38.32 -14.75
CA TYR A 413 -1.79 38.13 -15.78
C TYR A 413 -1.43 39.43 -16.51
N VAL A 414 -2.13 40.52 -16.26
CA VAL A 414 -1.80 41.78 -16.92
C VAL A 414 -0.35 42.16 -16.65
N GLY A 415 0.31 42.71 -17.65
CA GLY A 415 1.72 43.03 -17.51
C GLY A 415 2.63 41.86 -17.68
N ARG A 416 2.09 40.66 -17.92
CA ARG A 416 2.89 39.47 -18.13
C ARG A 416 3.34 39.37 -19.59
N THR A 417 4.57 38.89 -19.78
CA THR A 417 5.07 38.55 -21.10
C THR A 417 4.73 37.09 -21.41
N ILE A 418 3.92 36.88 -22.45
CA ILE A 418 3.44 35.56 -22.84
C ILE A 418 4.04 35.21 -24.20
N GLY A 419 4.66 34.03 -24.29
CA GLY A 419 5.51 33.67 -25.42
C GLY A 419 4.86 32.97 -26.59
N ALA A 420 3.53 32.87 -26.62
CA ALA A 420 2.82 32.37 -27.79
C ALA A 420 1.51 33.13 -27.89
N ARG A 421 0.88 33.06 -29.07
CA ARG A 421 -0.31 33.85 -29.33
C ARG A 421 -1.38 33.02 -30.01
N ILE A 422 -2.63 33.25 -29.60
CA ILE A 422 -3.79 32.74 -30.30
C ILE A 422 -4.00 33.62 -31.54
N THR A 423 -3.90 33.02 -32.73
CA THR A 423 -4.13 33.80 -33.95
C THR A 423 -5.52 33.60 -34.52
N LYS A 424 -6.20 32.50 -34.20
CA LYS A 424 -7.47 32.20 -34.84
C LYS A 424 -8.20 31.13 -34.02
N THR A 425 -9.51 31.29 -33.89
CA THR A 425 -10.35 30.29 -33.25
C THR A 425 -11.50 29.98 -34.20
N ILE A 426 -11.68 28.70 -34.48
CA ILE A 426 -12.68 28.20 -35.41
C ILE A 426 -13.66 27.31 -34.65
N LEU A 427 -14.94 27.59 -34.79
CA LEU A 427 -16.00 26.83 -34.14
C LEU A 427 -16.93 26.27 -35.20
N ARG A 428 -17.11 24.96 -35.18
CA ARG A 428 -17.87 24.24 -36.19
C ARG A 428 -17.66 24.87 -37.58
N GLY A 429 -16.39 25.04 -37.96
CA GLY A 429 -16.02 25.37 -39.32
C GLY A 429 -16.03 26.85 -39.68
N ASP A 430 -16.34 27.75 -38.73
CA ASP A 430 -16.33 29.18 -38.96
C ASP A 430 -15.34 29.87 -38.03
N VAL A 431 -14.60 30.85 -38.58
CA VAL A 431 -13.78 31.71 -37.74
C VAL A 431 -14.68 32.52 -36.83
N ILE A 432 -14.52 32.34 -35.51
CA ILE A 432 -15.24 33.17 -34.54
C ILE A 432 -14.31 34.21 -33.90
N TYR A 433 -13.00 33.99 -33.93
CA TYR A 433 -12.07 35.01 -33.48
C TYR A 433 -10.84 34.95 -34.35
N ASP A 434 -10.29 36.13 -34.67
CA ASP A 434 -9.08 36.25 -35.47
C ASP A 434 -8.26 37.40 -34.93
N ILE A 435 -6.96 37.17 -34.71
CA ILE A 435 -6.11 38.19 -34.09
C ILE A 435 -6.11 39.46 -34.93
N GLU A 436 -6.26 39.34 -36.25
CA GLU A 436 -6.30 40.53 -37.09
C GLU A 436 -7.72 41.07 -37.29
N GLN A 437 -8.73 40.20 -37.43
CA GLN A 437 -10.08 40.71 -37.69
C GLN A 437 -10.89 40.99 -36.43
N GLY A 438 -10.48 40.48 -35.26
CA GLY A 438 -11.35 40.56 -34.09
C GLY A 438 -12.39 39.46 -34.15
N PHE A 439 -13.65 39.81 -33.93
CA PHE A 439 -14.77 38.86 -33.97
C PHE A 439 -15.56 39.08 -35.24
N PRO A 440 -15.39 38.25 -36.28
CA PRO A 440 -15.96 38.58 -37.60
C PRO A 440 -17.40 38.13 -37.82
N VAL A 441 -17.93 37.18 -37.06
CA VAL A 441 -19.29 36.73 -37.30
C VAL A 441 -20.11 36.92 -36.05
N ALA A 442 -21.43 36.90 -36.24
CA ALA A 442 -22.34 36.97 -35.13
C ALA A 442 -22.10 35.76 -34.22
N PRO A 443 -22.48 35.85 -32.95
CA PRO A 443 -22.29 34.69 -32.06
C PRO A 443 -23.08 33.50 -32.56
N LYS A 444 -22.38 32.39 -32.79
CA LYS A 444 -23.02 31.19 -33.35
C LYS A 444 -23.00 30.01 -32.39
N GLY A 445 -22.53 30.21 -31.16
CA GLY A 445 -22.48 29.12 -30.20
C GLY A 445 -23.86 28.58 -29.86
N GLN A 446 -23.84 27.33 -29.41
CA GLN A 446 -25.02 26.57 -29.02
C GLN A 446 -24.75 25.84 -27.72
N PHE A 447 -25.82 25.55 -26.99
CA PHE A 447 -25.75 24.63 -25.86
C PHE A 447 -25.65 23.18 -26.35
N ILE A 448 -24.91 22.37 -25.60
CA ILE A 448 -24.75 20.94 -25.85
C ILE A 448 -25.43 20.20 -24.71
N LEU A 449 -26.38 19.35 -25.03
CA LEU A 449 -27.13 18.60 -24.04
C LEU A 449 -26.83 17.11 -24.21
N LYS A 450 -26.71 16.42 -23.08
CA LYS A 450 -26.10 15.09 -23.02
C LYS A 450 -26.77 14.08 -23.98
N HIS A 451 -28.10 14.05 -24.01
CA HIS A 451 -28.83 13.02 -24.79
C HIS A 451 -29.16 13.48 -26.22
N GLN A 452 -28.74 14.68 -26.59
CA GLN A 452 -29.10 15.23 -27.92
C GLN A 452 -27.82 15.54 -28.70
N GLN A 453 -26.79 14.72 -28.53
CA GLN A 453 -25.49 14.96 -29.21
C GLN A 453 -25.47 14.34 -30.62
N SER B 2 6.77 -7.92 58.32
CA SER B 2 6.72 -8.91 57.25
C SER B 2 5.62 -8.55 56.24
N PHE B 3 5.20 -9.53 55.44
CA PHE B 3 4.17 -9.33 54.44
C PHE B 3 2.80 -9.22 55.10
N ASP B 4 1.96 -8.31 54.60
CA ASP B 4 0.60 -8.19 55.13
C ASP B 4 -0.27 -9.37 54.69
N LEU B 5 -0.07 -9.85 53.47
CA LEU B 5 -0.96 -10.85 52.87
C LEU B 5 -0.19 -11.63 51.83
N ILE B 6 -0.46 -12.92 51.76
CA ILE B 6 0.04 -13.76 50.67
C ILE B 6 -1.15 -14.48 50.05
N ILE B 7 -1.25 -14.41 48.73
CA ILE B 7 -2.22 -15.14 47.94
C ILE B 7 -1.51 -16.35 47.38
N LYS B 8 -1.95 -17.55 47.77
CA LYS B 8 -1.21 -18.75 47.42
C LYS B 8 -2.00 -19.63 46.45
N ASN B 9 -1.25 -20.39 45.64
CA ASN B 9 -1.81 -21.47 44.78
C ASN B 9 -2.75 -21.01 43.66
N GLY B 10 -2.79 -19.73 43.35
CA GLY B 10 -3.61 -19.31 42.21
C GLY B 10 -2.90 -19.41 40.88
N THR B 11 -3.65 -19.47 39.80
CA THR B 11 -3.03 -19.40 38.46
C THR B 11 -2.90 -17.91 38.17
N VAL B 12 -1.72 -17.37 38.38
CA VAL B 12 -1.55 -15.89 38.27
C VAL B 12 -1.27 -15.48 36.83
N ILE B 13 -1.95 -14.45 36.38
CA ILE B 13 -1.70 -13.90 35.02
C ILE B 13 -0.53 -12.93 35.13
N LEU B 14 0.64 -13.38 34.69
CA LEU B 14 1.78 -12.49 34.71
C LEU B 14 1.89 -11.85 33.32
N GLU B 15 2.87 -10.97 33.11
CA GLU B 15 2.91 -10.29 31.82
C GLU B 15 3.18 -11.28 30.69
N ASN B 16 4.05 -12.24 30.94
CA ASN B 16 4.55 -13.13 29.90
C ASN B 16 3.71 -14.41 29.80
N GLU B 17 3.25 -14.92 30.93
CA GLU B 17 2.58 -16.22 31.00
C GLU B 17 1.71 -16.24 32.24
N ALA B 18 0.81 -17.23 32.31
CA ALA B 18 0.10 -17.56 33.53
C ALA B 18 0.77 -18.78 34.17
N ARG B 19 0.86 -18.77 35.50
CA ARG B 19 1.48 -19.89 36.19
C ARG B 19 1.09 -19.85 37.66
N VAL B 20 1.27 -20.99 38.32
CA VAL B 20 0.91 -21.09 39.73
C VAL B 20 2.06 -20.51 40.54
N VAL B 21 1.83 -19.35 41.17
CA VAL B 21 2.81 -18.68 42.00
C VAL B 21 2.04 -17.95 43.09
N ASP B 22 2.74 -17.67 44.19
CA ASP B 22 2.20 -16.91 45.30
C ASP B 22 2.49 -15.43 45.10
N ILE B 23 1.59 -14.59 45.60
CA ILE B 23 1.75 -13.13 45.57
C ILE B 23 1.75 -12.63 47.00
N ALA B 24 2.81 -11.93 47.38
CA ALA B 24 2.92 -11.26 48.67
C ALA B 24 2.59 -9.79 48.50
N VAL B 25 1.87 -9.24 49.46
CA VAL B 25 1.39 -7.87 49.43
C VAL B 25 1.83 -7.15 50.69
N LYS B 26 2.26 -5.90 50.55
CA LYS B 26 2.58 -5.04 51.68
C LYS B 26 2.08 -3.64 51.37
N GLY B 27 1.30 -3.07 52.27
CA GLY B 27 0.80 -1.71 52.11
C GLY B 27 0.11 -1.39 50.79
N GLY B 28 -0.84 -2.22 50.37
CA GLY B 28 -1.57 -1.96 49.11
C GLY B 28 -0.73 -2.19 47.86
N LYS B 29 0.52 -2.62 48.04
CA LYS B 29 1.45 -2.83 46.91
C LYS B 29 1.92 -4.28 46.80
N ILE B 30 2.15 -4.75 45.59
CA ILE B 30 2.69 -6.12 45.36
C ILE B 30 4.16 -6.12 45.83
N ALA B 31 4.41 -6.85 46.90
CA ALA B 31 5.75 -6.84 47.48
C ALA B 31 6.64 -7.90 46.85
N ALA B 32 6.07 -9.03 46.43
CA ALA B 32 6.87 -10.11 45.88
C ALA B 32 5.95 -11.07 45.14
N ILE B 33 6.55 -11.77 44.18
CA ILE B 33 5.92 -12.83 43.40
C ILE B 33 6.89 -13.99 43.31
N GLY B 34 6.39 -15.22 43.53
CA GLY B 34 7.23 -16.39 43.46
C GLY B 34 6.74 -17.48 44.42
N GLN B 35 7.67 -18.33 44.85
CA GLN B 35 7.40 -19.45 45.75
C GLN B 35 8.10 -19.28 47.09
N ASP B 36 7.64 -20.06 48.08
CA ASP B 36 8.16 -20.02 49.45
C ASP B 36 8.33 -18.58 49.93
N LEU B 37 7.27 -17.80 49.82
CA LEU B 37 7.36 -16.39 50.19
C LEU B 37 7.36 -16.19 51.71
N GLY B 38 6.92 -17.18 52.48
CA GLY B 38 7.09 -17.13 53.91
C GLY B 38 5.85 -16.81 54.72
N ASP B 39 6.01 -16.00 55.75
CA ASP B 39 4.95 -15.70 56.70
C ASP B 39 4.21 -14.43 56.29
N ALA B 40 2.96 -14.35 56.71
CA ALA B 40 2.14 -13.16 56.48
C ALA B 40 1.02 -13.14 57.51
N LYS B 41 0.55 -11.93 57.81
CA LYS B 41 -0.56 -11.78 58.75
C LYS B 41 -1.82 -12.46 58.24
N GLU B 42 -2.05 -12.42 56.93
CA GLU B 42 -3.22 -13.05 56.33
C GLU B 42 -2.81 -13.83 55.09
N VAL B 43 -3.46 -14.97 54.88
CA VAL B 43 -3.19 -15.85 53.77
C VAL B 43 -4.50 -16.15 53.07
N MET B 44 -4.53 -16.00 51.74
CA MET B 44 -5.67 -16.39 50.94
C MET B 44 -5.33 -17.63 50.13
N ASP B 45 -6.27 -18.56 50.02
CA ASP B 45 -6.10 -19.72 49.15
C ASP B 45 -6.84 -19.47 47.84
N ALA B 46 -6.09 -19.29 46.76
CA ALA B 46 -6.63 -19.10 45.42
C ALA B 46 -6.56 -20.37 44.56
N SER B 47 -6.39 -21.55 45.17
CA SER B 47 -6.33 -22.81 44.42
C SER B 47 -7.51 -22.97 43.47
N GLY B 48 -7.24 -23.44 42.26
CA GLY B 48 -8.30 -23.62 41.27
C GLY B 48 -8.94 -22.34 40.76
N LEU B 49 -8.30 -21.20 40.96
CA LEU B 49 -8.79 -19.91 40.50
C LEU B 49 -7.74 -19.24 39.63
N VAL B 50 -8.22 -18.31 38.81
CA VAL B 50 -7.29 -17.47 38.04
C VAL B 50 -7.18 -16.15 38.80
N VAL B 51 -5.95 -15.72 39.06
CA VAL B 51 -5.73 -14.41 39.73
C VAL B 51 -5.32 -13.41 38.65
N SER B 52 -6.27 -12.59 38.24
CA SER B 52 -6.00 -11.59 37.18
C SER B 52 -5.75 -10.22 37.76
N PRO B 53 -4.98 -9.37 37.07
CA PRO B 53 -4.87 -7.99 37.44
C PRO B 53 -6.34 -7.51 37.39
N GLY B 54 -6.72 -6.59 38.27
CA GLY B 54 -8.06 -6.01 38.19
C GLY B 54 -8.26 -5.31 36.86
N MET B 55 -9.47 -5.39 36.34
CA MET B 55 -9.76 -4.75 35.05
C MET B 55 -9.61 -3.24 35.13
N VAL B 56 -8.97 -2.66 34.12
CA VAL B 56 -8.86 -1.21 34.00
C VAL B 56 -9.85 -0.81 32.92
N ASP B 57 -10.98 -0.24 33.32
CA ASP B 57 -12.05 0.05 32.38
C ASP B 57 -11.89 1.50 31.93
N ALA B 58 -11.39 1.68 30.70
CA ALA B 58 -11.05 2.98 30.17
C ALA B 58 -12.27 3.77 29.68
N HIS B 59 -13.50 3.32 29.96
CA HIS B 59 -14.61 3.99 29.30
C HIS B 59 -15.91 3.76 30.06
N THR B 60 -16.08 4.50 31.15
CA THR B 60 -17.15 4.31 32.12
C THR B 60 -17.92 5.61 32.22
N HIS B 61 -19.23 5.55 32.09
CA HIS B 61 -20.08 6.69 32.40
C HIS B 61 -20.69 6.51 33.78
N ILE B 62 -20.43 7.46 34.67
CA ILE B 62 -21.05 7.50 36.02
C ILE B 62 -22.14 8.60 36.03
N SER B 63 -21.81 9.80 35.56
CA SER B 63 -22.78 10.91 35.40
C SER B 63 -23.31 11.48 36.73
N GLU B 64 -22.50 11.53 37.79
CA GLU B 64 -23.07 11.88 39.12
C GLU B 64 -23.72 13.22 39.50
N PRO B 65 -23.04 14.39 39.52
CA PRO B 65 -23.78 15.65 39.69
C PRO B 65 -24.68 15.83 38.47
N GLY B 66 -25.96 16.18 38.66
CA GLY B 66 -26.82 16.49 37.50
C GLY B 66 -27.61 15.30 37.03
N ARG B 67 -26.93 14.19 36.78
CA ARG B 67 -27.63 13.02 36.24
C ARG B 67 -27.29 11.81 37.11
N SER B 68 -27.09 12.02 38.41
CA SER B 68 -26.76 10.91 39.36
C SER B 68 -27.88 9.87 39.35
N HIS B 69 -29.10 10.30 39.07
CA HIS B 69 -30.17 9.34 39.12
C HIS B 69 -30.06 8.31 38.01
N TRP B 70 -29.13 8.51 37.07
CA TRP B 70 -28.82 7.54 36.01
C TRP B 70 -27.97 6.39 36.54
N GLU B 71 -26.99 6.70 37.39
CA GLU B 71 -26.11 5.70 37.99
C GLU B 71 -25.52 6.25 39.28
N GLY B 72 -24.50 7.12 39.17
CA GLY B 72 -23.90 7.72 40.34
C GLY B 72 -22.76 6.87 40.90
N TYR B 73 -21.93 7.51 41.74
CA TYR B 73 -20.69 6.86 42.20
C TYR B 73 -20.97 5.67 43.13
N GLU B 74 -22.00 5.76 43.96
CA GLU B 74 -22.26 4.73 44.96
C GLU B 74 -22.55 3.40 44.29
N THR B 75 -23.60 3.37 43.46
CA THR B 75 -23.98 2.13 42.80
C THR B 75 -22.97 1.78 41.71
N GLY B 76 -22.54 2.75 40.91
CA GLY B 76 -21.67 2.45 39.78
C GLY B 76 -20.38 1.76 40.18
N THR B 77 -19.70 2.27 41.21
CA THR B 77 -18.43 1.64 41.57
C THR B 77 -18.61 0.34 42.35
N ARG B 78 -19.76 0.10 42.97
CA ARG B 78 -20.02 -1.22 43.54
C ARG B 78 -20.23 -2.24 42.45
N ALA B 79 -21.05 -1.91 41.45
CA ALA B 79 -21.15 -2.76 40.26
C ALA B 79 -19.78 -3.05 39.65
N ALA B 80 -18.92 -2.03 39.57
CA ALA B 80 -17.61 -2.24 38.98
C ALA B 80 -16.79 -3.25 39.80
N ALA B 81 -16.77 -3.07 41.14
CA ALA B 81 -15.98 -3.98 41.97
C ALA B 81 -16.55 -5.40 41.91
N LYS B 82 -17.88 -5.53 41.89
CA LYS B 82 -18.47 -6.85 41.70
C LYS B 82 -18.19 -7.40 40.30
N GLY B 83 -17.97 -6.53 39.31
CA GLY B 83 -17.59 -7.05 38.02
C GLY B 83 -16.10 -7.29 37.85
N GLY B 84 -15.33 -7.17 38.93
CA GLY B 84 -13.90 -7.40 38.80
C GLY B 84 -13.11 -6.26 38.20
N ILE B 85 -13.65 -5.04 38.21
CA ILE B 85 -12.93 -3.85 37.76
C ILE B 85 -12.39 -3.13 38.99
N THR B 86 -11.10 -2.80 38.97
CA THR B 86 -10.49 -2.13 40.11
C THR B 86 -10.09 -0.69 39.82
N THR B 87 -9.97 -0.32 38.54
CA THR B 87 -9.74 1.05 38.12
C THR B 87 -10.66 1.38 36.95
N MET B 88 -11.46 2.42 37.11
CA MET B 88 -12.21 2.96 36.00
C MET B 88 -11.52 4.25 35.55
N ILE B 89 -11.73 4.58 34.27
CA ILE B 89 -11.31 5.85 33.71
C ILE B 89 -12.59 6.54 33.27
N GLU B 90 -12.99 7.56 34.00
CA GLU B 90 -14.36 8.06 33.98
C GLU B 90 -14.54 9.11 32.88
N MET B 91 -15.57 8.91 32.06
CA MET B 91 -15.91 9.86 31.01
C MET B 91 -16.48 11.16 31.58
N PRO B 92 -16.32 12.30 30.87
CA PRO B 92 -16.78 13.61 31.36
C PRO B 92 -18.23 13.96 31.03
N LEU B 93 -19.03 13.00 30.52
CA LEU B 93 -20.40 13.36 30.05
C LEU B 93 -21.56 12.70 30.78
N ASN B 94 -22.74 13.30 30.60
CA ASN B 94 -23.97 12.89 31.30
C ASN B 94 -23.94 13.64 32.64
N GLN B 95 -22.78 13.70 33.31
CA GLN B 95 -22.77 14.51 34.53
C GLN B 95 -23.00 15.96 34.14
N LEU B 96 -23.56 16.73 35.07
CA LEU B 96 -23.83 18.14 34.85
C LEU B 96 -23.39 18.86 36.12
N PRO B 97 -22.44 19.80 36.04
CA PRO B 97 -21.78 20.27 34.81
C PRO B 97 -20.89 19.19 34.18
N ALA B 98 -20.80 19.15 32.85
CA ALA B 98 -19.83 18.24 32.24
C ALA B 98 -18.43 18.61 32.69
N THR B 99 -17.53 17.63 32.68
CA THR B 99 -16.21 17.80 33.30
C THR B 99 -15.24 18.44 32.32
N VAL B 100 -15.17 19.78 32.33
CA VAL B 100 -14.50 20.51 31.26
C VAL B 100 -13.48 21.54 31.75
N ASP B 101 -13.42 21.77 33.06
CA ASP B 101 -12.46 22.73 33.61
C ASP B 101 -12.29 22.46 35.10
N ARG B 102 -11.49 23.30 35.77
CA ARG B 102 -11.19 23.05 37.17
C ARG B 102 -12.45 23.09 38.02
N ALA B 103 -13.29 24.12 37.83
CA ALA B 103 -14.48 24.26 38.65
C ALA B 103 -15.39 23.05 38.52
N SER B 104 -15.65 22.61 37.28
CA SER B 104 -16.59 21.51 37.11
C SER B 104 -16.05 20.21 37.71
N ILE B 105 -14.75 19.98 37.66
CA ILE B 105 -14.22 18.73 38.19
C ILE B 105 -14.13 18.78 39.70
N GLU B 106 -13.81 19.95 40.25
CA GLU B 106 -13.81 20.12 41.70
C GLU B 106 -15.21 19.93 42.27
N LEU B 107 -16.23 20.47 41.59
CA LEU B 107 -17.60 20.13 41.93
C LEU B 107 -17.77 18.63 42.07
N LYS B 108 -17.41 17.89 41.01
CA LYS B 108 -17.56 16.44 41.00
C LYS B 108 -16.79 15.79 42.15
N PHE B 109 -15.53 16.18 42.33
CA PHE B 109 -14.72 15.64 43.42
C PHE B 109 -15.47 15.71 44.75
N ASP B 110 -16.10 16.86 45.01
CA ASP B 110 -16.84 16.98 46.27
C ASP B 110 -18.03 16.04 46.32
N ALA B 111 -18.75 15.91 45.21
CA ALA B 111 -19.93 15.05 45.18
C ALA B 111 -19.57 13.60 45.49
N ALA B 112 -18.37 13.16 45.15
CA ALA B 112 -18.01 11.75 45.21
C ALA B 112 -17.39 11.32 46.53
N LYS B 113 -17.19 12.23 47.48
CA LYS B 113 -16.44 11.88 48.69
C LYS B 113 -17.11 10.73 49.43
N GLY B 114 -16.33 9.73 49.79
CA GLY B 114 -16.86 8.59 50.50
C GLY B 114 -17.69 7.62 49.69
N LYS B 115 -17.83 7.82 48.38
CA LYS B 115 -18.67 6.95 47.58
C LYS B 115 -17.90 6.05 46.63
N LEU B 116 -16.57 6.24 46.51
CA LEU B 116 -15.78 5.51 45.53
C LEU B 116 -15.43 4.12 46.06
N THR B 117 -16.04 3.09 45.51
CA THR B 117 -15.65 1.75 45.92
C THR B 117 -14.40 1.27 45.19
N ILE B 118 -14.10 1.83 44.01
CA ILE B 118 -12.90 1.48 43.26
C ILE B 118 -12.12 2.76 42.96
N ASP B 119 -10.94 2.62 42.39
CA ASP B 119 -10.10 3.76 42.02
C ASP B 119 -10.54 4.32 40.66
N ALA B 120 -10.34 5.62 40.46
CA ALA B 120 -10.90 6.30 39.29
C ALA B 120 -9.92 7.32 38.73
N ALA B 121 -9.33 7.04 37.57
CA ALA B 121 -8.70 8.09 36.78
C ALA B 121 -9.78 8.87 36.05
N GLN B 122 -9.42 10.04 35.50
CA GLN B 122 -10.43 10.98 35.04
C GLN B 122 -10.15 11.44 33.62
N LEU B 123 -11.20 11.63 32.85
CA LEU B 123 -11.12 12.15 31.50
C LEU B 123 -11.74 13.54 31.45
N GLY B 124 -11.04 14.49 30.84
CA GLY B 124 -11.67 15.74 30.52
C GLY B 124 -12.50 15.65 29.26
N GLY B 125 -13.41 16.62 29.10
CA GLY B 125 -14.15 16.78 27.86
C GLY B 125 -13.54 17.89 27.01
N LEU B 126 -13.27 17.56 25.76
CA LEU B 126 -12.96 18.60 24.78
C LEU B 126 -14.29 19.01 24.15
N VAL B 127 -14.76 20.21 24.47
CA VAL B 127 -16.06 20.62 23.98
C VAL B 127 -15.93 21.95 23.24
N SER B 128 -17.04 22.47 22.73
CA SER B 128 -16.97 23.69 21.93
C SER B 128 -16.61 24.92 22.76
N TYR B 129 -16.94 24.94 24.06
CA TYR B 129 -16.79 26.15 24.86
C TYR B 129 -15.62 26.12 25.84
N ASN B 130 -14.65 25.20 25.66
CA ASN B 130 -13.51 25.17 26.56
C ASN B 130 -12.18 25.03 25.82
N ILE B 131 -12.17 25.19 24.49
CA ILE B 131 -10.94 25.03 23.71
C ILE B 131 -9.78 25.80 24.30
N ASP B 132 -10.06 26.95 24.93
CA ASP B 132 -9.02 27.85 25.44
C ASP B 132 -8.59 27.56 26.88
N ARG B 133 -9.27 26.64 27.57
CA ARG B 133 -8.98 26.33 28.97
C ARG B 133 -8.65 24.86 29.18
N LEU B 134 -8.25 24.17 28.11
CA LEU B 134 -7.83 22.78 28.22
C LEU B 134 -6.71 22.60 29.25
N HIS B 135 -5.88 23.64 29.42
CA HIS B 135 -4.77 23.55 30.37
C HIS B 135 -5.27 23.37 31.79
N GLU B 136 -6.48 23.83 32.11
CA GLU B 136 -6.99 23.67 33.48
C GLU B 136 -7.08 22.20 33.88
N LEU B 137 -7.77 21.39 33.07
CA LEU B 137 -7.89 19.98 33.43
C LEU B 137 -6.56 19.24 33.25
N ASP B 138 -5.70 19.72 32.34
CA ASP B 138 -4.37 19.13 32.30
C ASP B 138 -3.65 19.33 33.63
N GLU B 139 -3.81 20.50 34.26
CA GLU B 139 -3.19 20.77 35.56
C GLU B 139 -3.79 19.89 36.65
N VAL B 140 -5.12 19.78 36.71
CA VAL B 140 -5.71 18.91 37.72
C VAL B 140 -5.18 17.49 37.56
N GLY B 141 -5.03 17.02 36.33
CA GLY B 141 -4.47 15.71 36.09
C GLY B 141 -5.40 14.68 35.45
N VAL B 142 -6.25 15.09 34.49
CA VAL B 142 -6.91 14.10 33.67
C VAL B 142 -5.86 13.37 32.84
N VAL B 143 -6.19 12.15 32.41
CA VAL B 143 -5.28 11.36 31.57
C VAL B 143 -5.68 11.41 30.11
N GLY B 144 -6.70 12.18 29.77
CA GLY B 144 -7.05 12.37 28.38
C GLY B 144 -8.30 13.22 28.32
N PHE B 145 -8.70 13.55 27.09
CA PHE B 145 -9.87 14.39 26.82
C PHE B 145 -10.75 13.69 25.82
N KCX B 146 -12.04 13.64 26.11
CA KCX B 146 -13.00 12.96 25.25
CB KCX B 146 -14.01 12.15 26.09
CG KCX B 146 -14.44 10.80 25.49
CD KCX B 146 -15.12 10.91 24.17
CE KCX B 146 -15.81 9.61 23.80
NZ KCX B 146 -16.93 9.30 24.77
C KCX B 146 -13.74 13.99 24.42
O KCX B 146 -14.10 15.05 24.96
CX KCX B 146 -17.94 8.47 24.47
OQ1 KCX B 146 -18.83 8.27 25.31
OQ2 KCX B 146 -18.01 7.91 23.35
N CYS B 147 -13.99 13.72 23.14
CA CYS B 147 -14.94 14.49 22.36
C CYS B 147 -15.80 13.62 21.42
N PHE B 148 -16.85 14.28 20.91
CA PHE B 148 -17.72 13.70 19.87
C PHE B 148 -17.57 14.64 18.66
N VAL B 149 -17.41 14.10 17.46
CA VAL B 149 -17.13 15.00 16.29
C VAL B 149 -18.37 15.19 15.41
N ALA B 150 -18.72 16.45 15.12
CA ALA B 150 -19.91 16.81 14.31
C ALA B 150 -20.72 15.57 13.91
N GLY B 156 -27.50 22.85 23.85
CA GLY B 156 -28.63 22.55 24.73
C GLY B 156 -28.46 23.16 26.11
N ILE B 157 -28.30 22.33 27.15
CA ILE B 157 -28.03 22.84 28.53
C ILE B 157 -26.65 23.48 28.52
N ASP B 158 -26.52 24.68 29.09
CA ASP B 158 -25.24 25.44 29.01
C ASP B 158 -24.09 24.69 29.66
N ASN B 159 -24.38 23.74 30.56
CA ASN B 159 -23.31 23.00 31.28
C ASN B 159 -23.21 21.57 30.75
N ASP B 160 -23.96 21.23 29.71
CA ASP B 160 -23.94 19.86 29.22
C ASP B 160 -22.73 19.62 28.31
N PHE B 161 -22.56 18.38 27.90
CA PHE B 161 -21.52 18.05 26.94
C PHE B 161 -21.97 18.49 25.55
N ARG B 162 -21.01 18.96 24.75
CA ARG B 162 -21.29 19.41 23.40
C ARG B 162 -20.23 18.83 22.47
N ASP B 163 -20.64 18.54 21.24
CA ASP B 163 -19.70 18.11 20.23
C ASP B 163 -18.85 19.29 19.75
N VAL B 164 -17.76 18.98 19.06
CA VAL B 164 -16.90 19.98 18.45
C VAL B 164 -16.99 19.82 16.93
N ASN B 165 -16.99 20.95 16.22
CA ASN B 165 -16.94 20.87 14.77
C ASN B 165 -15.49 20.58 14.36
N ASP B 166 -15.24 20.47 13.04
CA ASP B 166 -13.91 20.10 12.56
C ASP B 166 -12.84 21.07 13.06
N TRP B 167 -13.14 22.37 13.06
CA TRP B 167 -12.16 23.36 13.51
C TRP B 167 -11.89 23.22 15.01
N GLN B 168 -12.94 23.03 15.79
CA GLN B 168 -12.72 22.92 17.24
C GLN B 168 -11.95 21.64 17.57
N PHE B 169 -12.22 20.55 16.83
CA PHE B 169 -11.41 19.35 17.02
C PHE B 169 -9.94 19.61 16.70
N PHE B 170 -9.65 20.13 15.51
CA PHE B 170 -8.26 20.37 15.13
C PHE B 170 -7.55 21.27 16.14
N LYS B 171 -8.18 22.39 16.49
CA LYS B 171 -7.56 23.35 17.40
C LYS B 171 -7.39 22.74 18.79
N GLY B 172 -8.44 22.09 19.30
CA GLY B 172 -8.32 21.43 20.58
C GLY B 172 -7.24 20.37 20.58
N ALA B 173 -7.19 19.56 19.51
CA ALA B 173 -6.20 18.49 19.42
C ALA B 173 -4.79 19.07 19.34
N GLN B 174 -4.64 20.18 18.63
CA GLN B 174 -3.36 20.87 18.54
C GLN B 174 -2.88 21.30 19.93
N LYS B 175 -3.77 21.90 20.71
CA LYS B 175 -3.46 22.26 22.09
C LYS B 175 -3.12 21.02 22.92
N LEU B 176 -3.97 19.99 22.89
CA LEU B 176 -3.72 18.78 23.67
C LEU B 176 -2.39 18.14 23.30
N GLY B 177 -2.03 18.18 22.01
CA GLY B 177 -0.77 17.62 21.59
C GLY B 177 0.41 18.30 22.26
N GLU B 178 0.32 19.62 22.43
CA GLU B 178 1.34 20.37 23.16
C GLU B 178 1.37 19.99 24.64
N LEU B 179 0.21 19.74 25.24
CA LEU B 179 0.19 19.39 26.66
C LEU B 179 0.60 17.96 26.93
N GLY B 180 0.73 17.13 25.90
CA GLY B 180 1.00 15.72 26.10
C GLY B 180 -0.20 14.92 26.55
N GLN B 181 -1.41 15.27 26.09
CA GLN B 181 -2.66 14.61 26.43
C GLN B 181 -3.25 13.90 25.21
N PRO B 182 -3.72 12.67 25.33
CA PRO B 182 -4.40 12.04 24.20
C PRO B 182 -5.80 12.60 24.04
N VAL B 183 -6.31 12.52 22.82
CA VAL B 183 -7.69 12.84 22.53
C VAL B 183 -8.41 11.52 22.23
N LEU B 184 -9.58 11.36 22.82
CA LEU B 184 -10.43 10.19 22.65
C LEU B 184 -11.69 10.60 21.91
N VAL B 185 -12.15 9.80 20.96
CA VAL B 185 -13.18 10.23 20.02
C VAL B 185 -14.27 9.16 19.83
N HIS B 186 -15.52 9.57 19.95
CA HIS B 186 -16.62 8.74 19.50
C HIS B 186 -16.77 8.97 17.99
N CYS B 187 -16.46 7.94 17.20
CA CYS B 187 -16.26 8.11 15.76
C CYS B 187 -17.48 7.56 15.01
N GLU B 188 -18.47 8.42 14.80
CA GLU B 188 -19.49 8.16 13.81
C GLU B 188 -19.82 9.47 13.15
N ASN B 189 -20.13 9.41 11.85
CA ASN B 189 -20.68 10.57 11.18
C ASN B 189 -22.12 10.74 11.68
N ALA B 190 -22.30 11.62 12.67
CA ALA B 190 -23.59 11.74 13.35
C ALA B 190 -24.67 12.31 12.44
N LEU B 191 -24.29 13.22 11.54
CA LEU B 191 -25.25 13.77 10.60
C LEU B 191 -25.89 12.67 9.76
N ILE B 192 -25.07 11.81 9.15
CA ILE B 192 -25.61 10.75 8.31
C ILE B 192 -26.42 9.76 9.15
N CYS B 193 -25.94 9.43 10.36
CA CYS B 193 -26.68 8.54 11.25
C CYS B 193 -28.02 9.15 11.67
N ASP B 194 -28.03 10.45 11.99
CA ASP B 194 -29.28 11.10 12.37
C ASP B 194 -30.27 11.12 11.20
N GLU B 195 -29.82 11.55 10.02
CA GLU B 195 -30.72 11.65 8.87
C GLU B 195 -31.21 10.27 8.42
N LEU B 196 -30.34 9.26 8.44
CA LEU B 196 -30.82 7.91 8.14
C LEU B 196 -31.84 7.45 9.18
N GLY B 197 -31.66 7.87 10.44
CA GLY B 197 -32.61 7.50 11.47
C GLY B 197 -33.99 8.11 11.25
N GLU B 198 -34.02 9.44 11.01
CA GLU B 198 -35.30 10.09 10.69
C GLU B 198 -35.97 9.40 9.50
N GLU B 199 -35.19 9.10 8.48
CA GLU B 199 -35.72 8.39 7.32
C GLU B 199 -36.40 7.08 7.72
N ALA B 200 -35.72 6.27 8.54
CA ALA B 200 -36.32 5.02 9.01
C ALA B 200 -37.58 5.28 9.79
N LYS B 201 -37.55 6.29 10.68
CA LYS B 201 -38.73 6.64 11.45
C LYS B 201 -39.89 6.97 10.53
N ARG B 202 -39.67 7.87 9.57
CA ARG B 202 -40.74 8.29 8.67
C ARG B 202 -41.32 7.11 7.91
N GLU B 203 -40.52 6.09 7.64
CA GLU B 203 -41.03 4.92 6.94
C GLU B 203 -41.67 3.91 7.87
N GLY B 204 -41.72 4.20 9.17
CA GLY B 204 -42.16 3.22 10.14
C GLY B 204 -41.27 2.02 10.26
N ARG B 205 -39.99 2.15 9.92
CA ARG B 205 -39.05 1.03 10.00
C ARG B 205 -38.27 1.22 11.30
N VAL B 206 -38.63 0.46 12.33
CA VAL B 206 -38.10 0.74 13.67
C VAL B 206 -37.62 -0.51 14.40
N THR B 207 -37.30 -1.58 13.66
CA THR B 207 -36.75 -2.75 14.32
C THR B 207 -35.26 -2.56 14.59
N ALA B 208 -34.65 -3.53 15.29
CA ALA B 208 -33.22 -3.44 15.57
C ALA B 208 -32.42 -3.42 14.26
N HIS B 209 -32.81 -4.27 13.31
CA HIS B 209 -32.14 -4.31 12.01
C HIS B 209 -32.22 -2.96 11.29
N ASP B 210 -33.36 -2.28 11.40
CA ASP B 210 -33.49 -0.95 10.82
C ASP B 210 -32.56 0.04 11.51
N TYR B 211 -32.49 -0.02 12.83
CA TYR B 211 -31.61 0.90 13.54
C TYR B 211 -30.16 0.67 13.11
N VAL B 212 -29.73 -0.58 13.01
CA VAL B 212 -28.35 -0.82 12.59
C VAL B 212 -28.15 -0.38 11.15
N ALA B 213 -29.13 -0.64 10.27
CA ALA B 213 -29.03 -0.17 8.90
C ALA B 213 -28.92 1.34 8.84
N SER B 214 -29.45 2.06 9.85
CA SER B 214 -29.35 3.51 9.89
C SER B 214 -28.05 4.02 10.48
N ARG B 215 -27.14 3.13 10.87
CA ARG B 215 -25.80 3.50 11.29
C ARG B 215 -24.84 2.56 10.58
N PRO B 216 -24.78 2.64 9.25
CA PRO B 216 -23.99 1.67 8.50
C PRO B 216 -22.53 1.82 8.84
N VAL B 217 -21.77 0.78 8.49
CA VAL B 217 -20.34 0.75 8.73
C VAL B 217 -19.64 1.99 8.17
N PHE B 218 -20.03 2.44 6.97
CA PHE B 218 -19.29 3.57 6.38
C PHE B 218 -19.38 4.83 7.24
N THR B 219 -20.41 4.98 8.09
CA THR B 219 -20.43 6.16 8.94
C THR B 219 -19.37 6.09 10.01
N GLU B 220 -19.00 4.88 10.45
CA GLU B 220 -17.89 4.76 11.40
C GLU B 220 -16.55 4.91 10.70
N VAL B 221 -16.41 4.28 9.53
CA VAL B 221 -15.14 4.36 8.81
C VAL B 221 -14.85 5.81 8.43
N GLU B 222 -15.83 6.54 7.89
CA GLU B 222 -15.59 7.92 7.51
C GLU B 222 -15.12 8.74 8.71
N ALA B 223 -15.80 8.60 9.84
CA ALA B 223 -15.45 9.42 11.00
C ALA B 223 -14.06 9.06 11.48
N ILE B 224 -13.76 7.76 11.52
CA ILE B 224 -12.42 7.35 11.91
C ILE B 224 -11.38 7.92 10.96
N ARG B 225 -11.63 7.84 9.64
CA ARG B 225 -10.64 8.35 8.71
C ARG B 225 -10.44 9.84 8.87
N ARG B 226 -11.53 10.57 9.14
CA ARG B 226 -11.43 12.00 9.33
C ARG B 226 -10.64 12.33 10.59
N VAL B 227 -10.95 11.69 11.72
CA VAL B 227 -10.26 12.10 12.93
C VAL B 227 -8.80 11.60 12.93
N LEU B 228 -8.53 10.46 12.29
CA LEU B 228 -7.14 10.00 12.15
C LEU B 228 -6.28 11.05 11.45
N TYR B 229 -6.79 11.62 10.35
CA TYR B 229 -6.03 12.61 9.61
C TYR B 229 -5.93 13.93 10.36
N LEU B 230 -7.05 14.43 10.93
CA LEU B 230 -6.96 15.68 11.67
C LEU B 230 -6.04 15.55 12.88
N ALA B 231 -6.11 14.43 13.61
CA ALA B 231 -5.20 14.22 14.73
C ALA B 231 -3.74 14.17 14.27
N LYS B 232 -3.47 13.51 13.15
CA LYS B 232 -2.09 13.44 12.66
C LYS B 232 -1.57 14.83 12.33
N VAL B 233 -2.35 15.62 11.60
CA VAL B 233 -1.90 16.96 11.24
C VAL B 233 -1.81 17.85 12.48
N ALA B 234 -2.66 17.59 13.47
CA ALA B 234 -2.58 18.35 14.72
C ALA B 234 -1.43 17.90 15.63
N GLY B 235 -0.77 16.78 15.32
CA GLY B 235 0.26 16.26 16.20
C GLY B 235 -0.24 15.72 17.53
N CYS B 236 -1.44 15.14 17.58
CA CYS B 236 -2.06 14.73 18.82
C CYS B 236 -2.21 13.20 18.86
N ARG B 237 -1.88 12.62 20.00
CA ARG B 237 -2.10 11.19 20.17
C ARG B 237 -3.60 10.93 20.26
N LEU B 238 -4.05 9.87 19.57
CA LEU B 238 -5.46 9.59 19.38
C LEU B 238 -5.82 8.21 19.92
N HIS B 239 -7.03 8.12 20.50
CA HIS B 239 -7.61 6.86 20.95
C HIS B 239 -9.03 6.78 20.39
N VAL B 240 -9.28 5.77 19.58
CA VAL B 240 -10.56 5.63 18.92
C VAL B 240 -11.47 4.78 19.80
N CYS B 241 -12.57 5.37 20.26
CA CYS B 241 -13.44 4.70 21.20
C CYS B 241 -14.28 3.62 20.51
N HIS B 242 -14.74 2.68 21.32
CA HIS B 242 -15.60 1.55 20.99
C HIS B 242 -15.82 1.29 19.50
N VAL B 243 -14.97 0.46 18.92
CA VAL B 243 -15.04 0.18 17.50
C VAL B 243 -16.01 -0.98 17.29
N SER B 244 -16.95 -0.81 16.37
CA SER B 244 -18.02 -1.78 16.19
C SER B 244 -17.86 -2.65 14.94
N SER B 245 -16.92 -2.33 14.05
CA SER B 245 -16.74 -3.09 12.82
C SER B 245 -15.27 -3.39 12.57
N PRO B 246 -14.96 -4.54 11.95
CA PRO B 246 -13.56 -4.80 11.55
C PRO B 246 -13.04 -3.80 10.51
N GLU B 247 -13.93 -3.23 9.69
CA GLU B 247 -13.51 -2.19 8.76
C GLU B 247 -13.01 -0.97 9.50
N GLY B 248 -13.69 -0.58 10.58
CA GLY B 248 -13.16 0.49 11.41
C GLY B 248 -11.80 0.13 12.00
N VAL B 249 -11.65 -1.10 12.51
CA VAL B 249 -10.36 -1.52 13.06
C VAL B 249 -9.27 -1.42 12.00
N GLU B 250 -9.58 -1.83 10.77
CA GLU B 250 -8.58 -1.80 9.70
C GLU B 250 -8.04 -0.38 9.49
N GLU B 251 -8.91 0.63 9.55
CA GLU B 251 -8.43 2.01 9.38
C GLU B 251 -7.40 2.36 10.44
N VAL B 252 -7.65 1.97 11.70
CA VAL B 252 -6.71 2.25 12.78
C VAL B 252 -5.41 1.47 12.55
N THR B 253 -5.52 0.19 12.20
CA THR B 253 -4.34 -0.62 11.92
C THR B 253 -3.49 -0.01 10.81
N ARG B 254 -4.13 0.35 9.68
CA ARG B 254 -3.39 0.93 8.56
C ARG B 254 -2.64 2.18 8.98
N ALA B 255 -3.29 3.04 9.76
CA ALA B 255 -2.63 4.27 10.20
C ALA B 255 -1.44 3.97 11.12
N ARG B 256 -1.59 3.02 12.04
CA ARG B 256 -0.48 2.70 12.94
C ARG B 256 0.69 2.12 12.17
N GLN B 257 0.40 1.30 11.16
CA GLN B 257 1.45 0.69 10.36
C GLN B 257 2.23 1.75 9.57
N GLU B 258 1.66 2.95 9.45
CA GLU B 258 2.36 4.06 8.76
C GLU B 258 3.06 4.93 9.81
N GLY B 259 2.94 4.60 11.10
CA GLY B 259 3.65 5.31 12.14
C GLY B 259 2.83 6.26 12.99
N GLN B 260 1.52 6.36 12.78
CA GLN B 260 0.69 7.24 13.59
C GLN B 260 0.51 6.67 14.99
N ASP B 261 0.61 7.57 15.98
CA ASP B 261 0.37 7.18 17.40
C ASP B 261 -1.13 7.13 17.66
N VAL B 262 -1.73 5.97 17.39
CA VAL B 262 -3.19 5.77 17.58
C VAL B 262 -3.44 4.41 18.22
N THR B 263 -4.43 4.36 19.08
CA THR B 263 -4.84 3.11 19.73
C THR B 263 -6.37 3.04 19.56
N CYS B 264 -6.98 1.88 19.79
CA CYS B 264 -8.42 1.80 19.74
C CYS B 264 -8.91 0.78 20.76
N GLU B 265 -10.22 0.74 20.96
CA GLU B 265 -10.81 -0.10 21.99
C GLU B 265 -12.09 -0.68 21.41
N SER B 266 -12.59 -1.74 22.03
CA SER B 266 -13.94 -2.20 21.75
C SER B 266 -14.59 -2.65 23.07
N CYS B 267 -15.78 -3.23 22.98
CA CYS B 267 -16.60 -3.56 24.14
C CYS B 267 -17.18 -4.96 24.03
N PRO B 268 -17.46 -5.60 25.18
CA PRO B 268 -18.01 -6.96 25.13
C PRO B 268 -19.24 -7.11 24.26
N HIS B 269 -20.13 -6.11 24.22
CA HIS B 269 -21.36 -6.31 23.46
C HIS B 269 -21.12 -6.41 21.96
N TYR B 270 -19.96 -5.99 21.46
CA TYR B 270 -19.67 -6.21 20.04
C TYR B 270 -19.02 -7.56 19.75
N PHE B 271 -18.66 -8.30 20.78
CA PHE B 271 -18.14 -9.63 20.58
C PHE B 271 -19.11 -10.73 20.97
N VAL B 272 -20.11 -10.41 21.79
CA VAL B 272 -20.97 -11.40 22.42
C VAL B 272 -22.43 -11.30 22.00
N LEU B 273 -22.85 -10.20 21.44
CA LEU B 273 -24.20 -9.96 20.99
C LEU B 273 -24.15 -9.67 19.49
N ASP B 274 -25.27 -9.85 18.82
CA ASP B 274 -25.35 -9.49 17.40
C ASP B 274 -26.75 -8.95 17.15
N THR B 275 -27.00 -8.53 15.90
CA THR B 275 -28.22 -7.79 15.62
C THR B 275 -29.46 -8.65 15.84
N ASP B 276 -29.37 -9.95 15.56
CA ASP B 276 -30.50 -10.85 15.79
C ASP B 276 -30.84 -10.96 17.26
N GLN B 277 -29.84 -11.08 18.14
CA GLN B 277 -30.12 -11.13 19.57
C GLN B 277 -30.59 -9.77 20.06
N PHE B 278 -30.03 -8.70 19.50
CA PHE B 278 -30.48 -7.34 19.76
C PHE B 278 -31.97 -7.20 19.44
N GLU B 279 -32.40 -7.76 18.31
CA GLU B 279 -33.83 -7.72 17.98
C GLU B 279 -34.64 -8.41 19.06
N GLU B 280 -34.20 -9.59 19.46
CA GLU B 280 -34.90 -10.38 20.53
C GLU B 280 -34.92 -9.63 21.86
N ILE B 281 -33.84 -8.94 22.20
CA ILE B 281 -33.73 -8.33 23.53
C ILE B 281 -34.45 -7.00 23.58
N GLY B 282 -34.42 -6.22 22.50
CA GLY B 282 -35.03 -4.90 22.51
C GLY B 282 -34.11 -3.75 22.84
N THR B 283 -34.68 -2.68 23.43
CA THR B 283 -33.96 -1.42 23.60
C THR B 283 -32.80 -1.51 24.58
N LEU B 284 -32.76 -2.52 25.45
CA LEU B 284 -31.60 -2.64 26.34
C LEU B 284 -30.31 -2.96 25.59
N ALA B 285 -30.42 -3.49 24.36
CA ALA B 285 -29.24 -3.80 23.57
C ALA B 285 -28.95 -2.71 22.53
N LYS B 286 -29.60 -1.56 22.65
CA LYS B 286 -29.39 -0.46 21.73
C LYS B 286 -28.25 0.42 22.24
N CYS B 287 -27.26 0.64 21.38
CA CYS B 287 -26.14 1.54 21.68
C CYS B 287 -25.71 2.21 20.38
N SER B 288 -24.79 3.18 20.51
CA SER B 288 -24.69 4.25 19.53
C SER B 288 -23.96 3.77 18.28
N PRO B 289 -22.69 3.39 18.34
CA PRO B 289 -22.18 2.49 17.34
C PRO B 289 -22.90 1.17 17.55
N PRO B 290 -23.67 0.71 16.57
CA PRO B 290 -24.64 -0.36 16.83
C PRO B 290 -23.99 -1.74 16.95
N ILE B 291 -24.71 -2.65 17.60
CA ILE B 291 -24.32 -4.07 17.57
C ILE B 291 -24.70 -4.64 16.20
N ARG B 292 -23.68 -5.11 15.45
CA ARG B 292 -23.86 -5.48 14.05
C ARG B 292 -24.11 -6.98 13.89
N ASP B 293 -24.08 -7.48 12.66
CA ASP B 293 -24.52 -8.85 12.44
C ASP B 293 -23.41 -9.84 12.77
N LEU B 294 -23.75 -11.13 12.67
CA LEU B 294 -22.86 -12.19 13.13
C LEU B 294 -21.58 -12.24 12.31
N GLU B 295 -21.67 -11.96 11.01
CA GLU B 295 -20.44 -11.96 10.21
C GLU B 295 -19.52 -10.83 10.62
N ASN B 296 -20.09 -9.67 10.93
CA ASN B 296 -19.29 -8.61 11.52
C ASN B 296 -18.64 -9.10 12.81
N GLN B 297 -19.41 -9.77 13.65
CA GLN B 297 -18.87 -10.27 14.92
C GLN B 297 -17.64 -11.16 14.68
N LYS B 298 -17.74 -12.07 13.72
CA LYS B 298 -16.64 -13.00 13.46
C LYS B 298 -15.37 -12.25 13.08
N GLY B 299 -15.50 -11.28 12.17
CA GLY B 299 -14.36 -10.43 11.87
C GLY B 299 -13.84 -9.70 13.10
N MET B 300 -14.73 -9.31 14.00
CA MET B 300 -14.31 -8.63 15.22
C MET B 300 -13.44 -9.55 16.04
N TRP B 301 -13.86 -10.81 16.20
CA TRP B 301 -13.05 -11.76 16.96
C TRP B 301 -11.68 -11.93 16.32
N GLU B 302 -11.62 -11.99 14.98
CA GLU B 302 -10.34 -12.13 14.29
C GLU B 302 -9.44 -10.94 14.56
N LYS B 303 -9.99 -9.71 14.55
CA LYS B 303 -9.16 -8.55 14.88
C LYS B 303 -8.62 -8.64 16.30
N LEU B 304 -9.46 -9.06 17.25
CA LEU B 304 -9.04 -9.13 18.65
C LEU B 304 -7.92 -10.16 18.84
N PHE B 305 -8.11 -11.37 18.31
CA PHE B 305 -7.07 -12.38 18.41
C PHE B 305 -5.81 -11.96 17.66
N ASN B 306 -5.92 -11.08 16.67
CA ASN B 306 -4.76 -10.59 15.94
C ASN B 306 -4.04 -9.43 16.62
N GLY B 307 -4.52 -8.93 17.76
CA GLY B 307 -3.83 -7.84 18.42
C GLY B 307 -4.09 -6.46 17.85
N GLU B 308 -5.17 -6.28 17.08
CA GLU B 308 -5.48 -4.98 16.48
C GLU B 308 -6.39 -4.12 17.35
N ILE B 309 -6.88 -4.63 18.47
CA ILE B 309 -7.77 -3.90 19.37
C ILE B 309 -7.08 -3.79 20.72
N ASP B 310 -6.66 -2.60 21.08
CA ASP B 310 -5.79 -2.46 22.29
C ASP B 310 -6.52 -2.78 23.60
N CYS B 311 -7.75 -2.33 23.75
CA CYS B 311 -8.42 -2.47 25.06
C CYS B 311 -9.86 -2.93 24.95
N LEU B 312 -10.34 -3.68 25.93
CA LEU B 312 -11.78 -4.02 26.01
C LEU B 312 -12.33 -3.19 27.18
N VAL B 313 -13.39 -2.43 26.96
CA VAL B 313 -13.93 -1.49 27.92
C VAL B 313 -15.45 -1.67 27.96
N SER B 314 -16.08 -1.05 28.96
CA SER B 314 -17.50 -1.32 29.17
C SER B 314 -18.39 -0.46 28.29
N ASP B 315 -18.01 0.80 28.06
CA ASP B 315 -18.91 1.89 27.67
C ASP B 315 -20.22 1.78 28.44
N HIS B 316 -20.12 1.49 29.74
CA HIS B 316 -21.28 1.44 30.61
C HIS B 316 -22.09 2.72 30.49
N SER B 317 -23.35 2.60 30.08
CA SER B 317 -24.17 3.75 29.69
C SER B 317 -25.60 3.53 30.11
N PRO B 318 -25.87 3.47 31.41
CA PRO B 318 -27.25 3.29 31.88
C PRO B 318 -28.05 4.55 31.70
N CYS B 319 -29.36 4.41 31.85
CA CYS B 319 -30.29 5.55 31.87
C CYS B 319 -31.55 5.12 32.62
N PRO B 320 -32.33 6.08 33.11
CA PRO B 320 -33.61 5.73 33.75
C PRO B 320 -34.45 4.90 32.81
N PRO B 321 -35.19 3.93 33.33
CA PRO B 321 -35.93 3.01 32.44
C PRO B 321 -36.90 3.70 31.52
N GLU B 322 -37.51 4.82 31.92
CA GLU B 322 -38.47 5.45 31.02
C GLU B 322 -37.80 5.86 29.71
N MET B 323 -36.48 6.12 29.73
CA MET B 323 -35.81 6.44 28.48
C MET B 323 -35.52 5.21 27.63
N LYS B 324 -35.73 4.01 28.14
CA LYS B 324 -35.68 2.79 27.36
C LYS B 324 -37.05 2.31 26.89
N ALA B 325 -38.12 2.98 27.33
CA ALA B 325 -39.46 2.65 26.87
C ALA B 325 -39.64 3.10 25.42
N GLY B 326 -40.52 2.43 24.71
CA GLY B 326 -40.79 2.83 23.33
C GLY B 326 -39.99 2.03 22.34
N ASN B 327 -40.00 2.49 21.09
CA ASN B 327 -39.40 1.69 20.03
C ASN B 327 -37.89 1.95 19.97
N ILE B 328 -37.19 1.06 19.25
CA ILE B 328 -35.72 1.06 19.24
C ILE B 328 -35.19 2.39 18.70
N MET B 329 -35.81 2.96 17.68
CA MET B 329 -35.23 4.18 17.08
C MET B 329 -35.30 5.37 18.05
N GLU B 330 -36.35 5.48 18.86
CA GLU B 330 -36.53 6.65 19.77
C GLU B 330 -35.85 6.43 21.12
N ALA B 331 -35.62 5.18 21.51
CA ALA B 331 -35.05 4.87 22.84
C ALA B 331 -33.63 5.42 22.98
N TRP B 332 -33.24 5.67 24.23
CA TRP B 332 -31.87 6.09 24.49
C TRP B 332 -30.89 4.96 24.20
N GLY B 333 -29.80 5.28 23.52
CA GLY B 333 -28.76 4.30 23.25
C GLY B 333 -27.78 4.19 24.40
N GLY B 334 -27.44 2.95 24.78
CA GLY B 334 -26.48 2.72 25.83
C GLY B 334 -26.60 1.34 26.45
N ILE B 335 -25.48 0.66 26.68
CA ILE B 335 -25.46 -0.65 27.30
C ILE B 335 -25.10 -0.51 28.78
N ALA B 336 -25.94 -1.05 29.66
CA ALA B 336 -25.56 -1.18 31.07
C ALA B 336 -24.89 -2.53 31.21
N GLY B 337 -23.54 -2.52 31.25
CA GLY B 337 -22.76 -3.74 31.23
C GLY B 337 -21.52 -3.76 32.11
N LEU B 338 -21.34 -2.68 32.88
CA LEU B 338 -20.16 -2.51 33.73
C LEU B 338 -19.82 -3.78 34.50
N GLN B 339 -20.85 -4.49 35.01
CA GLN B 339 -20.63 -5.59 35.94
C GLN B 339 -20.25 -6.91 35.25
N ASN B 340 -20.44 -7.03 33.93
CA ASN B 340 -20.22 -8.29 33.24
C ASN B 340 -19.24 -8.21 32.09
N CYS B 341 -18.21 -7.36 32.19
CA CYS B 341 -17.15 -7.36 31.18
C CYS B 341 -16.17 -8.50 31.39
N MET B 342 -15.72 -8.66 32.64
CA MET B 342 -14.68 -9.64 32.96
C MET B 342 -15.20 -11.06 32.82
N ASP B 343 -16.35 -11.37 33.46
CA ASP B 343 -16.75 -12.78 33.43
C ASP B 343 -17.26 -13.18 32.04
N VAL B 344 -18.05 -12.31 31.40
CA VAL B 344 -18.51 -12.62 30.04
C VAL B 344 -17.32 -12.81 29.12
N MET B 345 -16.32 -11.92 29.20
CA MET B 345 -15.23 -11.95 28.24
C MET B 345 -14.32 -13.14 28.52
N PHE B 346 -14.09 -13.42 29.81
CA PHE B 346 -13.29 -14.61 30.14
C PHE B 346 -13.96 -15.88 29.57
N ASP B 347 -15.27 -15.99 29.74
CA ASP B 347 -15.99 -17.13 29.20
C ASP B 347 -15.87 -17.16 27.67
N GLU B 348 -16.12 -16.02 27.01
CA GLU B 348 -16.25 -16.09 25.54
C GLU B 348 -14.89 -16.12 24.85
N ALA B 349 -13.88 -15.42 25.37
CA ALA B 349 -12.55 -15.39 24.75
C ALA B 349 -11.69 -16.55 25.22
N VAL B 350 -11.51 -16.70 26.54
CA VAL B 350 -10.61 -17.74 27.06
C VAL B 350 -11.25 -19.12 26.95
N GLN B 351 -12.42 -19.31 27.56
CA GLN B 351 -12.98 -20.64 27.71
C GLN B 351 -13.53 -21.18 26.39
N LYS B 352 -14.37 -20.40 25.69
CA LYS B 352 -14.98 -20.87 24.44
C LYS B 352 -14.07 -20.72 23.22
N ARG B 353 -13.15 -19.75 23.17
CA ARG B 353 -12.35 -19.55 21.96
C ARG B 353 -10.86 -19.76 22.17
N GLY B 354 -10.41 -20.07 23.38
CA GLY B 354 -9.01 -20.44 23.58
C GLY B 354 -8.00 -19.32 23.69
N MET B 355 -8.42 -18.10 23.99
CA MET B 355 -7.45 -17.03 24.17
C MET B 355 -6.55 -17.33 25.36
N SER B 356 -5.28 -16.92 25.26
CA SER B 356 -4.34 -17.15 26.35
C SER B 356 -4.61 -16.21 27.50
N LEU B 357 -4.31 -16.67 28.70
CA LEU B 357 -4.48 -15.82 29.88
C LEU B 357 -3.68 -14.53 29.76
N PRO B 358 -2.41 -14.55 29.36
CA PRO B 358 -1.68 -13.28 29.24
C PRO B 358 -2.31 -12.34 28.22
N MET B 359 -2.82 -12.85 27.11
CA MET B 359 -3.48 -11.94 26.18
C MET B 359 -4.72 -11.32 26.83
N PHE B 360 -5.48 -12.14 27.58
CA PHE B 360 -6.67 -11.62 28.26
C PHE B 360 -6.28 -10.55 29.26
N GLY B 361 -5.21 -10.77 30.03
CA GLY B 361 -4.81 -9.76 31.00
C GLY B 361 -4.44 -8.45 30.33
N LYS B 362 -3.80 -8.53 29.16
CA LYS B 362 -3.38 -7.32 28.45
C LYS B 362 -4.59 -6.57 27.90
N LEU B 363 -5.60 -7.31 27.43
CA LEU B 363 -6.79 -6.71 26.81
C LEU B 363 -7.70 -6.04 27.83
N MET B 364 -7.85 -6.65 29.01
CA MET B 364 -8.74 -6.14 30.04
C MET B 364 -8.08 -5.17 30.99
N ALA B 365 -6.73 -5.07 31.01
CA ALA B 365 -6.12 -4.23 32.02
C ALA B 365 -4.81 -3.55 31.63
N THR B 366 -3.81 -4.33 31.17
CA THR B 366 -2.47 -3.78 31.06
C THR B 366 -2.39 -2.75 29.95
N ASN B 367 -2.96 -3.06 28.79
CA ASN B 367 -2.92 -2.14 27.65
C ASN B 367 -3.55 -0.80 28.00
N ALA B 368 -4.70 -0.81 28.66
CA ALA B 368 -5.35 0.44 29.06
C ALA B 368 -4.49 1.23 30.03
N ALA B 369 -3.85 0.53 30.96
CA ALA B 369 -3.01 1.22 31.94
C ALA B 369 -1.82 1.89 31.26
N ASP B 370 -1.22 1.21 30.30
CA ASP B 370 -0.06 1.75 29.59
C ASP B 370 -0.43 2.89 28.65
N ILE B 371 -1.62 2.84 28.05
CA ILE B 371 -2.04 3.89 27.13
C ILE B 371 -2.34 5.19 27.88
N PHE B 372 -2.94 5.08 29.05
CA PHE B 372 -3.35 6.26 29.81
C PHE B 372 -2.37 6.58 30.93
N GLY B 373 -1.24 5.88 30.98
CA GLY B 373 -0.17 6.24 31.89
C GLY B 373 -0.50 6.00 33.35
N LEU B 374 -1.24 4.92 33.66
CA LEU B 374 -1.57 4.57 35.03
C LEU B 374 -0.43 3.68 35.53
N GLN B 375 0.62 4.33 36.02
CA GLN B 375 1.86 3.64 36.36
C GLN B 375 1.65 2.50 37.36
N GLN B 376 0.70 2.64 38.29
CA GLN B 376 0.55 1.64 39.36
C GLN B 376 -0.40 0.49 39.00
N LYS B 377 -1.16 0.59 37.92
CA LYS B 377 -2.27 -0.31 37.66
C LYS B 377 -1.98 -1.24 36.51
N GLY B 378 -2.81 -2.27 36.41
CA GLY B 378 -2.91 -3.05 35.20
C GLY B 378 -2.03 -4.28 35.11
N ARG B 379 -1.17 -4.55 36.10
CA ARG B 379 -0.28 -5.70 35.93
C ARG B 379 0.11 -6.25 37.28
N ILE B 380 0.29 -7.58 37.32
CA ILE B 380 0.77 -8.27 38.52
C ILE B 380 2.29 -8.26 38.44
N ALA B 381 2.90 -7.21 38.97
CA ALA B 381 4.35 -7.04 38.91
C ALA B 381 4.80 -6.35 40.18
N PRO B 382 6.04 -6.62 40.61
CA PRO B 382 6.52 -6.04 41.88
C PRO B 382 6.45 -4.54 41.86
N GLY B 383 5.94 -3.96 42.95
CA GLY B 383 5.83 -2.54 43.10
C GLY B 383 4.55 -1.92 42.55
N LYS B 384 3.72 -2.68 41.83
CA LYS B 384 2.45 -2.17 41.35
C LYS B 384 1.38 -2.29 42.46
N ASP B 385 0.26 -1.61 42.28
CA ASP B 385 -0.83 -1.73 43.26
C ASP B 385 -1.34 -3.17 43.31
N ALA B 386 -1.61 -3.64 44.52
CA ALA B 386 -2.17 -4.97 44.72
C ALA B 386 -3.66 -4.95 44.39
N ASP B 387 -3.94 -4.91 43.06
CA ASP B 387 -5.28 -4.88 42.49
C ASP B 387 -5.53 -6.18 41.73
N PHE B 388 -6.43 -7.01 42.23
CA PHE B 388 -6.67 -8.31 41.61
C PHE B 388 -8.15 -8.61 41.49
N VAL B 389 -8.48 -9.49 40.54
CA VAL B 389 -9.75 -10.22 40.49
C VAL B 389 -9.44 -11.70 40.50
N PHE B 390 -10.14 -12.45 41.34
CA PHE B 390 -10.12 -13.91 41.36
C PHE B 390 -11.27 -14.38 40.49
N ILE B 391 -10.95 -15.18 39.49
CA ILE B 391 -11.93 -15.71 38.56
C ILE B 391 -11.99 -17.22 38.72
N GLN B 392 -13.21 -17.75 38.91
CA GLN B 392 -13.38 -19.19 38.96
C GLN B 392 -13.83 -19.70 37.59
N PRO B 393 -12.98 -20.44 36.88
CA PRO B 393 -13.34 -20.94 35.55
C PRO B 393 -14.32 -22.10 35.63
N ASN B 394 -15.00 -22.35 34.50
CA ASN B 394 -15.89 -23.50 34.37
C ASN B 394 -16.87 -23.59 35.53
N SER B 395 -17.53 -22.47 35.80
CA SER B 395 -18.48 -22.39 36.90
C SER B 395 -19.54 -21.40 36.47
N SER B 396 -20.71 -21.90 36.09
CA SER B 396 -21.71 -21.11 35.39
C SER B 396 -22.78 -20.58 36.32
N TYR B 397 -23.41 -19.49 35.92
CA TYR B 397 -24.57 -18.94 36.61
C TYR B 397 -25.41 -18.20 35.60
N VAL B 398 -26.71 -18.06 35.90
CA VAL B 398 -27.62 -17.31 35.05
C VAL B 398 -27.77 -15.94 35.67
N LEU B 399 -27.32 -14.92 34.94
CA LEU B 399 -27.37 -13.55 35.46
C LEU B 399 -28.81 -13.07 35.59
N THR B 400 -29.14 -12.50 36.75
CA THR B 400 -30.48 -11.97 36.99
C THR B 400 -30.39 -10.53 37.46
N ASN B 401 -31.53 -9.86 37.41
CA ASN B 401 -31.58 -8.47 37.86
C ASN B 401 -31.15 -8.32 39.33
N ASP B 402 -31.54 -9.27 40.18
CA ASP B 402 -31.13 -9.23 41.58
C ASP B 402 -29.61 -9.17 41.75
N ASP B 403 -28.87 -9.81 40.84
CA ASP B 403 -27.41 -9.80 40.88
C ASP B 403 -26.82 -8.42 40.62
N LEU B 404 -27.54 -7.55 39.93
CA LEU B 404 -26.95 -6.31 39.44
C LEU B 404 -26.85 -5.28 40.56
N GLU B 405 -25.68 -4.66 40.71
CA GLU B 405 -25.54 -3.55 41.64
C GLU B 405 -25.85 -2.20 41.01
N TYR B 406 -26.14 -2.13 39.70
CA TYR B 406 -26.47 -0.83 39.11
C TYR B 406 -27.60 -0.14 39.86
N ARG B 407 -27.68 1.19 39.73
CA ARG B 407 -28.84 1.93 40.22
C ARG B 407 -30.13 1.45 39.54
N HIS B 408 -30.06 1.16 38.24
CA HIS B 408 -31.18 0.59 37.51
C HIS B 408 -30.83 -0.83 37.13
N LYS B 409 -31.54 -1.78 37.72
CA LYS B 409 -31.11 -3.18 37.70
C LYS B 409 -31.64 -3.87 36.44
N VAL B 410 -31.12 -3.39 35.31
CA VAL B 410 -31.43 -3.94 34.01
C VAL B 410 -30.14 -4.07 33.21
N SER B 411 -30.13 -5.01 32.27
CA SER B 411 -28.95 -5.25 31.44
C SER B 411 -29.33 -6.19 30.30
N PRO B 412 -28.77 -6.02 29.10
CA PRO B 412 -29.03 -7.00 28.02
C PRO B 412 -28.39 -8.36 28.26
N TYR B 413 -27.54 -8.49 29.28
CA TYR B 413 -27.00 -9.77 29.68
C TYR B 413 -27.88 -10.53 30.67
N VAL B 414 -28.93 -9.92 31.21
CA VAL B 414 -29.79 -10.64 32.15
C VAL B 414 -30.34 -11.86 31.40
N GLY B 415 -30.39 -13.00 32.10
CA GLY B 415 -30.87 -14.22 31.50
C GLY B 415 -29.81 -15.04 30.80
N ARG B 416 -28.62 -14.48 30.58
CA ARG B 416 -27.55 -15.19 29.92
C ARG B 416 -26.88 -16.16 30.88
N THR B 417 -26.51 -17.34 30.37
CA THR B 417 -25.66 -18.28 31.08
C THR B 417 -24.21 -17.87 30.87
N ILE B 418 -23.53 -17.49 31.95
CA ILE B 418 -22.14 -17.05 31.93
C ILE B 418 -21.29 -18.12 32.59
N GLY B 419 -20.25 -18.59 31.90
CA GLY B 419 -19.52 -19.79 32.23
C GLY B 419 -18.36 -19.63 33.19
N ALA B 420 -18.20 -18.46 33.79
CA ALA B 420 -17.18 -18.20 34.79
C ALA B 420 -17.71 -17.18 35.79
N ARG B 421 -17.09 -17.12 36.95
CA ARG B 421 -17.62 -16.30 38.04
C ARG B 421 -16.51 -15.47 38.66
N ILE B 422 -16.84 -14.22 39.01
CA ILE B 422 -15.93 -13.37 39.78
C ILE B 422 -16.16 -13.71 41.24
N THR B 423 -15.14 -14.26 41.90
CA THR B 423 -15.29 -14.65 43.31
C THR B 423 -14.76 -13.60 44.29
N LYS B 424 -13.85 -12.74 43.87
CA LYS B 424 -13.26 -11.83 44.84
C LYS B 424 -12.60 -10.70 44.08
N THR B 425 -12.63 -9.51 44.67
CA THR B 425 -11.99 -8.34 44.07
C THR B 425 -11.21 -7.62 45.14
N ILE B 426 -9.93 -7.37 44.90
CA ILE B 426 -9.01 -6.76 45.85
C ILE B 426 -8.47 -5.47 45.25
N LEU B 427 -8.58 -4.38 46.00
CA LEU B 427 -8.07 -3.08 45.60
C LEU B 427 -7.02 -2.66 46.63
N ARG B 428 -5.79 -2.41 46.16
CA ARG B 428 -4.68 -2.00 47.02
C ARG B 428 -4.66 -2.81 48.31
N GLY B 429 -4.67 -4.13 48.16
CA GLY B 429 -4.45 -5.05 49.25
C GLY B 429 -5.69 -5.43 50.06
N ASP B 430 -6.82 -4.76 49.87
CA ASP B 430 -8.03 -5.03 50.63
C ASP B 430 -9.12 -5.63 49.76
N VAL B 431 -9.77 -6.69 50.27
CA VAL B 431 -10.95 -7.28 49.64
C VAL B 431 -12.05 -6.24 49.61
N ILE B 432 -12.43 -5.77 48.41
CA ILE B 432 -13.57 -4.86 48.31
C ILE B 432 -14.83 -5.56 47.85
N TYR B 433 -14.71 -6.69 47.15
CA TYR B 433 -15.90 -7.47 46.87
C TYR B 433 -15.59 -8.94 47.03
N ASP B 434 -16.56 -9.68 47.56
CA ASP B 434 -16.41 -11.11 47.73
C ASP B 434 -17.74 -11.79 47.44
N ILE B 435 -17.70 -12.87 46.65
CA ILE B 435 -18.93 -13.50 46.21
C ILE B 435 -19.74 -14.00 47.41
N GLU B 436 -19.08 -14.36 48.51
CA GLU B 436 -19.75 -14.84 49.72
C GLU B 436 -20.05 -13.75 50.75
N GLN B 437 -19.15 -12.78 50.95
CA GLN B 437 -19.40 -11.79 51.99
C GLN B 437 -20.05 -10.51 51.48
N GLY B 438 -20.09 -10.30 50.17
CA GLY B 438 -20.64 -9.07 49.64
C GLY B 438 -19.57 -8.00 49.61
N PHE B 439 -19.88 -6.82 50.14
CA PHE B 439 -18.90 -5.73 50.16
C PHE B 439 -18.44 -5.50 51.60
N PRO B 440 -17.27 -6.03 52.01
CA PRO B 440 -16.96 -6.08 53.46
C PRO B 440 -16.39 -4.80 54.06
N VAL B 441 -15.88 -3.85 53.26
CA VAL B 441 -15.17 -2.69 53.80
C VAL B 441 -15.86 -1.42 53.33
N ALA B 442 -15.68 -0.35 54.10
CA ALA B 442 -16.16 0.96 53.69
C ALA B 442 -15.48 1.36 52.37
N PRO B 443 -16.19 2.09 51.49
CA PRO B 443 -15.58 2.46 50.20
C PRO B 443 -14.21 3.09 50.39
N LYS B 444 -13.17 2.56 49.72
CA LYS B 444 -11.79 2.98 49.90
C LYS B 444 -11.15 3.52 48.62
N GLY B 445 -11.92 3.63 47.54
CA GLY B 445 -11.35 4.05 46.28
C GLY B 445 -10.90 5.50 46.33
N GLN B 446 -9.93 5.82 45.46
CA GLN B 446 -9.42 7.19 45.35
C GLN B 446 -9.39 7.60 43.89
N PHE B 447 -9.48 8.92 43.67
CA PHE B 447 -9.18 9.43 42.35
C PHE B 447 -7.69 9.30 42.08
N ILE B 448 -7.37 9.07 40.81
CA ILE B 448 -6.00 8.96 40.32
C ILE B 448 -5.78 10.17 39.42
N LEU B 449 -4.79 11.00 39.80
CA LEU B 449 -4.43 12.23 39.04
C LEU B 449 -3.06 12.06 38.36
N LYS B 450 -2.95 12.38 37.07
CA LYS B 450 -1.73 12.10 36.26
C LYS B 450 -0.42 12.53 36.90
N HIS B 451 -0.35 13.73 37.46
CA HIS B 451 0.97 14.25 37.93
C HIS B 451 1.26 13.83 39.37
N GLN B 452 0.36 13.08 40.00
CA GLN B 452 0.60 12.55 41.36
C GLN B 452 0.55 11.04 41.27
N GLN B 453 1.26 10.42 40.32
CA GLN B 453 1.16 8.94 40.08
C GLN B 453 -0.06 8.64 39.20
N SER C 2 -3.08 12.04 -57.70
CA SER C 2 -4.10 11.01 -57.57
C SER C 2 -3.66 10.00 -56.49
N PHE C 3 -4.62 9.46 -55.73
CA PHE C 3 -4.30 8.41 -54.78
C PHE C 3 -4.11 7.08 -55.50
N ASP C 4 -3.27 6.21 -54.92
CA ASP C 4 -3.15 4.87 -55.48
C ASP C 4 -4.40 4.04 -55.22
N LEU C 5 -5.03 4.22 -54.06
CA LEU C 5 -6.15 3.37 -53.66
C LEU C 5 -7.00 4.10 -52.62
N ILE C 6 -8.29 3.79 -52.63
CA ILE C 6 -9.21 4.21 -51.58
C ILE C 6 -10.03 3.00 -51.13
N ILE C 7 -10.09 2.79 -49.81
CA ILE C 7 -10.90 1.73 -49.21
C ILE C 7 -12.17 2.38 -48.67
N LYS C 8 -13.31 2.02 -49.24
CA LYS C 8 -14.55 2.75 -49.02
C LYS C 8 -15.53 1.94 -48.19
N ASN C 9 -16.22 2.62 -47.28
CA ASN C 9 -17.45 2.16 -46.66
C ASN C 9 -17.23 1.08 -45.61
N GLY C 10 -15.99 0.90 -45.11
CA GLY C 10 -15.77 0.00 -43.99
C GLY C 10 -15.96 0.69 -42.63
N THR C 11 -16.21 -0.13 -41.60
CA THR C 11 -16.12 0.33 -40.22
C THR C 11 -14.65 0.31 -39.84
N VAL C 12 -14.04 1.50 -39.77
CA VAL C 12 -12.61 1.63 -39.59
C VAL C 12 -12.29 1.82 -38.12
N ILE C 13 -11.36 1.02 -37.60
CA ILE C 13 -10.93 1.16 -36.21
C ILE C 13 -9.92 2.30 -36.16
N LEU C 14 -10.36 3.47 -35.72
CA LEU C 14 -9.44 4.55 -35.54
C LEU C 14 -8.94 4.52 -34.10
N GLU C 15 -8.03 5.44 -33.78
CA GLU C 15 -7.49 5.43 -32.43
C GLU C 15 -8.59 5.62 -31.39
N ASN C 16 -9.51 6.53 -31.66
CA ASN C 16 -10.49 6.95 -30.67
C ASN C 16 -11.80 6.17 -30.75
N GLU C 17 -12.17 5.71 -31.94
CA GLU C 17 -13.47 5.10 -32.16
C GLU C 17 -13.42 4.32 -33.47
N ALA C 18 -14.42 3.48 -33.66
CA ALA C 18 -14.65 2.82 -34.93
C ALA C 18 -15.81 3.53 -35.64
N ARG C 19 -15.62 3.89 -36.90
CA ARG C 19 -16.69 4.53 -37.65
C ARG C 19 -16.48 4.32 -39.13
N VAL C 20 -17.56 4.48 -39.89
CA VAL C 20 -17.51 4.33 -41.35
C VAL C 20 -16.85 5.56 -41.95
N VAL C 21 -15.64 5.38 -42.49
CA VAL C 21 -14.92 6.41 -43.19
C VAL C 21 -14.12 5.72 -44.29
N ASP C 22 -13.61 6.51 -45.23
CA ASP C 22 -12.78 5.99 -46.30
C ASP C 22 -11.32 6.21 -45.97
N ILE C 23 -10.45 5.40 -46.59
CA ILE C 23 -9.00 5.52 -46.41
C ILE C 23 -8.34 5.64 -47.78
N ALA C 24 -7.64 6.74 -48.01
CA ALA C 24 -6.88 6.94 -49.23
C ALA C 24 -5.41 6.59 -48.97
N VAL C 25 -4.82 5.88 -49.93
CA VAL C 25 -3.46 5.32 -49.82
C VAL C 25 -2.62 5.87 -50.96
N LYS C 26 -1.39 6.27 -50.65
CA LYS C 26 -0.47 6.72 -51.68
C LYS C 26 0.96 6.33 -51.29
N GLY C 27 1.63 5.60 -52.18
CA GLY C 27 2.99 5.17 -51.91
C GLY C 27 3.10 4.25 -50.71
N GLY C 28 2.09 3.41 -50.48
CA GLY C 28 2.11 2.46 -49.39
C GLY C 28 1.85 3.05 -48.02
N LYS C 29 1.51 4.34 -47.95
CA LYS C 29 1.24 5.06 -46.71
C LYS C 29 -0.19 5.58 -46.70
N ILE C 30 -0.74 5.75 -45.51
CA ILE C 30 -2.09 6.31 -45.34
C ILE C 30 -2.03 7.78 -45.76
N ALA C 31 -2.69 8.11 -46.87
CA ALA C 31 -2.66 9.49 -47.37
C ALA C 31 -3.77 10.33 -46.78
N ALA C 32 -4.94 9.75 -46.54
CA ALA C 32 -6.04 10.51 -45.97
C ALA C 32 -7.08 9.58 -45.37
N ILE C 33 -7.85 10.12 -44.45
CA ILE C 33 -8.95 9.42 -43.81
C ILE C 33 -10.13 10.39 -43.75
N GLY C 34 -11.29 9.94 -44.19
CA GLY C 34 -12.46 10.80 -44.16
C GLY C 34 -13.47 10.38 -45.21
N GLN C 35 -14.23 11.37 -45.70
CA GLN C 35 -15.23 11.19 -46.73
C GLN C 35 -14.89 12.02 -47.97
N ASP C 36 -15.43 11.59 -49.11
CA ASP C 36 -15.30 12.36 -50.36
C ASP C 36 -13.85 12.62 -50.71
N LEU C 37 -13.02 11.58 -50.59
CA LEU C 37 -11.59 11.77 -50.77
C LEU C 37 -11.21 11.98 -52.23
N GLY C 38 -12.11 11.69 -53.17
CA GLY C 38 -11.84 11.99 -54.56
C GLY C 38 -11.50 10.76 -55.36
N ASP C 39 -10.63 10.91 -56.35
CA ASP C 39 -10.36 9.80 -57.25
C ASP C 39 -9.13 9.02 -56.81
N ALA C 40 -9.09 7.75 -57.20
CA ALA C 40 -7.93 6.89 -56.98
C ALA C 40 -7.79 5.94 -58.16
N LYS C 41 -6.57 5.43 -58.34
CA LYS C 41 -6.34 4.42 -59.37
C LYS C 41 -7.16 3.17 -59.10
N GLU C 42 -7.46 2.87 -57.84
CA GLU C 42 -8.16 1.65 -57.49
C GLU C 42 -9.04 1.91 -56.27
N VAL C 43 -10.20 1.26 -56.25
CA VAL C 43 -11.18 1.45 -55.18
C VAL C 43 -11.57 0.06 -54.67
N MET C 44 -11.67 -0.07 -53.34
CA MET C 44 -12.07 -1.31 -52.70
C MET C 44 -13.32 -1.05 -51.87
N ASP C 45 -14.26 -2.02 -51.88
CA ASP C 45 -15.51 -1.89 -51.13
C ASP C 45 -15.39 -2.71 -49.85
N ALA C 46 -15.19 -2.03 -48.73
CA ALA C 46 -15.16 -2.69 -47.43
C ALA C 46 -16.55 -2.79 -46.79
N SER C 47 -17.61 -2.55 -47.55
CA SER C 47 -18.95 -2.60 -46.99
C SER C 47 -19.13 -3.86 -46.17
N GLY C 48 -19.66 -3.70 -44.96
CA GLY C 48 -19.94 -4.81 -44.09
C GLY C 48 -18.76 -5.34 -43.31
N LEU C 49 -17.54 -4.84 -43.54
CA LEU C 49 -16.35 -5.37 -42.89
C LEU C 49 -15.84 -4.39 -41.84
N VAL C 50 -15.09 -4.93 -40.85
CA VAL C 50 -14.29 -4.13 -39.94
C VAL C 50 -12.90 -3.98 -40.55
N VAL C 51 -12.46 -2.75 -40.74
CA VAL C 51 -11.12 -2.47 -41.25
C VAL C 51 -10.24 -2.11 -40.04
N SER C 52 -9.36 -3.02 -39.68
CA SER C 52 -8.53 -2.85 -38.49
C SER C 52 -7.09 -2.61 -38.89
N PRO C 53 -6.30 -1.94 -38.05
CA PRO C 53 -4.85 -2.00 -38.23
C PRO C 53 -4.41 -3.46 -38.30
N GLY C 54 -3.44 -3.75 -39.16
CA GLY C 54 -2.86 -5.07 -39.16
C GLY C 54 -2.31 -5.42 -37.78
N MET C 55 -2.51 -6.66 -37.36
CA MET C 55 -1.97 -7.05 -36.07
C MET C 55 -0.45 -6.85 -36.07
N VAL C 56 0.06 -6.44 -34.92
CA VAL C 56 1.49 -6.30 -34.67
C VAL C 56 1.83 -7.38 -33.65
N ASP C 57 2.38 -8.50 -34.11
CA ASP C 57 2.64 -9.65 -33.25
C ASP C 57 4.01 -9.49 -32.62
N ALA C 58 4.03 -9.10 -31.36
CA ALA C 58 5.26 -8.83 -30.62
C ALA C 58 5.98 -10.08 -30.14
N HIS C 59 5.54 -11.30 -30.50
CA HIS C 59 6.17 -12.48 -29.91
C HIS C 59 6.03 -13.65 -30.89
N THR C 60 6.88 -13.66 -31.92
CA THR C 60 6.81 -14.68 -32.98
C THR C 60 8.11 -15.47 -33.06
N HIS C 61 8.00 -16.79 -33.12
CA HIS C 61 9.13 -17.67 -33.39
C HIS C 61 9.05 -18.19 -34.82
N ILE C 62 10.07 -17.88 -35.62
CA ILE C 62 10.16 -18.35 -36.98
C ILE C 62 11.29 -19.38 -37.13
N SER C 63 12.39 -19.13 -36.41
CA SER C 63 13.50 -20.10 -36.28
C SER C 63 14.18 -20.46 -37.61
N GLU C 64 14.24 -19.54 -38.55
CA GLU C 64 14.66 -19.97 -39.91
C GLU C 64 16.11 -20.36 -39.98
N PRO C 65 17.10 -19.45 -40.00
CA PRO C 65 18.43 -19.94 -40.20
C PRO C 65 18.57 -21.09 -39.18
N GLY C 66 18.73 -22.33 -39.63
CA GLY C 66 19.04 -23.45 -38.72
C GLY C 66 17.88 -24.31 -38.23
N ARG C 67 16.76 -23.72 -37.85
CA ARG C 67 15.64 -24.60 -37.42
C ARG C 67 14.46 -24.23 -38.32
N SER C 68 14.75 -23.82 -39.55
CA SER C 68 13.71 -23.49 -40.56
C SER C 68 12.70 -24.63 -40.65
N HIS C 69 13.14 -25.86 -40.43
CA HIS C 69 12.18 -26.95 -40.61
C HIS C 69 11.13 -26.99 -39.50
N TRP C 70 11.26 -26.18 -38.45
CA TRP C 70 10.15 -26.03 -37.51
C TRP C 70 9.09 -25.11 -38.09
N GLU C 71 9.50 -24.07 -38.82
CA GLU C 71 8.55 -23.17 -39.47
C GLU C 71 9.20 -22.50 -40.67
N GLY C 72 10.04 -21.51 -40.42
CA GLY C 72 10.69 -20.78 -41.49
C GLY C 72 9.89 -19.59 -41.97
N TYR C 73 10.60 -18.66 -42.60
CA TYR C 73 9.96 -17.43 -43.08
C TYR C 73 8.88 -17.71 -44.11
N GLU C 74 9.12 -18.68 -45.00
CA GLU C 74 8.19 -18.83 -46.12
C GLU C 74 6.79 -19.14 -45.64
N THR C 75 6.62 -20.26 -44.94
CA THR C 75 5.32 -20.64 -44.43
C THR C 75 4.91 -19.75 -43.26
N GLY C 76 5.87 -19.38 -42.42
CA GLY C 76 5.55 -18.58 -41.26
C GLY C 76 4.86 -17.29 -41.62
N THR C 77 5.45 -16.52 -42.55
CA THR C 77 4.88 -15.22 -42.84
C THR C 77 3.62 -15.31 -43.69
N ARG C 78 3.44 -16.38 -44.47
CA ARG C 78 2.15 -16.59 -45.14
C ARG C 78 1.04 -16.84 -44.13
N ALA C 79 1.33 -17.68 -43.12
CA ALA C 79 0.35 -17.93 -42.06
C ALA C 79 0.04 -16.66 -41.29
N ALA C 80 1.07 -15.87 -40.99
CA ALA C 80 0.85 -14.61 -40.30
C ALA C 80 -0.11 -13.73 -41.11
N ALA C 81 0.15 -13.59 -42.42
CA ALA C 81 -0.67 -12.75 -43.27
C ALA C 81 -2.09 -13.29 -43.37
N LYS C 82 -2.25 -14.61 -43.44
CA LYS C 82 -3.59 -15.17 -43.48
C LYS C 82 -4.34 -14.92 -42.18
N GLY C 83 -3.61 -14.83 -41.07
CA GLY C 83 -4.22 -14.52 -39.79
C GLY C 83 -4.37 -13.04 -39.53
N GLY C 84 -4.11 -12.20 -40.52
CA GLY C 84 -4.25 -10.77 -40.36
C GLY C 84 -3.11 -10.05 -39.67
N ILE C 85 -1.92 -10.64 -39.61
CA ILE C 85 -0.75 -9.98 -39.03
C ILE C 85 0.02 -9.33 -40.16
N THR C 86 0.36 -8.05 -39.99
CA THR C 86 1.12 -7.33 -40.99
C THR C 86 2.53 -6.97 -40.56
N THR C 87 2.80 -6.98 -39.25
CA THR C 87 4.17 -6.82 -38.74
C THR C 87 4.37 -7.83 -37.63
N MET C 88 5.49 -8.53 -37.68
CA MET C 88 5.85 -9.44 -36.60
C MET C 88 7.09 -8.87 -35.93
N ILE C 89 7.20 -9.09 -34.62
CA ILE C 89 8.40 -8.73 -33.88
C ILE C 89 9.10 -10.04 -33.55
N GLU C 90 10.13 -10.38 -34.33
CA GLU C 90 10.67 -11.73 -34.34
C GLU C 90 11.58 -12.01 -33.14
N MET C 91 11.32 -13.11 -32.46
CA MET C 91 12.16 -13.56 -31.35
C MET C 91 13.54 -14.00 -31.85
N PRO C 92 14.60 -13.94 -31.01
CA PRO C 92 15.92 -14.34 -31.44
C PRO C 92 16.18 -15.83 -31.26
N LEU C 93 15.17 -16.59 -30.80
CA LEU C 93 15.43 -18.00 -30.44
C LEU C 93 14.83 -19.05 -31.37
N ASN C 94 15.46 -20.22 -31.36
CA ASN C 94 15.10 -21.37 -32.22
C ASN C 94 16.02 -21.26 -33.46
N GLN C 95 16.17 -20.08 -34.06
CA GLN C 95 17.11 -20.01 -35.16
C GLN C 95 18.51 -20.32 -34.64
N LEU C 96 19.32 -20.90 -35.52
CA LEU C 96 20.69 -21.29 -35.22
C LEU C 96 21.54 -20.82 -36.39
N PRO C 97 22.48 -19.89 -36.19
CA PRO C 97 22.81 -19.27 -34.89
C PRO C 97 21.69 -18.37 -34.36
N ALA C 98 21.63 -18.26 -33.03
CA ALA C 98 20.67 -17.36 -32.41
C ALA C 98 21.05 -15.92 -32.68
N THR C 99 20.06 -15.04 -32.70
CA THR C 99 20.29 -13.64 -33.06
C THR C 99 20.88 -12.92 -31.85
N VAL C 100 22.21 -12.90 -31.77
CA VAL C 100 22.88 -12.36 -30.58
C VAL C 100 23.92 -11.30 -30.94
N ASP C 101 24.24 -11.13 -32.23
CA ASP C 101 25.25 -10.15 -32.63
C ASP C 101 25.11 -9.88 -34.12
N ARG C 102 26.02 -9.05 -34.66
CA ARG C 102 25.85 -8.60 -36.04
C ARG C 102 26.00 -9.75 -37.03
N ALA C 103 26.99 -10.63 -36.83
CA ALA C 103 27.18 -11.74 -37.75
C ALA C 103 25.97 -12.67 -37.79
N SER C 104 25.34 -12.91 -36.63
CA SER C 104 24.23 -13.86 -36.66
C SER C 104 22.98 -13.25 -37.30
N ILE C 105 22.72 -11.95 -37.07
CA ILE C 105 21.52 -11.38 -37.68
C ILE C 105 21.73 -11.17 -39.19
N GLU C 106 22.94 -10.79 -39.59
CA GLU C 106 23.20 -10.63 -41.02
C GLU C 106 23.10 -11.96 -41.76
N LEU C 107 23.61 -13.03 -41.15
CA LEU C 107 23.32 -14.37 -41.66
C LEU C 107 21.81 -14.58 -41.80
N LYS C 108 21.03 -14.15 -40.80
CA LYS C 108 19.59 -14.28 -40.89
C LYS C 108 19.02 -13.45 -42.03
N PHE C 109 19.49 -12.21 -42.19
CA PHE C 109 18.97 -11.39 -43.28
C PHE C 109 19.14 -12.10 -44.61
N ASP C 110 20.25 -12.82 -44.80
CA ASP C 110 20.50 -13.50 -46.06
C ASP C 110 19.53 -14.66 -46.27
N ALA C 111 19.22 -15.41 -45.21
CA ALA C 111 18.25 -16.49 -45.34
C ALA C 111 16.85 -15.98 -45.66
N ALA C 112 16.52 -14.75 -45.26
CA ALA C 112 15.12 -14.32 -45.41
C ALA C 112 14.79 -13.82 -46.80
N LYS C 113 15.78 -13.53 -47.64
CA LYS C 113 15.56 -12.83 -48.91
C LYS C 113 14.46 -13.48 -49.74
N GLY C 114 13.48 -12.68 -50.14
CA GLY C 114 12.37 -13.17 -50.94
C GLY C 114 11.38 -14.07 -50.24
N LYS C 115 11.48 -14.24 -48.92
CA LYS C 115 10.56 -15.10 -48.18
C LYS C 115 9.61 -14.34 -47.27
N LEU C 116 9.83 -13.03 -47.07
CA LEU C 116 9.04 -12.24 -46.13
C LEU C 116 7.72 -11.85 -46.79
N THR C 117 6.63 -12.46 -46.35
CA THR C 117 5.32 -12.02 -46.80
C THR C 117 4.82 -10.80 -46.02
N ILE C 118 5.29 -10.62 -44.78
CA ILE C 118 4.91 -9.49 -43.94
C ILE C 118 6.18 -8.74 -43.52
N ASP C 119 5.99 -7.63 -42.80
CA ASP C 119 7.12 -6.88 -42.28
C ASP C 119 7.56 -7.49 -40.94
N ALA C 120 8.84 -7.31 -40.61
CA ALA C 120 9.44 -8.00 -39.45
C ALA C 120 10.42 -7.07 -38.74
N ALA C 121 10.02 -6.54 -37.60
CA ALA C 121 10.99 -5.98 -36.67
C ALA C 121 11.70 -7.12 -35.94
N GLN C 122 12.82 -6.80 -35.28
CA GLN C 122 13.77 -7.80 -34.81
C GLN C 122 14.06 -7.63 -33.33
N LEU C 123 14.12 -8.76 -32.62
CA LEU C 123 14.58 -8.81 -31.24
C LEU C 123 15.94 -9.48 -31.19
N GLY C 124 16.83 -8.93 -30.37
CA GLY C 124 18.06 -9.62 -30.07
C GLY C 124 17.89 -10.57 -28.90
N GLY C 125 18.92 -11.39 -28.70
CA GLY C 125 19.01 -12.24 -27.52
C GLY C 125 20.02 -11.68 -26.56
N LEU C 126 19.64 -11.60 -25.29
CA LEU C 126 20.55 -11.37 -24.18
C LEU C 126 20.82 -12.75 -23.62
N VAL C 127 22.03 -13.26 -23.87
CA VAL C 127 22.36 -14.62 -23.51
C VAL C 127 23.66 -14.60 -22.71
N SER C 128 24.00 -15.75 -22.16
CA SER C 128 25.16 -15.80 -21.27
C SER C 128 26.41 -15.23 -21.92
N TYR C 129 26.56 -15.42 -23.24
CA TYR C 129 27.85 -15.22 -23.88
C TYR C 129 27.95 -13.96 -24.75
N ASN C 130 26.98 -13.03 -24.70
CA ASN C 130 27.12 -11.82 -25.52
C ASN C 130 26.96 -10.53 -24.72
N ILE C 131 27.04 -10.60 -23.39
CA ILE C 131 26.75 -9.43 -22.57
C ILE C 131 27.68 -8.28 -22.92
N ASP C 132 28.91 -8.59 -23.31
CA ASP C 132 29.87 -7.56 -23.67
C ASP C 132 29.68 -7.02 -25.07
N ARG C 133 28.70 -7.52 -25.83
CA ARG C 133 28.56 -7.19 -27.24
C ARG C 133 27.15 -6.75 -27.59
N LEU C 134 26.36 -6.33 -26.59
CA LEU C 134 24.96 -5.94 -26.83
C LEU C 134 24.88 -4.75 -27.79
N HIS C 135 25.90 -3.88 -27.79
CA HIS C 135 25.89 -2.71 -28.66
C HIS C 135 25.78 -3.09 -30.14
N GLU C 136 26.19 -4.29 -30.53
CA GLU C 136 26.21 -4.64 -31.95
C GLU C 136 24.80 -4.69 -32.52
N LEU C 137 23.89 -5.42 -31.84
CA LEU C 137 22.52 -5.51 -32.32
C LEU C 137 21.75 -4.21 -32.13
N ASP C 138 22.06 -3.46 -31.06
CA ASP C 138 21.53 -2.11 -30.94
C ASP C 138 21.89 -1.28 -32.16
N GLU C 139 23.16 -1.35 -32.59
CA GLU C 139 23.59 -0.62 -33.79
C GLU C 139 22.80 -1.06 -35.01
N VAL C 140 22.70 -2.38 -35.23
CA VAL C 140 21.93 -2.88 -36.36
C VAL C 140 20.49 -2.39 -36.30
N GLY C 141 19.91 -2.34 -35.10
CA GLY C 141 18.58 -1.78 -34.97
C GLY C 141 17.50 -2.75 -34.51
N VAL C 142 17.85 -3.75 -33.69
CA VAL C 142 16.80 -4.50 -33.02
C VAL C 142 15.99 -3.56 -32.15
N VAL C 143 14.79 -4.02 -31.79
CA VAL C 143 13.83 -3.20 -31.06
C VAL C 143 13.75 -3.61 -29.59
N GLY C 144 14.51 -4.61 -29.20
CA GLY C 144 14.60 -5.04 -27.82
C GLY C 144 15.43 -6.29 -27.74
N PHE C 145 15.65 -6.76 -26.52
CA PHE C 145 16.41 -7.99 -26.26
C PHE C 145 15.62 -8.97 -25.37
N KCX C 146 15.48 -10.21 -25.85
CA KCX C 146 14.78 -11.30 -25.15
CB KCX C 146 14.13 -12.25 -26.15
CG KCX C 146 12.80 -12.91 -25.74
CD KCX C 146 12.67 -13.31 -24.30
CE KCX C 146 11.46 -14.21 -24.10
NZ KCX C 146 11.22 -15.12 -25.28
C KCX C 146 15.78 -12.08 -24.30
O KCX C 146 16.91 -12.34 -24.75
CX KCX C 146 10.41 -16.18 -25.21
OQ1 KCX C 146 9.80 -16.47 -24.15
OQ2 KCX C 146 10.25 -16.90 -26.20
N CYS C 147 15.38 -12.47 -23.10
CA CYS C 147 16.16 -13.43 -22.33
C CYS C 147 15.29 -14.35 -21.49
N PHE C 148 15.94 -15.38 -20.92
CA PHE C 148 15.35 -16.31 -19.96
C PHE C 148 16.22 -16.27 -18.72
N VAL C 149 15.63 -15.97 -17.57
CA VAL C 149 16.44 -15.84 -16.33
C VAL C 149 16.38 -17.15 -15.53
N ALA C 150 17.54 -17.74 -15.26
CA ALA C 150 17.61 -19.00 -14.49
C ALA C 150 18.71 -18.88 -13.44
N ARG C 155 23.03 -24.19 -19.94
CA ARG C 155 22.45 -25.49 -20.36
C ARG C 155 21.96 -25.38 -21.80
N GLY C 156 22.83 -25.60 -22.79
CA GLY C 156 22.39 -25.57 -24.17
C GLY C 156 23.52 -25.82 -25.15
N ILE C 157 23.22 -25.51 -26.43
CA ILE C 157 24.10 -25.66 -27.58
C ILE C 157 24.93 -24.39 -27.73
N ASP C 158 26.13 -24.53 -28.30
CA ASP C 158 26.91 -23.34 -28.66
C ASP C 158 26.23 -22.62 -29.83
N ASN C 159 26.37 -21.30 -29.87
CA ASN C 159 25.68 -20.43 -30.82
C ASN C 159 24.15 -20.54 -30.72
N ASP C 160 23.63 -21.23 -29.70
CA ASP C 160 22.20 -21.37 -29.52
C ASP C 160 21.72 -20.27 -28.56
N PHE C 161 20.43 -20.26 -28.29
CA PHE C 161 19.91 -19.40 -27.24
C PHE C 161 20.14 -20.08 -25.89
N ARG C 162 20.63 -19.31 -24.93
CA ARG C 162 20.88 -19.82 -23.59
C ARG C 162 20.33 -18.86 -22.56
N ASP C 163 20.05 -19.40 -21.38
CA ASP C 163 19.58 -18.60 -20.26
C ASP C 163 20.69 -17.70 -19.74
N VAL C 164 20.28 -16.66 -19.03
CA VAL C 164 21.19 -15.85 -18.23
C VAL C 164 20.91 -16.11 -16.76
N ASN C 165 21.96 -16.07 -15.95
CA ASN C 165 21.76 -16.17 -14.50
C ASN C 165 21.46 -14.76 -13.96
N ASP C 166 21.19 -14.65 -12.65
CA ASP C 166 20.84 -13.35 -12.08
C ASP C 166 21.88 -12.28 -12.41
N TRP C 167 23.17 -12.66 -12.38
CA TRP C 167 24.22 -11.68 -12.60
C TRP C 167 24.25 -11.21 -14.04
N GLN C 168 24.26 -12.17 -14.97
CA GLN C 168 24.20 -11.85 -16.39
C GLN C 168 22.96 -11.02 -16.71
N PHE C 169 21.82 -11.34 -16.11
CA PHE C 169 20.62 -10.53 -16.35
C PHE C 169 20.82 -9.10 -15.84
N PHE C 170 21.29 -8.96 -14.61
CA PHE C 170 21.50 -7.63 -14.06
C PHE C 170 22.48 -6.82 -14.90
N LYS C 171 23.66 -7.40 -15.17
CA LYS C 171 24.67 -6.68 -15.96
C LYS C 171 24.18 -6.39 -17.38
N GLY C 172 23.49 -7.34 -18.00
CA GLY C 172 22.98 -7.09 -19.34
C GLY C 172 21.91 -6.01 -19.35
N ALA C 173 20.98 -6.10 -18.39
CA ALA C 173 19.93 -5.08 -18.28
C ALA C 173 20.52 -3.69 -18.07
N GLN C 174 21.57 -3.59 -17.24
CA GLN C 174 22.20 -2.30 -16.99
C GLN C 174 22.77 -1.72 -18.27
N LYS C 175 23.42 -2.54 -19.09
CA LYS C 175 23.90 -2.08 -20.37
C LYS C 175 22.75 -1.69 -21.28
N LEU C 176 21.70 -2.51 -21.29
CA LEU C 176 20.57 -2.24 -22.18
C LEU C 176 19.85 -0.94 -21.80
N GLY C 177 19.70 -0.71 -20.49
CA GLY C 177 19.18 0.58 -20.05
C GLY C 177 20.00 1.73 -20.57
N GLU C 178 21.33 1.54 -20.65
CA GLU C 178 22.23 2.59 -21.15
C GLU C 178 22.00 2.86 -22.64
N LEU C 179 21.76 1.80 -23.42
CA LEU C 179 21.51 1.91 -24.84
C LEU C 179 20.08 2.34 -25.19
N GLY C 180 19.15 2.33 -24.23
CA GLY C 180 17.76 2.66 -24.54
C GLY C 180 16.96 1.51 -25.12
N GLN C 181 17.31 0.28 -24.77
CA GLN C 181 16.68 -0.94 -25.26
C GLN C 181 15.92 -1.62 -24.15
N PRO C 182 14.68 -2.05 -24.39
CA PRO C 182 13.96 -2.82 -23.38
C PRO C 182 14.44 -4.26 -23.36
N VAL C 183 14.25 -4.90 -22.21
CA VAL C 183 14.54 -6.32 -22.05
C VAL C 183 13.20 -7.04 -21.88
N LEU C 184 13.03 -8.13 -22.63
CA LEU C 184 11.83 -8.94 -22.57
C LEU C 184 12.19 -10.26 -21.88
N VAL C 185 11.35 -10.70 -20.95
CA VAL C 185 11.71 -11.84 -20.12
C VAL C 185 10.58 -12.88 -20.09
N HIS C 186 10.94 -14.13 -20.35
CA HIS C 186 10.11 -15.30 -20.03
C HIS C 186 10.26 -15.55 -18.54
N CYS C 187 9.18 -15.36 -17.79
CA CYS C 187 9.25 -15.31 -16.33
C CYS C 187 8.64 -16.55 -15.71
N GLU C 188 9.48 -17.58 -15.51
CA GLU C 188 9.10 -18.73 -14.71
C GLU C 188 10.31 -19.15 -13.89
N ASN C 189 10.08 -19.58 -12.65
CA ASN C 189 11.19 -20.18 -11.95
C ASN C 189 11.44 -21.56 -12.55
N ALA C 190 12.36 -21.62 -13.53
CA ALA C 190 12.56 -22.83 -14.33
C ALA C 190 13.03 -24.01 -13.48
N LEU C 191 13.82 -23.75 -12.44
CA LEU C 191 14.29 -24.82 -11.57
C LEU C 191 13.14 -25.51 -10.86
N ILE C 192 12.20 -24.75 -10.31
CA ILE C 192 11.14 -25.36 -9.50
C ILE C 192 10.16 -26.10 -10.41
N CYS C 193 9.89 -25.54 -11.60
CA CYS C 193 9.01 -26.22 -12.56
C CYS C 193 9.61 -27.56 -13.00
N ASP C 194 10.88 -27.54 -13.44
CA ASP C 194 11.60 -28.78 -13.76
C ASP C 194 11.48 -29.80 -12.65
N GLU C 195 11.78 -29.40 -11.40
CA GLU C 195 11.85 -30.38 -10.33
C GLU C 195 10.48 -30.94 -9.98
N LEU C 196 9.45 -30.07 -9.96
CA LEU C 196 8.10 -30.56 -9.76
C LEU C 196 7.69 -31.46 -10.93
N GLY C 197 8.10 -31.10 -12.14
CA GLY C 197 7.80 -31.94 -13.29
C GLY C 197 8.39 -33.33 -13.14
N GLU C 198 9.67 -33.41 -12.77
CA GLU C 198 10.26 -34.72 -12.50
C GLU C 198 9.47 -35.48 -11.45
N GLU C 199 9.12 -34.80 -10.35
CA GLU C 199 8.30 -35.41 -9.32
C GLU C 199 7.06 -36.06 -9.93
N ALA C 200 6.32 -35.31 -10.75
CA ALA C 200 5.11 -35.85 -11.36
C ALA C 200 5.40 -37.15 -12.10
N LYS C 201 6.35 -37.13 -13.02
CA LYS C 201 6.74 -38.34 -13.75
C LYS C 201 7.04 -39.49 -12.79
N ARG C 202 7.90 -39.23 -11.79
CA ARG C 202 8.23 -40.23 -10.78
C ARG C 202 6.97 -40.90 -10.25
N GLU C 203 5.97 -40.11 -9.90
CA GLU C 203 4.74 -40.64 -9.33
C GLU C 203 3.78 -41.16 -10.38
N GLY C 204 4.17 -41.14 -11.65
CA GLY C 204 3.29 -41.60 -12.71
C GLY C 204 2.13 -40.67 -13.01
N ARG C 205 2.27 -39.38 -12.71
CA ARG C 205 1.20 -38.40 -12.89
C ARG C 205 1.55 -37.55 -14.12
N VAL C 206 0.81 -37.75 -15.20
CA VAL C 206 1.25 -37.17 -16.48
C VAL C 206 0.10 -36.61 -17.30
N THR C 207 -1.02 -36.32 -16.67
CA THR C 207 -2.11 -35.67 -17.38
C THR C 207 -1.83 -34.18 -17.54
N ALA C 208 -2.65 -33.51 -18.36
CA ALA C 208 -2.53 -32.07 -18.49
C ALA C 208 -2.69 -31.39 -17.15
N HIS C 209 -3.61 -31.88 -16.32
CA HIS C 209 -3.77 -31.29 -15.00
C HIS C 209 -2.52 -31.47 -14.16
N ASP C 210 -1.82 -32.60 -14.32
CA ASP C 210 -0.57 -32.77 -13.59
C ASP C 210 0.49 -31.79 -14.07
N TYR C 211 0.55 -31.57 -15.39
CA TYR C 211 1.53 -30.63 -15.92
C TYR C 211 1.30 -29.24 -15.37
N VAL C 212 0.04 -28.78 -15.33
CA VAL C 212 -0.21 -27.43 -14.87
C VAL C 212 0.17 -27.28 -13.39
N ALA C 213 -0.20 -28.27 -12.56
CA ALA C 213 0.21 -28.27 -11.15
C ALA C 213 1.73 -28.34 -10.99
N SER C 214 2.48 -28.81 -11.99
CA SER C 214 3.94 -28.80 -11.92
C SER C 214 4.54 -27.48 -12.38
N ARG C 215 3.73 -26.56 -12.90
CA ARG C 215 4.13 -25.19 -13.19
C ARG C 215 3.20 -24.22 -12.47
N PRO C 216 3.19 -24.24 -11.14
CA PRO C 216 2.19 -23.48 -10.38
C PRO C 216 2.33 -21.97 -10.56
N VAL C 217 1.21 -21.28 -10.29
CA VAL C 217 1.20 -19.81 -10.36
C VAL C 217 2.39 -19.22 -9.63
N PHE C 218 2.76 -19.77 -8.49
CA PHE C 218 3.78 -19.07 -7.72
C PHE C 218 5.15 -19.11 -8.40
N THR C 219 5.40 -20.06 -9.33
CA THR C 219 6.65 -20.00 -10.07
C THR C 219 6.63 -18.87 -11.09
N GLU C 220 5.47 -18.49 -11.59
CA GLU C 220 5.38 -17.28 -12.40
C GLU C 220 5.55 -16.02 -11.55
N VAL C 221 4.89 -15.96 -10.38
CA VAL C 221 4.94 -14.73 -9.60
C VAL C 221 6.35 -14.47 -9.05
N GLU C 222 7.02 -15.51 -8.54
CA GLU C 222 8.39 -15.36 -8.05
C GLU C 222 9.31 -14.79 -9.13
N ALA C 223 9.28 -15.40 -10.31
CA ALA C 223 10.16 -14.98 -11.40
C ALA C 223 9.85 -13.56 -11.86
N ILE C 224 8.57 -13.19 -11.90
CA ILE C 224 8.23 -11.82 -12.28
C ILE C 224 8.73 -10.85 -11.21
N ARG C 225 8.53 -11.19 -9.94
CA ARG C 225 8.98 -10.30 -8.88
C ARG C 225 10.49 -10.13 -8.88
N ARG C 226 11.24 -11.21 -9.16
CA ARG C 226 12.69 -11.10 -9.18
C ARG C 226 13.13 -10.18 -10.31
N VAL C 227 12.58 -10.40 -11.50
CA VAL C 227 12.96 -9.65 -12.68
C VAL C 227 12.52 -8.19 -12.55
N LEU C 228 11.29 -7.95 -12.08
CA LEU C 228 10.84 -6.58 -11.81
C LEU C 228 11.87 -5.84 -10.98
N TYR C 229 12.36 -6.46 -9.90
CA TYR C 229 13.25 -5.76 -8.98
C TYR C 229 14.66 -5.60 -9.57
N LEU C 230 15.16 -6.60 -10.30
CA LEU C 230 16.49 -6.47 -10.90
C LEU C 230 16.48 -5.49 -12.07
N ALA C 231 15.41 -5.47 -12.85
CA ALA C 231 15.37 -4.52 -13.95
C ALA C 231 15.29 -3.09 -13.41
N LYS C 232 14.54 -2.90 -12.32
CA LYS C 232 14.47 -1.60 -11.67
C LYS C 232 15.84 -1.12 -11.24
N VAL C 233 16.57 -1.94 -10.48
CA VAL C 233 17.89 -1.58 -9.99
C VAL C 233 18.86 -1.33 -11.13
N ALA C 234 18.78 -2.13 -12.21
CA ALA C 234 19.65 -1.92 -13.35
C ALA C 234 19.27 -0.67 -14.15
N GLY C 235 18.07 -0.13 -13.94
CA GLY C 235 17.64 1.00 -14.73
C GLY C 235 17.17 0.64 -16.12
N CYS C 236 16.60 -0.55 -16.29
CA CYS C 236 16.20 -1.06 -17.61
C CYS C 236 14.67 -1.11 -17.73
N ARG C 237 14.17 -0.63 -18.86
CA ARG C 237 12.78 -0.84 -19.21
C ARG C 237 12.50 -2.33 -19.45
N LEU C 238 11.34 -2.79 -19.00
CA LEU C 238 11.04 -4.22 -18.95
C LEU C 238 9.73 -4.53 -19.64
N HIS C 239 9.71 -5.63 -20.40
CA HIS C 239 8.49 -6.20 -20.95
C HIS C 239 8.36 -7.64 -20.47
N VAL C 240 7.29 -7.94 -19.74
CA VAL C 240 7.05 -9.30 -19.23
C VAL C 240 6.25 -10.10 -20.28
N CYS C 241 6.84 -11.20 -20.75
CA CYS C 241 6.26 -11.99 -21.83
C CYS C 241 5.12 -12.89 -21.34
N HIS C 242 4.26 -13.29 -22.27
CA HIS C 242 3.10 -14.17 -22.05
C HIS C 242 2.78 -14.45 -20.58
N VAL C 243 2.05 -13.54 -19.93
CA VAL C 243 1.62 -13.80 -18.57
C VAL C 243 0.45 -14.78 -18.61
N SER C 244 0.46 -15.75 -17.69
CA SER C 244 -0.52 -16.82 -17.72
C SER C 244 -1.55 -16.73 -16.59
N SER C 245 -1.37 -15.82 -15.64
CA SER C 245 -2.20 -15.80 -14.45
C SER C 245 -2.48 -14.36 -14.04
N PRO C 246 -3.66 -14.10 -13.48
CA PRO C 246 -3.96 -12.74 -13.00
C PRO C 246 -3.06 -12.33 -11.85
N GLU C 247 -2.51 -13.30 -11.11
CA GLU C 247 -1.53 -12.99 -10.07
C GLU C 247 -0.24 -12.43 -10.66
N GLY C 248 0.22 -12.95 -11.80
CA GLY C 248 1.37 -12.37 -12.44
C GLY C 248 1.11 -10.96 -12.94
N VAL C 249 -0.03 -10.76 -13.61
CA VAL C 249 -0.40 -9.41 -14.05
C VAL C 249 -0.37 -8.45 -12.88
N GLU C 250 -0.88 -8.87 -11.73
CA GLU C 250 -1.01 -7.97 -10.60
C GLU C 250 0.36 -7.48 -10.13
N GLU C 251 1.37 -8.36 -10.16
CA GLU C 251 2.73 -7.93 -9.88
C GLU C 251 3.16 -6.82 -10.83
N VAL C 252 2.85 -6.98 -12.13
CA VAL C 252 3.22 -5.96 -13.10
C VAL C 252 2.48 -4.65 -12.80
N THR C 253 1.17 -4.74 -12.55
CA THR C 253 0.38 -3.55 -12.28
C THR C 253 0.89 -2.83 -11.05
N ARG C 254 1.16 -3.56 -9.98
CA ARG C 254 1.69 -2.93 -8.75
C ARG C 254 3.00 -2.16 -9.05
N ALA C 255 3.93 -2.80 -9.76
CA ALA C 255 5.19 -2.12 -10.06
C ALA C 255 4.97 -0.85 -10.89
N ARG C 256 4.11 -0.91 -11.91
CA ARG C 256 3.83 0.28 -12.72
C ARG C 256 3.27 1.40 -11.86
N GLN C 257 2.32 1.07 -10.99
CA GLN C 257 1.68 2.05 -10.14
C GLN C 257 2.67 2.70 -9.19
N GLU C 258 3.79 2.04 -8.92
CA GLU C 258 4.89 2.63 -8.17
C GLU C 258 5.85 3.43 -9.05
N GLY C 259 5.60 3.51 -10.36
CA GLY C 259 6.45 4.29 -11.24
C GLY C 259 7.43 3.50 -12.10
N GLN C 260 7.46 2.17 -12.01
CA GLN C 260 8.41 1.41 -12.81
C GLN C 260 7.93 1.34 -14.26
N ASP C 261 8.88 1.41 -15.20
CA ASP C 261 8.56 1.32 -16.65
C ASP C 261 8.52 -0.15 -17.05
N VAL C 262 7.36 -0.75 -16.88
CA VAL C 262 7.20 -2.18 -17.24
C VAL C 262 5.91 -2.35 -18.03
N THR C 263 5.94 -3.24 -19.00
CA THR C 263 4.75 -3.58 -19.81
C THR C 263 4.61 -5.10 -19.77
N CYS C 264 3.42 -5.63 -20.05
CA CYS C 264 3.28 -7.06 -20.18
C CYS C 264 2.37 -7.40 -21.35
N GLU C 265 2.33 -8.69 -21.69
CA GLU C 265 1.57 -9.22 -22.82
C GLU C 265 0.94 -10.53 -22.38
N SER C 266 -0.03 -11.01 -23.16
CA SER C 266 -0.49 -12.36 -23.01
C SER C 266 -0.85 -12.88 -24.40
N CYS C 267 -1.44 -14.08 -24.45
CA CYS C 267 -1.68 -14.78 -25.68
C CYS C 267 -3.11 -15.28 -25.73
N PRO C 268 -3.67 -15.42 -26.93
CA PRO C 268 -5.04 -15.93 -27.04
C PRO C 268 -5.25 -17.24 -26.31
N HIS C 269 -4.27 -18.16 -26.31
CA HIS C 269 -4.54 -19.45 -25.70
C HIS C 269 -4.80 -19.34 -24.21
N TYR C 270 -4.34 -18.29 -23.55
CA TYR C 270 -4.65 -18.15 -22.12
C TYR C 270 -6.02 -17.52 -21.88
N PHE C 271 -6.69 -17.02 -22.93
CA PHE C 271 -8.04 -16.48 -22.79
C PHE C 271 -9.11 -17.40 -23.36
N VAL C 272 -8.71 -18.34 -24.21
CA VAL C 272 -9.64 -19.09 -25.04
C VAL C 272 -9.58 -20.59 -24.79
N LEU C 273 -8.53 -21.09 -24.12
CA LEU C 273 -8.43 -22.47 -23.69
C LEU C 273 -8.33 -22.51 -22.17
N ASP C 274 -8.70 -23.67 -21.59
CA ASP C 274 -8.40 -23.96 -20.20
C ASP C 274 -7.84 -25.37 -20.09
N THR C 275 -7.42 -25.73 -18.88
CA THR C 275 -6.77 -27.03 -18.67
C THR C 275 -7.67 -28.19 -19.09
N ASP C 276 -8.99 -28.07 -18.87
CA ASP C 276 -9.90 -29.15 -19.25
C ASP C 276 -9.92 -29.35 -20.75
N GLN C 277 -9.89 -28.25 -21.51
CA GLN C 277 -9.74 -28.40 -22.95
C GLN C 277 -8.35 -28.95 -23.29
N PHE C 278 -7.31 -28.42 -22.62
CA PHE C 278 -5.95 -28.91 -22.80
C PHE C 278 -5.91 -30.43 -22.68
N GLU C 279 -6.58 -30.99 -21.67
CA GLU C 279 -6.59 -32.43 -21.47
C GLU C 279 -7.18 -33.17 -22.68
N GLU C 280 -8.26 -32.64 -23.26
CA GLU C 280 -8.88 -33.30 -24.40
C GLU C 280 -8.02 -33.15 -25.64
N ILE C 281 -7.37 -32.00 -25.80
CA ILE C 281 -6.52 -31.76 -26.95
C ILE C 281 -5.21 -32.55 -26.87
N GLY C 282 -4.66 -32.75 -25.68
CA GLY C 282 -3.34 -33.36 -25.59
C GLY C 282 -2.19 -32.37 -25.80
N THR C 283 -1.06 -32.89 -26.31
CA THR C 283 0.20 -32.16 -26.29
C THR C 283 0.21 -30.94 -27.21
N LEU C 284 -0.66 -30.87 -28.22
CA LEU C 284 -0.73 -29.67 -29.03
C LEU C 284 -1.11 -28.42 -28.21
N ALA C 285 -1.71 -28.58 -27.03
CA ALA C 285 -2.05 -27.45 -26.17
C ALA C 285 -1.11 -27.34 -24.98
N LYS C 286 0.04 -28.01 -25.03
CA LYS C 286 1.07 -27.87 -23.97
C LYS C 286 1.95 -26.67 -24.31
N CYS C 287 2.17 -25.80 -23.33
CA CYS C 287 3.04 -24.60 -23.51
C CYS C 287 3.77 -24.31 -22.20
N SER C 288 4.93 -23.64 -22.25
CA SER C 288 5.79 -23.50 -21.05
C SER C 288 5.05 -22.72 -19.98
N PRO C 289 4.66 -21.45 -20.16
CA PRO C 289 3.79 -20.83 -19.18
C PRO C 289 2.52 -21.64 -19.50
N PRO C 290 2.00 -22.49 -18.59
CA PRO C 290 0.86 -23.38 -18.90
C PRO C 290 -0.54 -22.78 -19.01
N ILE C 291 -1.41 -23.40 -19.83
CA ILE C 291 -2.81 -22.98 -19.88
C ILE C 291 -3.51 -23.44 -18.62
N ARG C 292 -4.00 -22.48 -17.83
CA ARG C 292 -4.49 -22.76 -16.50
C ARG C 292 -6.01 -22.98 -16.52
N ASP C 293 -6.63 -23.13 -15.34
CA ASP C 293 -8.04 -23.51 -15.26
C ASP C 293 -8.97 -22.33 -15.58
N LEU C 294 -10.26 -22.65 -15.71
CA LEU C 294 -11.22 -21.66 -16.20
C LEU C 294 -11.33 -20.49 -15.24
N GLU C 295 -11.21 -20.76 -13.93
CA GLU C 295 -11.27 -19.70 -12.92
C GLU C 295 -10.10 -18.72 -13.08
N ASN C 296 -8.93 -19.24 -13.45
CA ASN C 296 -7.81 -18.40 -13.84
C ASN C 296 -8.16 -17.61 -15.09
N GLN C 297 -8.80 -18.27 -16.08
CA GLN C 297 -9.17 -17.60 -17.32
C GLN C 297 -10.14 -16.45 -17.07
N LYS C 298 -11.10 -16.63 -16.17
CA LYS C 298 -12.00 -15.53 -15.82
C LYS C 298 -11.20 -14.34 -15.30
N GLY C 299 -10.21 -14.60 -14.45
CA GLY C 299 -9.37 -13.50 -13.98
C GLY C 299 -8.61 -12.81 -15.09
N MET C 300 -8.07 -13.59 -16.03
CA MET C 300 -7.35 -12.96 -17.12
C MET C 300 -8.25 -12.04 -17.95
N TRP C 301 -9.48 -12.47 -18.26
CA TRP C 301 -10.37 -11.58 -19.00
C TRP C 301 -10.63 -10.27 -18.24
N GLU C 302 -10.72 -10.34 -16.90
CA GLU C 302 -10.92 -9.11 -16.13
C GLU C 302 -9.70 -8.19 -16.21
N LYS C 303 -8.50 -8.77 -16.07
CA LYS C 303 -7.28 -7.98 -16.23
C LYS C 303 -7.25 -7.33 -17.61
N LEU C 304 -7.61 -8.10 -18.64
CA LEU C 304 -7.55 -7.62 -20.01
C LEU C 304 -8.50 -6.44 -20.21
N PHE C 305 -9.73 -6.58 -19.72
CA PHE C 305 -10.72 -5.52 -19.85
C PHE C 305 -10.37 -4.33 -18.98
N ASN C 306 -9.59 -4.54 -17.92
CA ASN C 306 -9.22 -3.44 -17.04
C ASN C 306 -8.01 -2.68 -17.56
N GLY C 307 -7.49 -3.03 -18.73
CA GLY C 307 -6.32 -2.34 -19.27
C GLY C 307 -5.00 -2.70 -18.61
N GLU C 308 -4.93 -3.84 -17.92
CA GLU C 308 -3.69 -4.23 -17.23
C GLU C 308 -2.76 -5.09 -18.08
N ILE C 309 -3.17 -5.48 -19.29
CA ILE C 309 -2.35 -6.26 -20.22
C ILE C 309 -2.18 -5.42 -21.48
N ASP C 310 -0.93 -5.06 -21.80
CA ASP C 310 -0.71 -4.07 -22.86
C ASP C 310 -0.97 -4.64 -24.25
N CYS C 311 -0.52 -5.86 -24.54
CA CYS C 311 -0.76 -6.43 -25.86
C CYS C 311 -1.06 -7.92 -25.79
N LEU C 312 -1.70 -8.40 -26.86
CA LEU C 312 -1.88 -9.81 -27.14
C LEU C 312 -0.98 -10.18 -28.32
N VAL C 313 -0.26 -11.29 -28.17
CA VAL C 313 0.76 -11.76 -29.11
C VAL C 313 0.54 -13.25 -29.27
N SER C 314 1.15 -13.83 -30.31
CA SER C 314 0.90 -15.25 -30.57
C SER C 314 1.70 -16.17 -29.67
N ASP C 315 2.96 -15.82 -29.38
CA ASP C 315 3.96 -16.81 -28.96
C ASP C 315 3.87 -18.05 -29.83
N HIS C 316 3.74 -17.85 -31.14
CA HIS C 316 3.79 -18.95 -32.12
C HIS C 316 5.04 -19.76 -31.86
N SER C 317 4.86 -21.01 -31.43
CA SER C 317 5.95 -21.88 -30.98
C SER C 317 5.79 -23.27 -31.60
N PRO C 318 5.90 -23.38 -32.92
CA PRO C 318 5.68 -24.66 -33.57
C PRO C 318 6.89 -25.58 -33.42
N CYS C 319 6.67 -26.84 -33.78
CA CYS C 319 7.74 -27.82 -33.80
C CYS C 319 7.30 -28.98 -34.69
N PRO C 320 8.24 -29.81 -35.14
CA PRO C 320 7.84 -30.97 -35.94
C PRO C 320 6.96 -31.88 -35.11
N PRO C 321 5.91 -32.46 -35.69
CA PRO C 321 4.95 -33.25 -34.89
C PRO C 321 5.57 -34.39 -34.11
N GLU C 322 6.70 -34.95 -34.54
CA GLU C 322 7.36 -36.00 -33.77
C GLU C 322 7.70 -35.52 -32.37
N MET C 323 7.94 -34.22 -32.18
CA MET C 323 8.24 -33.75 -30.83
C MET C 323 6.99 -33.59 -29.98
N LYS C 324 5.82 -33.72 -30.56
CA LYS C 324 4.57 -33.71 -29.82
C LYS C 324 4.14 -35.10 -29.38
N ALA C 325 4.88 -36.15 -29.75
CA ALA C 325 4.55 -37.50 -29.33
C ALA C 325 4.93 -37.70 -27.88
N GLY C 326 4.40 -38.77 -27.29
CA GLY C 326 4.63 -39.01 -25.88
C GLY C 326 3.59 -38.32 -25.02
N ASN C 327 3.65 -38.62 -23.73
CA ASN C 327 2.67 -38.05 -22.81
C ASN C 327 2.96 -36.55 -22.64
N ILE C 328 2.16 -35.91 -21.77
CA ILE C 328 2.22 -34.46 -21.68
C ILE C 328 3.54 -34.01 -21.06
N MET C 329 4.04 -34.75 -20.09
CA MET C 329 5.33 -34.39 -19.44
C MET C 329 6.51 -34.51 -20.41
N GLU C 330 6.43 -35.38 -21.41
CA GLU C 330 7.59 -35.61 -22.31
C GLU C 330 7.57 -34.71 -23.55
N ALA C 331 6.40 -34.37 -24.06
CA ALA C 331 6.32 -33.61 -25.34
C ALA C 331 6.94 -32.22 -25.26
N TRP C 332 7.27 -31.68 -26.43
CA TRP C 332 7.81 -30.30 -26.49
C TRP C 332 6.66 -29.32 -26.31
N GLY C 333 6.84 -28.32 -25.45
CA GLY C 333 5.82 -27.29 -25.27
C GLY C 333 5.86 -26.23 -26.35
N GLY C 334 4.68 -25.68 -26.65
CA GLY C 334 4.55 -24.58 -27.58
C GLY C 334 3.28 -24.63 -28.40
N ILE C 335 2.61 -23.49 -28.59
CA ILE C 335 1.34 -23.45 -29.33
C ILE C 335 1.60 -22.93 -30.74
N ALA C 336 1.19 -23.71 -31.73
CA ALA C 336 1.11 -23.22 -33.11
C ALA C 336 -0.24 -22.53 -33.27
N GLY C 337 -0.23 -21.20 -33.32
CA GLY C 337 -1.46 -20.43 -33.27
C GLY C 337 -1.34 -19.08 -33.97
N LEU C 338 -0.24 -18.88 -34.67
CA LEU C 338 -0.01 -17.63 -35.40
C LEU C 338 -1.20 -17.26 -36.29
N GLN C 339 -1.82 -18.23 -36.94
CA GLN C 339 -2.84 -17.91 -37.94
C GLN C 339 -4.16 -17.49 -37.32
N ASN C 340 -4.38 -17.80 -36.05
CA ASN C 340 -5.67 -17.64 -35.41
C ASN C 340 -5.58 -16.77 -34.17
N CYS C 341 -4.84 -15.69 -34.28
CA CYS C 341 -4.85 -14.69 -33.20
C CYS C 341 -5.99 -13.70 -33.42
N MET C 342 -5.98 -13.01 -34.56
CA MET C 342 -6.95 -11.95 -34.80
C MET C 342 -8.37 -12.50 -34.80
N ASP C 343 -8.65 -13.49 -35.66
CA ASP C 343 -10.05 -13.90 -35.81
C ASP C 343 -10.58 -14.51 -34.52
N VAL C 344 -9.77 -15.29 -33.80
CA VAL C 344 -10.25 -15.87 -32.54
C VAL C 344 -10.44 -14.78 -31.47
N MET C 345 -9.54 -13.80 -31.41
CA MET C 345 -9.71 -12.75 -30.38
C MET C 345 -10.82 -11.77 -30.76
N PHE C 346 -11.03 -11.53 -32.05
CA PHE C 346 -12.18 -10.71 -32.42
C PHE C 346 -13.47 -11.39 -31.98
N ASP C 347 -13.57 -12.69 -32.25
CA ASP C 347 -14.76 -13.45 -31.83
C ASP C 347 -14.92 -13.42 -30.32
N GLU C 348 -13.88 -13.86 -29.60
CA GLU C 348 -14.04 -14.09 -28.15
C GLU C 348 -14.20 -12.78 -27.40
N ALA C 349 -13.43 -11.75 -27.78
CA ALA C 349 -13.41 -10.49 -27.05
C ALA C 349 -14.47 -9.51 -27.53
N VAL C 350 -14.58 -9.32 -28.84
CA VAL C 350 -15.47 -8.29 -29.37
C VAL C 350 -16.89 -8.82 -29.47
N GLN C 351 -17.06 -10.00 -30.06
CA GLN C 351 -18.40 -10.50 -30.32
C GLN C 351 -19.00 -11.19 -29.10
N LYS C 352 -18.21 -11.99 -28.40
CA LYS C 352 -18.76 -12.70 -27.25
C LYS C 352 -18.79 -11.86 -25.98
N ARG C 353 -17.83 -10.95 -25.78
CA ARG C 353 -17.66 -10.29 -24.50
C ARG C 353 -17.82 -8.78 -24.55
N GLY C 354 -18.11 -8.22 -25.71
CA GLY C 354 -18.49 -6.82 -25.80
C GLY C 354 -17.35 -5.81 -25.82
N MET C 355 -16.11 -6.25 -26.05
CA MET C 355 -14.99 -5.31 -26.05
C MET C 355 -15.17 -4.33 -27.21
N SER C 356 -14.73 -3.09 -26.98
CA SER C 356 -14.86 -2.05 -27.98
C SER C 356 -13.83 -2.27 -29.09
N LEU C 357 -14.21 -1.90 -30.31
CA LEU C 357 -13.29 -2.02 -31.43
C LEU C 357 -11.98 -1.26 -31.18
N PRO C 358 -11.99 0.00 -30.74
CA PRO C 358 -10.71 0.70 -30.58
C PRO C 358 -9.84 0.08 -29.49
N MET C 359 -10.43 -0.55 -28.47
CA MET C 359 -9.61 -1.30 -27.52
C MET C 359 -8.98 -2.51 -28.19
N PHE C 360 -9.76 -3.22 -29.00
CA PHE C 360 -9.22 -4.33 -29.79
C PHE C 360 -8.03 -3.88 -30.62
N GLY C 361 -8.21 -2.77 -31.36
CA GLY C 361 -7.11 -2.21 -32.13
C GLY C 361 -5.85 -1.99 -31.30
N LYS C 362 -5.99 -1.43 -30.09
CA LYS C 362 -4.82 -1.17 -29.25
C LYS C 362 -4.16 -2.48 -28.79
N LEU C 363 -4.98 -3.46 -28.38
CA LEU C 363 -4.42 -4.68 -27.81
C LEU C 363 -3.74 -5.53 -28.87
N MET C 364 -4.22 -5.47 -30.11
CA MET C 364 -3.70 -6.31 -31.18
C MET C 364 -2.60 -5.63 -31.98
N ALA C 365 -2.40 -4.32 -31.83
CA ALA C 365 -1.53 -3.63 -32.76
C ALA C 365 -0.87 -2.38 -32.20
N THR C 366 -1.69 -1.43 -31.72
CA THR C 366 -1.15 -0.10 -31.46
C THR C 366 -0.22 -0.11 -30.26
N ASN C 367 -0.63 -0.75 -29.18
CA ASN C 367 0.24 -0.81 -27.99
C ASN C 367 1.59 -1.44 -28.33
N ALA C 368 1.57 -2.60 -29.01
CA ALA C 368 2.82 -3.24 -29.41
C ALA C 368 3.70 -2.27 -30.20
N ALA C 369 3.10 -1.56 -31.17
CA ALA C 369 3.90 -0.65 -31.98
C ALA C 369 4.49 0.49 -31.15
N ASP C 370 3.74 1.00 -30.17
CA ASP C 370 4.24 2.10 -29.34
C ASP C 370 5.29 1.62 -28.35
N ILE C 371 5.07 0.46 -27.71
CA ILE C 371 6.07 -0.07 -26.78
C ILE C 371 7.40 -0.25 -27.47
N PHE C 372 7.41 -0.79 -28.68
CA PHE C 372 8.66 -1.13 -29.35
C PHE C 372 9.12 -0.06 -30.33
N GLY C 373 8.47 1.09 -30.36
CA GLY C 373 8.91 2.20 -31.18
C GLY C 373 8.80 2.00 -32.68
N LEU C 374 7.80 1.26 -33.16
CA LEU C 374 7.56 1.10 -34.60
C LEU C 374 6.71 2.27 -35.07
N GLN C 375 7.37 3.34 -35.51
CA GLN C 375 6.69 4.61 -35.78
C GLN C 375 5.67 4.50 -36.93
N GLN C 376 5.91 3.64 -37.90
CA GLN C 376 5.02 3.53 -39.04
C GLN C 376 3.86 2.54 -38.83
N LYS C 377 3.79 1.85 -37.68
CA LYS C 377 2.89 0.71 -37.55
C LYS C 377 1.85 0.92 -36.46
N GLY C 378 0.81 0.08 -36.50
CA GLY C 378 -0.08 -0.10 -35.37
C GLY C 378 -1.37 0.70 -35.38
N ARG C 379 -1.54 1.67 -36.27
CA ARG C 379 -2.68 2.57 -36.18
C ARG C 379 -3.06 3.13 -37.55
N ILE C 380 -4.36 3.28 -37.76
CA ILE C 380 -4.90 3.82 -39.01
C ILE C 380 -4.93 5.33 -38.85
N ALA C 381 -3.89 6.00 -39.32
CA ALA C 381 -3.72 7.42 -39.08
C ALA C 381 -2.87 8.00 -40.21
N PRO C 382 -3.03 9.28 -40.53
CA PRO C 382 -2.33 9.84 -41.70
C PRO C 382 -0.83 9.67 -41.56
N GLY C 383 -0.19 9.28 -42.66
CA GLY C 383 1.26 9.18 -42.71
C GLY C 383 1.81 7.86 -42.20
N LYS C 384 0.99 7.00 -41.61
CA LYS C 384 1.41 5.68 -41.20
C LYS C 384 1.38 4.72 -42.40
N ASP C 385 2.05 3.58 -42.23
CA ASP C 385 2.00 2.56 -43.27
C ASP C 385 0.56 2.08 -43.45
N ALA C 386 0.17 1.85 -44.70
CA ALA C 386 -1.16 1.34 -45.03
C ALA C 386 -1.21 -0.18 -44.82
N ASP C 387 -1.23 -0.56 -43.54
CA ASP C 387 -1.34 -1.96 -43.13
C ASP C 387 -2.70 -2.16 -42.50
N PHE C 388 -3.54 -2.98 -43.15
CA PHE C 388 -4.88 -3.25 -42.64
C PHE C 388 -5.19 -4.74 -42.72
N VAL C 389 -6.15 -5.17 -41.89
CA VAL C 389 -6.84 -6.44 -42.08
C VAL C 389 -8.35 -6.17 -42.09
N PHE C 390 -9.05 -6.77 -43.04
CA PHE C 390 -10.51 -6.69 -43.12
C PHE C 390 -11.07 -7.89 -42.37
N ILE C 391 -11.93 -7.63 -41.39
CA ILE C 391 -12.55 -8.69 -40.61
C ILE C 391 -14.05 -8.70 -40.93
N GLN C 392 -14.58 -9.89 -41.21
CA GLN C 392 -16.00 -10.06 -41.43
C GLN C 392 -16.63 -10.61 -40.16
N PRO C 393 -17.47 -9.85 -39.46
CA PRO C 393 -18.04 -10.34 -38.21
C PRO C 393 -19.21 -11.27 -38.47
N ASN C 394 -19.65 -11.94 -37.41
CA ASN C 394 -20.79 -12.84 -37.45
C ASN C 394 -20.75 -13.70 -38.72
N SER C 395 -19.56 -14.23 -38.99
CA SER C 395 -19.31 -15.09 -40.16
C SER C 395 -18.40 -16.21 -39.66
N SER C 396 -18.97 -17.39 -39.46
CA SER C 396 -18.26 -18.44 -38.75
C SER C 396 -17.68 -19.48 -39.71
N TYR C 397 -16.78 -20.30 -39.17
CA TYR C 397 -16.17 -21.38 -39.90
C TYR C 397 -15.51 -22.32 -38.91
N VAL C 398 -15.24 -23.54 -39.37
CA VAL C 398 -14.58 -24.56 -38.58
C VAL C 398 -13.17 -24.73 -39.14
N LEU C 399 -12.18 -24.57 -38.28
CA LEU C 399 -10.80 -24.61 -38.72
C LEU C 399 -10.37 -26.04 -39.01
N THR C 400 -9.74 -26.26 -40.16
CA THR C 400 -9.22 -27.58 -40.50
C THR C 400 -7.70 -27.54 -40.61
N ASN C 401 -7.09 -28.72 -40.59
CA ASN C 401 -5.65 -28.78 -40.83
C ASN C 401 -5.30 -28.19 -42.17
N ASP C 402 -6.18 -28.37 -43.17
CA ASP C 402 -5.91 -27.87 -44.51
C ASP C 402 -5.96 -26.34 -44.59
N ASP C 403 -6.67 -25.67 -43.67
CA ASP C 403 -6.68 -24.21 -43.64
C ASP C 403 -5.32 -23.63 -43.26
N LEU C 404 -4.54 -24.35 -42.45
CA LEU C 404 -3.33 -23.80 -41.85
C LEU C 404 -2.23 -23.63 -42.88
N GLU C 405 -1.55 -22.49 -42.86
CA GLU C 405 -0.40 -22.28 -43.73
C GLU C 405 0.93 -22.64 -43.06
N TYR C 406 0.93 -23.11 -41.82
CA TYR C 406 2.20 -23.42 -41.15
C TYR C 406 2.95 -24.50 -41.92
N ARG C 407 4.26 -24.60 -41.63
CA ARG C 407 5.02 -25.74 -42.14
C ARG C 407 4.37 -27.04 -41.68
N HIS C 408 4.09 -27.15 -40.39
CA HIS C 408 3.40 -28.32 -39.83
C HIS C 408 1.94 -27.93 -39.55
N LYS C 409 1.02 -28.55 -40.30
CA LYS C 409 -0.39 -28.16 -40.29
C LYS C 409 -1.13 -28.81 -39.12
N VAL C 410 -0.75 -28.37 -37.92
CA VAL C 410 -1.37 -28.79 -36.67
C VAL C 410 -1.59 -27.57 -35.79
N SER C 411 -2.59 -27.65 -34.92
CA SER C 411 -2.88 -26.53 -34.04
C SER C 411 -3.95 -26.96 -33.04
N PRO C 412 -3.88 -26.50 -31.79
CA PRO C 412 -4.91 -26.89 -30.83
C PRO C 412 -6.27 -26.28 -31.14
N TYR C 413 -6.35 -25.35 -32.09
CA TYR C 413 -7.62 -24.76 -32.50
C TYR C 413 -8.31 -25.51 -33.64
N VAL C 414 -7.68 -26.54 -34.22
CA VAL C 414 -8.30 -27.27 -35.31
C VAL C 414 -9.62 -27.86 -34.83
N GLY C 415 -10.64 -27.80 -35.70
CA GLY C 415 -11.97 -28.27 -35.35
C GLY C 415 -12.78 -27.34 -34.46
N ARG C 416 -12.25 -26.18 -34.09
CA ARG C 416 -12.99 -25.22 -33.29
C ARG C 416 -13.85 -24.32 -34.19
N THR C 417 -15.00 -23.90 -33.65
CA THR C 417 -15.85 -22.91 -34.31
C THR C 417 -15.33 -21.50 -34.00
N ILE C 418 -15.16 -20.69 -35.04
CA ILE C 418 -14.64 -19.34 -34.91
C ILE C 418 -15.60 -18.40 -35.64
N GLY C 419 -16.16 -17.45 -34.92
CA GLY C 419 -17.28 -16.65 -35.36
C GLY C 419 -16.99 -15.40 -36.17
N ALA C 420 -15.74 -15.19 -36.60
CA ALA C 420 -15.40 -14.13 -37.56
C ALA C 420 -14.30 -14.63 -38.49
N ARG C 421 -14.11 -13.93 -39.62
CA ARG C 421 -13.14 -14.36 -40.63
C ARG C 421 -12.27 -13.21 -41.11
N ILE C 422 -10.98 -13.51 -41.29
CA ILE C 422 -10.07 -12.62 -42.02
C ILE C 422 -10.39 -12.73 -43.50
N THR C 423 -10.73 -11.62 -44.15
CA THR C 423 -11.00 -11.71 -45.57
C THR C 423 -9.94 -11.05 -46.43
N LYS C 424 -9.11 -10.18 -45.85
CA LYS C 424 -8.11 -9.50 -46.65
C LYS C 424 -7.04 -8.94 -45.72
N THR C 425 -5.79 -9.05 -46.15
CA THR C 425 -4.67 -8.44 -45.44
C THR C 425 -3.92 -7.56 -46.42
N ILE C 426 -3.68 -6.31 -46.04
CA ILE C 426 -3.04 -5.31 -46.87
C ILE C 426 -1.76 -4.83 -46.17
N LEU C 427 -0.64 -4.83 -46.89
CA LEU C 427 0.65 -4.44 -46.35
C LEU C 427 1.23 -3.34 -47.21
N ARG C 428 1.46 -2.17 -46.60
CA ARG C 428 1.95 -1.00 -47.32
C ARG C 428 1.25 -0.84 -48.66
N GLY C 429 -0.08 -0.98 -48.61
CA GLY C 429 -0.92 -0.61 -49.73
C GLY C 429 -1.19 -1.69 -50.75
N ASP C 430 -0.65 -2.91 -50.55
CA ASP C 430 -0.86 -4.02 -51.46
C ASP C 430 -1.53 -5.16 -50.72
N VAL C 431 -2.54 -5.76 -51.34
CA VAL C 431 -3.19 -6.96 -50.82
C VAL C 431 -2.16 -8.09 -50.87
N ILE C 432 -1.79 -8.61 -49.69
CA ILE C 432 -0.85 -9.73 -49.63
C ILE C 432 -1.56 -11.04 -49.31
N TYR C 433 -2.73 -10.99 -48.66
CA TYR C 433 -3.58 -12.17 -48.51
C TYR C 433 -5.01 -11.77 -48.81
N ASP C 434 -5.74 -12.70 -49.47
CA ASP C 434 -7.15 -12.50 -49.76
C ASP C 434 -7.88 -13.83 -49.67
N ILE C 435 -8.95 -13.86 -48.88
CA ILE C 435 -9.74 -15.07 -48.73
C ILE C 435 -10.32 -15.52 -50.06
N GLU C 436 -10.35 -14.65 -51.06
CA GLU C 436 -10.89 -15.00 -52.36
C GLU C 436 -9.82 -15.32 -53.40
N GLN C 437 -8.56 -15.01 -53.14
CA GLN C 437 -7.52 -15.29 -54.13
C GLN C 437 -6.24 -15.87 -53.55
N GLY C 438 -6.17 -16.14 -52.25
CA GLY C 438 -4.91 -16.60 -51.67
C GLY C 438 -3.92 -15.44 -51.57
N PHE C 439 -2.69 -15.68 -52.04
CA PHE C 439 -1.57 -14.77 -51.86
C PHE C 439 -1.18 -14.22 -53.22
N PRO C 440 -1.73 -13.07 -53.64
CA PRO C 440 -1.65 -12.66 -55.05
C PRO C 440 -0.42 -11.86 -55.45
N VAL C 441 0.55 -11.64 -54.56
CA VAL C 441 1.80 -10.96 -54.94
C VAL C 441 2.97 -11.74 -54.36
N ALA C 442 4.11 -11.66 -55.04
CA ALA C 442 5.33 -12.24 -54.51
C ALA C 442 5.59 -11.61 -53.15
N PRO C 443 6.28 -12.31 -52.24
CA PRO C 443 6.59 -11.70 -50.93
C PRO C 443 7.22 -10.32 -51.03
N LYS C 444 6.58 -9.35 -50.36
CA LYS C 444 7.03 -7.98 -50.38
C LYS C 444 7.42 -7.47 -48.99
N GLY C 445 7.45 -8.33 -47.98
CA GLY C 445 7.83 -7.89 -46.65
C GLY C 445 9.26 -7.38 -46.59
N GLN C 446 9.49 -6.53 -45.59
CA GLN C 446 10.82 -5.99 -45.31
C GLN C 446 11.09 -6.08 -43.82
N PHE C 447 12.37 -6.19 -43.46
CA PHE C 447 12.77 -6.03 -42.07
C PHE C 447 12.61 -4.56 -41.66
N ILE C 448 12.28 -4.32 -40.40
CA ILE C 448 12.20 -2.99 -39.82
C ILE C 448 13.32 -2.83 -38.80
N LEU C 449 14.18 -1.85 -39.01
CA LEU C 449 15.31 -1.60 -38.13
C LEU C 449 15.12 -0.29 -37.38
N LYS C 450 15.35 -0.30 -36.08
CA LYS C 450 14.99 0.85 -35.18
C LYS C 450 15.45 2.23 -35.66
N HIS C 451 16.69 2.34 -36.11
CA HIS C 451 17.26 3.66 -36.44
C HIS C 451 17.03 4.01 -37.90
N GLN C 452 16.22 3.22 -38.59
CA GLN C 452 16.07 3.43 -40.05
C GLN C 452 14.60 3.57 -40.42
N GLN C 453 13.77 4.02 -39.48
CA GLN C 453 12.32 4.22 -39.77
C GLN C 453 12.04 5.72 -39.92
N SER D 2 14.28 -22.36 52.47
CA SER D 2 15.50 -21.57 52.38
C SER D 2 15.93 -21.38 50.92
N PHE D 3 16.12 -20.12 50.52
CA PHE D 3 16.65 -19.83 49.19
C PHE D 3 18.14 -20.11 49.14
N ASP D 4 18.62 -20.58 47.99
CA ASP D 4 20.06 -20.76 47.80
C ASP D 4 20.78 -19.43 47.69
N LEU D 5 20.11 -18.39 47.17
CA LEU D 5 20.79 -17.15 46.84
C LEU D 5 19.77 -16.04 46.72
N ILE D 6 20.14 -14.86 47.17
CA ILE D 6 19.34 -13.66 46.92
C ILE D 6 20.28 -12.58 46.39
N ILE D 7 19.90 -11.99 45.26
CA ILE D 7 20.61 -10.86 44.67
C ILE D 7 19.84 -9.60 45.07
N LYS D 8 20.50 -8.72 45.80
CA LYS D 8 19.85 -7.56 46.43
C LYS D 8 20.32 -6.25 45.83
N ASN D 9 19.42 -5.28 45.78
CA ASN D 9 19.70 -3.86 45.51
C ASN D 9 20.12 -3.58 44.08
N GLY D 10 20.03 -4.55 43.17
CA GLY D 10 20.33 -4.27 41.77
C GLY D 10 19.16 -3.59 41.07
N THR D 11 19.48 -2.86 40.00
CA THR D 11 18.44 -2.37 39.08
C THR D 11 18.11 -3.52 38.15
N VAL D 12 17.02 -4.21 38.42
CA VAL D 12 16.70 -5.45 37.74
C VAL D 12 15.84 -5.14 36.52
N ILE D 13 16.21 -5.70 35.37
CA ILE D 13 15.45 -5.55 34.11
C ILE D 13 14.32 -6.58 34.10
N LEU D 14 13.10 -6.13 34.38
CA LEU D 14 11.95 -7.00 34.32
C LEU D 14 11.27 -6.89 32.95
N GLU D 15 10.32 -7.79 32.69
CA GLU D 15 9.58 -7.74 31.44
C GLU D 15 9.12 -6.33 31.11
N ASN D 16 8.52 -5.64 32.10
CA ASN D 16 7.79 -4.40 31.88
C ASN D 16 8.62 -3.15 32.14
N GLU D 17 9.56 -3.21 33.08
CA GLU D 17 10.34 -2.05 33.50
C GLU D 17 11.60 -2.54 34.18
N ALA D 18 12.51 -1.62 34.44
CA ALA D 18 13.63 -1.89 35.33
C ALA D 18 13.36 -1.18 36.66
N ARG D 19 13.67 -1.88 37.74
CA ARG D 19 13.51 -1.28 39.07
C ARG D 19 14.39 -2.02 40.05
N VAL D 20 14.65 -1.35 41.18
CA VAL D 20 15.44 -1.94 42.25
C VAL D 20 14.55 -2.96 42.97
N VAL D 21 14.88 -4.24 42.82
CA VAL D 21 14.16 -5.33 43.47
C VAL D 21 15.18 -6.43 43.73
N ASP D 22 14.87 -7.28 44.70
CA ASP D 22 15.72 -8.42 45.01
C ASP D 22 15.24 -9.62 44.22
N ILE D 23 16.16 -10.55 43.97
CA ILE D 23 15.87 -11.78 43.24
C ILE D 23 16.26 -12.96 44.12
N ALA D 24 15.30 -13.83 44.41
CA ALA D 24 15.56 -15.06 45.14
C ALA D 24 15.74 -16.21 44.15
N VAL D 25 16.71 -17.07 44.42
CA VAL D 25 17.08 -18.17 43.54
C VAL D 25 17.07 -19.48 44.34
N LYS D 26 16.54 -20.52 43.72
CA LYS D 26 16.50 -21.83 44.34
C LYS D 26 16.60 -22.89 43.25
N GLY D 27 17.56 -23.80 43.40
CA GLY D 27 17.68 -24.91 42.47
C GLY D 27 17.94 -24.50 41.04
N GLY D 28 18.71 -23.43 40.84
CA GLY D 28 19.01 -22.96 39.50
C GLY D 28 17.93 -22.11 38.88
N LYS D 29 16.82 -21.89 39.57
CA LYS D 29 15.62 -21.25 39.04
C LYS D 29 15.33 -19.97 39.81
N ILE D 30 14.68 -19.02 39.13
CA ILE D 30 14.23 -17.81 39.81
C ILE D 30 13.03 -18.19 40.68
N ALA D 31 13.20 -18.08 42.00
CA ALA D 31 12.19 -18.54 42.93
C ALA D 31 11.24 -17.41 43.32
N ALA D 32 11.75 -16.19 43.42
CA ALA D 32 10.94 -15.04 43.83
C ALA D 32 11.57 -13.74 43.34
N ILE D 33 10.73 -12.76 43.10
CA ILE D 33 11.17 -11.39 42.80
C ILE D 33 10.39 -10.44 43.68
N GLY D 34 11.10 -9.53 44.33
CA GLY D 34 10.41 -8.54 45.14
C GLY D 34 11.30 -8.03 46.26
N GLN D 35 10.64 -7.68 47.37
CA GLN D 35 11.28 -7.10 48.54
C GLN D 35 11.09 -8.02 49.74
N ASP D 36 11.92 -7.80 50.76
CA ASP D 36 11.84 -8.55 52.01
C ASP D 36 11.71 -10.04 51.74
N LEU D 37 12.58 -10.56 50.87
CA LEU D 37 12.54 -11.97 50.53
C LEU D 37 13.12 -12.86 51.63
N GLY D 38 13.79 -12.28 52.62
CA GLY D 38 14.17 -13.02 53.81
C GLY D 38 15.61 -13.49 53.77
N ASP D 39 15.83 -14.75 54.11
CA ASP D 39 17.15 -15.32 54.31
C ASP D 39 17.52 -16.30 53.20
N ALA D 40 18.82 -16.50 53.03
CA ALA D 40 19.33 -17.38 52.00
C ALA D 40 20.73 -17.84 52.38
N LYS D 41 21.12 -18.99 51.84
CA LYS D 41 22.46 -19.50 52.08
C LYS D 41 23.54 -18.51 51.64
N GLU D 42 23.26 -17.72 50.61
CA GLU D 42 24.24 -16.84 49.99
C GLU D 42 23.52 -15.56 49.58
N VAL D 43 24.20 -14.42 49.70
CA VAL D 43 23.62 -13.12 49.42
C VAL D 43 24.61 -12.30 48.59
N MET D 44 24.13 -11.75 47.48
CA MET D 44 24.96 -10.91 46.62
C MET D 44 24.45 -9.47 46.65
N ASP D 45 25.38 -8.53 46.63
CA ASP D 45 25.07 -7.10 46.61
C ASP D 45 25.28 -6.58 45.19
N ALA D 46 24.18 -6.22 44.53
CA ALA D 46 24.19 -5.68 43.17
C ALA D 46 24.01 -4.17 43.15
N SER D 47 24.21 -3.49 44.28
CA SER D 47 24.02 -2.05 44.35
C SER D 47 24.80 -1.38 43.25
N GLY D 48 24.16 -0.38 42.61
CA GLY D 48 24.83 0.34 41.56
C GLY D 48 25.07 -0.43 40.27
N LEU D 49 24.51 -1.63 40.13
CA LEU D 49 24.65 -2.41 38.91
C LEU D 49 23.29 -2.66 38.28
N VAL D 50 23.29 -2.90 36.97
CA VAL D 50 22.12 -3.41 36.27
C VAL D 50 22.19 -4.93 36.23
N VAL D 51 21.09 -5.58 36.59
CA VAL D 51 20.97 -7.04 36.51
C VAL D 51 20.07 -7.33 35.31
N SER D 52 20.66 -7.75 34.24
CA SER D 52 19.97 -8.10 33.01
C SER D 52 19.79 -9.62 32.94
N PRO D 53 18.73 -10.12 32.30
CA PRO D 53 18.74 -11.51 31.89
C PRO D 53 20.00 -11.76 31.07
N GLY D 54 20.56 -12.96 31.21
CA GLY D 54 21.67 -13.39 30.36
C GLY D 54 21.34 -13.15 28.90
N MET D 55 22.31 -12.75 28.09
CA MET D 55 22.06 -12.62 26.66
C MET D 55 21.74 -13.98 26.07
N VAL D 56 20.81 -13.98 25.12
CA VAL D 56 20.46 -15.18 24.37
C VAL D 56 20.97 -14.93 22.95
N ASP D 57 22.12 -15.52 22.61
CA ASP D 57 22.77 -15.23 21.33
C ASP D 57 22.28 -16.25 20.32
N ALA D 58 21.41 -15.81 19.41
CA ALA D 58 20.74 -16.69 18.46
C ALA D 58 21.59 -17.00 17.24
N HIS D 59 22.87 -16.56 17.22
CA HIS D 59 23.60 -16.74 15.97
C HIS D 59 25.11 -16.82 16.27
N THR D 60 25.54 -18.02 16.65
CA THR D 60 26.89 -18.26 17.14
C THR D 60 27.51 -19.39 16.32
N HIS D 61 28.68 -19.12 15.77
CA HIS D 61 29.49 -20.17 15.15
C HIS D 61 30.57 -20.60 16.14
N ILE D 62 30.57 -21.88 16.50
CA ILE D 62 31.61 -22.47 17.32
C ILE D 62 32.52 -23.38 16.51
N SER D 63 31.93 -24.08 15.53
CA SER D 63 32.66 -24.92 14.53
C SER D 63 33.56 -25.98 15.14
N GLU D 64 33.18 -26.59 16.25
CA GLU D 64 34.15 -27.47 16.95
C GLU D 64 34.49 -28.68 16.10
N PRO D 65 33.70 -29.78 16.02
CA PRO D 65 34.19 -30.94 15.29
C PRO D 65 34.81 -30.44 13.97
N GLY D 66 36.10 -30.71 13.74
CA GLY D 66 36.75 -30.41 12.45
C GLY D 66 37.47 -29.09 12.30
N ARG D 67 36.78 -27.99 12.54
CA ARG D 67 37.40 -26.68 12.49
C ARG D 67 37.46 -26.08 13.89
N SER D 68 37.73 -26.96 14.87
CA SER D 68 37.85 -26.56 16.27
C SER D 68 38.96 -25.53 16.46
N HIS D 69 40.01 -25.58 15.63
CA HIS D 69 41.10 -24.62 15.76
C HIS D 69 40.69 -23.21 15.37
N TRP D 70 39.48 -23.02 14.81
CA TRP D 70 38.95 -21.68 14.60
C TRP D 70 38.45 -21.07 15.91
N GLU D 71 37.90 -21.89 16.79
CA GLU D 71 37.40 -21.43 18.08
C GLU D 71 37.23 -22.60 19.05
N GLY D 72 36.23 -23.43 18.82
CA GLY D 72 35.95 -24.56 19.68
C GLY D 72 35.11 -24.18 20.89
N TYR D 73 34.49 -25.20 21.51
CA TYR D 73 33.58 -24.95 22.62
C TYR D 73 34.30 -24.37 23.83
N GLU D 74 35.54 -24.80 24.05
CA GLU D 74 36.20 -24.46 25.30
C GLU D 74 36.43 -22.96 25.41
N THR D 75 37.08 -22.37 24.39
CA THR D 75 37.29 -20.93 24.40
C THR D 75 36.01 -20.18 24.05
N GLY D 76 35.26 -20.68 23.08
CA GLY D 76 34.09 -19.95 22.61
C GLY D 76 33.11 -19.64 23.72
N THR D 77 32.85 -20.63 24.59
CA THR D 77 31.85 -20.41 25.63
C THR D 77 32.40 -19.69 26.84
N ARG D 78 33.72 -19.73 27.06
CA ARG D 78 34.31 -18.85 28.06
C ARG D 78 34.18 -17.39 27.65
N ALA D 79 34.47 -17.07 26.39
CA ALA D 79 34.26 -15.73 25.87
C ALA D 79 32.79 -15.32 25.94
N ALA D 80 31.89 -16.24 25.59
CA ALA D 80 30.45 -15.94 25.72
C ALA D 80 30.11 -15.50 27.13
N ALA D 81 30.55 -16.29 28.14
CA ALA D 81 30.22 -15.99 29.52
C ALA D 81 30.82 -14.66 29.96
N LYS D 82 32.09 -14.42 29.61
CA LYS D 82 32.70 -13.12 29.91
C LYS D 82 31.94 -11.98 29.23
N GLY D 83 31.33 -12.22 28.08
CA GLY D 83 30.49 -11.23 27.41
C GLY D 83 29.07 -11.10 27.92
N GLY D 84 28.71 -11.88 28.94
CA GLY D 84 27.36 -11.83 29.49
C GLY D 84 26.34 -12.68 28.76
N ILE D 85 26.79 -13.62 27.93
CA ILE D 85 25.92 -14.54 27.23
C ILE D 85 25.78 -15.81 28.07
N THR D 86 24.54 -16.17 28.40
CA THR D 86 24.29 -17.40 29.15
C THR D 86 23.67 -18.51 28.31
N THR D 87 23.04 -18.17 27.18
CA THR D 87 22.57 -19.16 26.24
C THR D 87 22.96 -18.74 24.84
N MET D 88 23.56 -19.67 24.10
CA MET D 88 23.82 -19.48 22.69
C MET D 88 22.94 -20.45 21.90
N ILE D 89 22.64 -20.06 20.67
CA ILE D 89 21.95 -20.90 19.71
C ILE D 89 22.95 -21.14 18.58
N GLU D 90 23.52 -22.33 18.57
CA GLU D 90 24.72 -22.62 17.80
C GLU D 90 24.38 -22.97 16.36
N MET D 91 25.04 -22.29 15.43
CA MET D 91 24.87 -22.54 14.01
C MET D 91 25.40 -23.92 13.62
N PRO D 92 24.92 -24.47 12.49
CA PRO D 92 25.38 -25.78 12.02
C PRO D 92 26.65 -25.77 11.19
N LEU D 93 27.30 -24.65 10.96
CA LEU D 93 28.32 -24.63 9.91
C LEU D 93 29.69 -24.22 10.41
N ASN D 94 30.66 -24.60 9.56
CA ASN D 94 32.11 -24.44 9.85
C ASN D 94 32.51 -25.75 10.56
N GLN D 95 31.59 -26.38 11.30
CA GLN D 95 31.88 -27.70 11.89
C GLN D 95 31.95 -28.74 10.79
N LEU D 96 32.81 -29.71 10.94
CA LEU D 96 32.85 -30.82 9.98
C LEU D 96 32.82 -32.10 10.82
N PRO D 97 31.75 -32.92 10.76
CA PRO D 97 30.70 -32.77 9.78
C PRO D 97 29.72 -31.64 10.12
N ALA D 98 29.16 -31.00 9.11
CA ALA D 98 28.12 -30.00 9.40
C ALA D 98 26.95 -30.69 10.10
N THR D 99 26.24 -29.97 10.95
CA THR D 99 25.18 -30.54 11.79
C THR D 99 23.90 -30.63 10.97
N VAL D 100 23.70 -31.78 10.33
CA VAL D 100 22.64 -31.95 9.35
C VAL D 100 21.77 -33.18 9.61
N ASP D 101 22.20 -34.07 10.51
CA ASP D 101 21.44 -35.28 10.82
C ASP D 101 21.88 -35.77 12.19
N ARG D 102 21.23 -36.85 12.66
CA ARG D 102 21.47 -37.28 14.04
C ARG D 102 22.91 -37.72 14.27
N ALA D 103 23.50 -38.46 13.32
CA ALA D 103 24.87 -38.93 13.50
C ALA D 103 25.83 -37.75 13.61
N SER D 104 25.69 -36.77 12.71
CA SER D 104 26.56 -35.61 12.74
C SER D 104 26.40 -34.80 14.03
N ILE D 105 25.17 -34.66 14.55
CA ILE D 105 25.00 -33.88 15.78
C ILE D 105 25.45 -34.70 16.99
N GLU D 106 25.31 -36.03 16.95
CA GLU D 106 25.76 -36.84 18.07
C GLU D 106 27.29 -36.86 18.14
N LEU D 107 27.95 -36.90 16.97
CA LEU D 107 29.40 -36.72 16.92
C LEU D 107 29.83 -35.44 17.64
N LYS D 108 29.14 -34.33 17.36
CA LYS D 108 29.46 -33.05 17.99
C LYS D 108 29.17 -33.09 19.48
N PHE D 109 28.07 -33.72 19.88
CA PHE D 109 27.75 -33.86 21.30
C PHE D 109 28.90 -34.51 22.07
N ASP D 110 29.52 -35.55 21.50
CA ASP D 110 30.67 -36.16 22.17
C ASP D 110 31.81 -35.18 22.25
N ALA D 111 32.08 -34.48 21.15
CA ALA D 111 33.18 -33.53 21.11
C ALA D 111 33.06 -32.47 22.18
N ALA D 112 31.83 -32.15 22.60
CA ALA D 112 31.64 -31.01 23.49
C ALA D 112 31.67 -31.36 24.96
N LYS D 113 31.70 -32.65 25.30
CA LYS D 113 31.52 -33.07 26.70
C LYS D 113 32.55 -32.39 27.60
N GLY D 114 32.08 -31.79 28.68
CA GLY D 114 32.95 -31.15 29.66
C GLY D 114 33.49 -29.80 29.25
N LYS D 115 33.12 -29.28 28.07
CA LYS D 115 33.64 -28.01 27.57
C LYS D 115 32.64 -26.86 27.58
N LEU D 116 31.36 -27.11 27.87
CA LEU D 116 30.32 -26.08 27.77
C LEU D 116 30.33 -25.19 29.03
N THR D 117 30.77 -23.96 28.87
CA THR D 117 30.69 -23.02 29.99
C THR D 117 29.32 -22.35 30.08
N ILE D 118 28.54 -22.35 28.99
CA ILE D 118 27.20 -21.77 28.97
C ILE D 118 26.24 -22.80 28.39
N ASP D 119 24.94 -22.53 28.50
CA ASP D 119 23.97 -23.41 27.86
C ASP D 119 23.90 -23.12 26.36
N ALA D 120 23.47 -24.14 25.60
CA ALA D 120 23.54 -24.09 24.14
C ALA D 120 22.36 -24.83 23.53
N ALA D 121 21.41 -24.10 22.92
CA ALA D 121 20.46 -24.73 22.03
C ALA D 121 21.12 -24.96 20.66
N GLN D 122 20.44 -25.67 19.77
CA GLN D 122 21.10 -26.13 18.55
C GLN D 122 20.27 -25.84 17.31
N LEU D 123 20.93 -25.34 16.28
CA LEU D 123 20.32 -25.22 14.96
C LEU D 123 20.80 -26.36 14.06
N GLY D 124 19.87 -26.93 13.31
CA GLY D 124 20.21 -27.85 12.26
C GLY D 124 20.51 -27.15 10.96
N GLY D 125 21.18 -27.85 10.07
CA GLY D 125 21.45 -27.37 8.73
C GLY D 125 20.41 -27.88 7.75
N LEU D 126 19.92 -26.99 6.90
CA LEU D 126 19.14 -27.36 5.73
C LEU D 126 20.10 -27.24 4.56
N VAL D 127 20.55 -28.38 4.05
CA VAL D 127 21.56 -28.40 3.01
C VAL D 127 21.02 -29.23 1.86
N SER D 128 21.76 -29.21 0.75
CA SER D 128 21.27 -29.89 -0.46
C SER D 128 21.17 -31.39 -0.28
N TYR D 129 21.86 -31.99 0.70
CA TYR D 129 21.93 -33.45 0.79
C TYR D 129 21.23 -34.03 2.01
N ASN D 130 20.35 -33.25 2.68
CA ASN D 130 19.59 -33.83 3.77
C ASN D 130 18.12 -33.43 3.73
N ILE D 131 17.61 -32.97 2.59
CA ILE D 131 16.20 -32.59 2.49
C ILE D 131 15.29 -33.74 2.91
N ASP D 132 15.72 -34.98 2.66
CA ASP D 132 14.99 -36.18 3.03
C ASP D 132 15.08 -36.54 4.52
N ARG D 133 15.99 -35.93 5.28
CA ARG D 133 16.26 -36.40 6.64
C ARG D 133 16.08 -35.30 7.67
N LEU D 134 15.35 -34.23 7.35
CA LEU D 134 15.15 -33.13 8.31
C LEU D 134 14.46 -33.60 9.58
N HIS D 135 13.64 -34.65 9.49
CA HIS D 135 12.99 -35.17 10.68
C HIS D 135 13.99 -35.64 11.73
N GLU D 136 15.18 -36.07 11.30
CA GLU D 136 16.15 -36.60 12.26
C GLU D 136 16.54 -35.55 13.29
N LEU D 137 16.98 -34.37 12.83
CA LEU D 137 17.35 -33.30 13.75
C LEU D 137 16.13 -32.73 14.46
N ASP D 138 14.96 -32.77 13.83
CA ASP D 138 13.76 -32.36 14.54
C ASP D 138 13.52 -33.26 15.75
N GLU D 139 13.70 -34.57 15.60
CA GLU D 139 13.55 -35.49 16.72
C GLU D 139 14.55 -35.22 17.82
N VAL D 140 15.82 -34.98 17.46
CA VAL D 140 16.84 -34.70 18.47
C VAL D 140 16.47 -33.45 19.26
N GLY D 141 15.90 -32.45 18.59
CA GLY D 141 15.43 -31.27 19.30
C GLY D 141 16.17 -30.00 18.94
N VAL D 142 16.60 -29.90 17.70
CA VAL D 142 17.06 -28.63 17.18
C VAL D 142 15.90 -27.62 17.24
N VAL D 143 16.22 -26.33 17.37
CA VAL D 143 15.18 -25.29 17.48
C VAL D 143 15.00 -24.50 16.20
N GLY D 144 15.71 -24.84 15.14
CA GLY D 144 15.52 -24.21 13.83
C GLY D 144 16.49 -24.85 12.86
N PHE D 145 16.34 -24.49 11.57
CA PHE D 145 17.28 -24.99 10.55
C PHE D 145 17.87 -23.80 9.76
N KCX D 146 19.19 -23.74 9.63
CA KCX D 146 19.83 -22.61 8.90
CB KCX D 146 21.08 -22.10 9.65
CG KCX D 146 21.23 -20.59 9.68
CD KCX D 146 21.06 -19.91 8.33
CE KCX D 146 22.00 -18.75 8.09
NZ KCX D 146 23.39 -19.09 8.36
C KCX D 146 20.18 -23.03 7.47
O KCX D 146 20.64 -24.17 7.28
CX KCX D 146 24.23 -18.21 8.90
OQ1 KCX D 146 24.13 -16.97 8.39
OQ2 KCX D 146 25.03 -18.49 9.77
N CYS D 147 19.94 -22.14 6.51
CA CYS D 147 20.31 -22.40 5.10
C CYS D 147 20.90 -21.14 4.43
N PHE D 148 21.56 -21.33 3.30
CA PHE D 148 22.08 -20.23 2.48
C PHE D 148 21.52 -20.47 1.08
N VAL D 149 21.05 -19.42 0.42
CA VAL D 149 20.43 -19.58 -0.94
C VAL D 149 21.12 -18.66 -1.95
N ALA D 150 20.85 -18.83 -3.24
CA ALA D 150 21.43 -17.98 -4.30
C ALA D 150 22.97 -18.01 -4.26
N ASP D 158 32.79 -33.61 1.92
CA ASP D 158 31.36 -33.70 1.55
C ASP D 158 30.50 -33.63 2.82
N ASN D 159 31.14 -33.45 3.98
CA ASN D 159 30.41 -33.30 5.26
C ASN D 159 30.32 -31.80 5.59
N ASP D 160 30.73 -30.95 4.66
CA ASP D 160 30.72 -29.50 4.89
C ASP D 160 29.34 -28.91 4.56
N PHE D 161 29.14 -27.65 4.90
CA PHE D 161 27.88 -26.99 4.60
C PHE D 161 27.79 -26.66 3.11
N ARG D 162 26.59 -26.77 2.56
CA ARG D 162 26.31 -26.43 1.17
C ARG D 162 25.03 -25.60 1.11
N ASP D 163 24.98 -24.67 0.17
CA ASP D 163 23.78 -23.88 0.00
C ASP D 163 22.68 -24.72 -0.66
N VAL D 164 21.48 -24.18 -0.70
CA VAL D 164 20.35 -24.84 -1.36
C VAL D 164 19.90 -23.96 -2.52
N ASN D 165 19.51 -24.59 -3.62
CA ASN D 165 18.93 -23.82 -4.70
C ASN D 165 17.46 -23.54 -4.38
N ASP D 166 16.79 -22.78 -5.26
CA ASP D 166 15.41 -22.37 -4.99
C ASP D 166 14.51 -23.57 -4.72
N TRP D 167 14.67 -24.64 -5.49
CA TRP D 167 13.80 -25.81 -5.30
C TRP D 167 14.11 -26.51 -3.98
N GLN D 168 15.39 -26.66 -3.65
CA GLN D 168 15.73 -27.28 -2.38
C GLN D 168 15.25 -26.43 -1.20
N PHE D 169 15.30 -25.10 -1.34
CA PHE D 169 14.74 -24.25 -0.27
C PHE D 169 13.23 -24.46 -0.12
N PHE D 170 12.49 -24.37 -1.23
CA PHE D 170 11.04 -24.51 -1.14
C PHE D 170 10.65 -25.86 -0.58
N LYS D 171 11.28 -26.94 -1.09
CA LYS D 171 10.96 -28.29 -0.62
C LYS D 171 11.34 -28.48 0.84
N GLY D 172 12.52 -28.00 1.24
CA GLY D 172 12.92 -28.10 2.63
C GLY D 172 12.06 -27.25 3.54
N ALA D 173 11.72 -26.04 3.09
CA ALA D 173 10.83 -25.20 3.90
C ALA D 173 9.45 -25.82 4.04
N GLN D 174 8.95 -26.45 2.98
CA GLN D 174 7.67 -27.14 3.05
C GLN D 174 7.71 -28.20 4.15
N LYS D 175 8.72 -29.06 4.12
CA LYS D 175 8.89 -30.06 5.17
C LYS D 175 9.00 -29.42 6.55
N LEU D 176 9.85 -28.40 6.67
CA LEU D 176 10.02 -27.75 7.97
C LEU D 176 8.73 -27.14 8.45
N GLY D 177 7.92 -26.60 7.53
CA GLY D 177 6.61 -26.10 7.93
C GLY D 177 5.75 -27.18 8.55
N GLU D 178 5.78 -28.38 7.97
CA GLU D 178 5.02 -29.51 8.52
C GLU D 178 5.51 -29.91 9.89
N LEU D 179 6.81 -29.74 10.17
CA LEU D 179 7.36 -30.22 11.42
C LEU D 179 7.29 -29.19 12.53
N GLY D 180 6.89 -27.96 12.21
CA GLY D 180 6.88 -26.90 13.21
C GLY D 180 8.24 -26.25 13.45
N GLN D 181 9.14 -26.31 12.48
CA GLN D 181 10.48 -25.76 12.63
C GLN D 181 10.63 -24.48 11.81
N PRO D 182 11.27 -23.44 12.34
CA PRO D 182 11.53 -22.25 11.53
C PRO D 182 12.78 -22.42 10.69
N VAL D 183 12.77 -21.82 9.51
CA VAL D 183 13.95 -21.74 8.67
C VAL D 183 14.62 -20.38 8.90
N LEU D 184 15.93 -20.40 9.10
CA LEU D 184 16.77 -19.22 9.22
C LEU D 184 17.61 -19.11 7.95
N VAL D 185 17.77 -17.89 7.42
CA VAL D 185 18.37 -17.72 6.10
C VAL D 185 19.38 -16.57 6.08
N HIS D 186 20.51 -16.82 5.43
CA HIS D 186 21.50 -15.81 5.10
C HIS D 186 21.09 -15.24 3.74
N CYS D 187 20.50 -14.04 3.73
CA CYS D 187 19.84 -13.52 2.53
C CYS D 187 20.80 -12.53 1.87
N GLU D 188 21.57 -13.04 0.91
CA GLU D 188 22.35 -12.26 -0.03
C GLU D 188 22.26 -12.98 -1.36
N ASN D 189 22.10 -12.22 -2.45
CA ASN D 189 22.22 -12.85 -3.75
C ASN D 189 23.71 -13.11 -4.01
N ALA D 190 24.18 -14.30 -3.66
CA ALA D 190 25.62 -14.55 -3.63
C ALA D 190 26.22 -14.60 -5.03
N LEU D 191 25.46 -15.07 -6.01
CA LEU D 191 25.95 -15.02 -7.39
C LEU D 191 26.33 -13.60 -7.79
N ILE D 192 25.41 -12.64 -7.60
CA ILE D 192 25.72 -11.25 -7.93
C ILE D 192 26.89 -10.73 -7.09
N CYS D 193 26.92 -11.09 -5.81
CA CYS D 193 27.97 -10.62 -4.91
C CYS D 193 29.33 -11.18 -5.29
N ASP D 194 29.41 -12.47 -5.59
CA ASP D 194 30.66 -13.06 -6.05
C ASP D 194 31.14 -12.38 -7.34
N GLU D 195 30.24 -12.20 -8.31
CA GLU D 195 30.65 -11.66 -9.61
C GLU D 195 31.06 -10.21 -9.51
N LEU D 196 30.41 -9.43 -8.65
CA LEU D 196 30.89 -8.06 -8.42
C LEU D 196 32.25 -8.05 -7.73
N GLY D 197 32.47 -9.01 -6.82
CA GLY D 197 33.76 -9.11 -6.17
C GLY D 197 34.88 -9.46 -7.13
N GLU D 198 34.64 -10.46 -7.99
CA GLU D 198 35.62 -10.80 -9.03
C GLU D 198 35.91 -9.59 -9.91
N GLU D 199 34.87 -8.84 -10.26
CA GLU D 199 35.06 -7.62 -11.04
C GLU D 199 35.96 -6.64 -10.32
N ALA D 200 35.73 -6.44 -9.02
CA ALA D 200 36.55 -5.48 -8.27
C ALA D 200 38.00 -5.93 -8.20
N LYS D 201 38.22 -7.24 -8.09
CA LYS D 201 39.58 -7.76 -8.04
C LYS D 201 40.30 -7.53 -9.36
N ARG D 202 39.68 -7.96 -10.47
CA ARG D 202 40.22 -7.72 -11.81
C ARG D 202 40.65 -6.26 -11.97
N GLU D 203 39.92 -5.33 -11.37
CA GLU D 203 40.23 -3.92 -11.52
C GLU D 203 41.16 -3.41 -10.43
N GLY D 204 41.69 -4.28 -9.58
CA GLY D 204 42.52 -3.85 -8.48
C GLY D 204 41.83 -2.90 -7.52
N ARG D 205 40.52 -3.04 -7.36
CA ARG D 205 39.75 -2.30 -6.36
C ARG D 205 39.50 -3.25 -5.19
N VAL D 206 40.26 -3.09 -4.11
CA VAL D 206 40.17 -4.01 -2.99
C VAL D 206 40.15 -3.27 -1.65
N THR D 207 39.72 -2.02 -1.65
CA THR D 207 39.48 -1.30 -0.41
C THR D 207 38.19 -1.78 0.28
N ALA D 208 37.99 -1.35 1.52
CA ALA D 208 36.75 -1.68 2.23
C ALA D 208 35.54 -1.13 1.49
N HIS D 209 35.67 0.09 0.95
CA HIS D 209 34.56 0.70 0.21
C HIS D 209 34.28 -0.07 -1.06
N ASP D 210 35.31 -0.63 -1.69
CA ASP D 210 35.11 -1.46 -2.87
C ASP D 210 34.37 -2.74 -2.53
N TYR D 211 34.76 -3.39 -1.42
CA TYR D 211 34.11 -4.61 -1.00
C TYR D 211 32.63 -4.38 -0.72
N VAL D 212 32.29 -3.27 -0.04
CA VAL D 212 30.89 -2.99 0.24
C VAL D 212 30.14 -2.67 -1.04
N ALA D 213 30.75 -1.89 -1.94
CA ALA D 213 30.12 -1.66 -3.24
C ALA D 213 29.88 -2.95 -4.00
N SER D 214 30.61 -4.02 -3.65
CA SER D 214 30.45 -5.30 -4.33
C SER D 214 29.39 -6.18 -3.70
N ARG D 215 28.84 -5.78 -2.56
CA ARG D 215 27.71 -6.43 -1.92
C ARG D 215 26.67 -5.36 -1.63
N PRO D 216 26.09 -4.78 -2.68
CA PRO D 216 25.22 -3.61 -2.50
C PRO D 216 23.90 -4.01 -1.85
N VAL D 217 23.19 -3.00 -1.37
CA VAL D 217 21.94 -3.26 -0.68
C VAL D 217 21.02 -4.12 -1.54
N PHE D 218 20.91 -3.83 -2.83
CA PHE D 218 19.90 -4.55 -3.59
C PHE D 218 20.14 -6.06 -3.58
N THR D 219 21.38 -6.52 -3.39
CA THR D 219 21.60 -7.97 -3.32
C THR D 219 21.03 -8.55 -2.03
N GLU D 220 21.01 -7.78 -0.95
CA GLU D 220 20.29 -8.19 0.25
C GLU D 220 18.78 -8.14 0.03
N VAL D 221 18.28 -7.05 -0.56
CA VAL D 221 16.83 -6.89 -0.69
C VAL D 221 16.26 -7.98 -1.60
N GLU D 222 16.89 -8.22 -2.74
CA GLU D 222 16.40 -9.27 -3.66
C GLU D 222 16.29 -10.61 -2.94
N ALA D 223 17.34 -10.98 -2.21
CA ALA D 223 17.34 -12.28 -1.56
C ALA D 223 16.31 -12.33 -0.44
N ILE D 224 16.16 -11.24 0.31
CA ILE D 224 15.10 -11.24 1.32
C ILE D 224 13.75 -11.38 0.66
N ARG D 225 13.55 -10.71 -0.49
CA ARG D 225 12.25 -10.75 -1.15
C ARG D 225 11.94 -12.16 -1.69
N ARG D 226 12.93 -12.81 -2.29
CA ARG D 226 12.74 -14.17 -2.77
C ARG D 226 12.40 -15.12 -1.63
N VAL D 227 13.23 -15.11 -0.59
CA VAL D 227 13.06 -16.01 0.56
C VAL D 227 11.71 -15.78 1.24
N LEU D 228 11.31 -14.51 1.39
CA LEU D 228 9.99 -14.20 1.95
C LEU D 228 8.88 -14.88 1.16
N TYR D 229 8.91 -14.75 -0.16
CA TYR D 229 7.82 -15.30 -0.96
C TYR D 229 7.82 -16.82 -0.94
N LEU D 230 8.99 -17.45 -1.15
CA LEU D 230 9.07 -18.91 -1.16
C LEU D 230 8.64 -19.50 0.17
N ALA D 231 9.09 -18.88 1.27
CA ALA D 231 8.70 -19.35 2.60
C ALA D 231 7.19 -19.19 2.84
N LYS D 232 6.60 -18.11 2.33
CA LYS D 232 5.16 -17.94 2.43
C LYS D 232 4.43 -19.05 1.68
N VAL D 233 4.80 -19.26 0.42
CA VAL D 233 4.19 -20.32 -0.36
C VAL D 233 4.45 -21.68 0.28
N ALA D 234 5.60 -21.87 0.93
CA ALA D 234 5.84 -23.17 1.55
C ALA D 234 5.11 -23.34 2.87
N GLY D 235 4.53 -22.29 3.43
CA GLY D 235 3.93 -22.37 4.75
C GLY D 235 4.92 -22.53 5.88
N CYS D 236 6.10 -21.92 5.78
CA CYS D 236 7.17 -22.11 6.75
C CYS D 236 7.47 -20.81 7.50
N ARG D 237 7.62 -20.94 8.81
CA ARG D 237 8.05 -19.80 9.61
C ARG D 237 9.47 -19.41 9.21
N LEU D 238 9.75 -18.11 9.20
CA LEU D 238 11.00 -17.60 8.65
C LEU D 238 11.68 -16.65 9.63
N HIS D 239 13.01 -16.75 9.71
CA HIS D 239 13.86 -15.82 10.45
C HIS D 239 14.99 -15.37 9.53
N VAL D 240 15.06 -14.07 9.27
CA VAL D 240 16.10 -13.51 8.39
C VAL D 240 17.30 -13.12 9.24
N CYS D 241 18.45 -13.69 8.91
CA CYS D 241 19.67 -13.50 9.68
C CYS D 241 20.34 -12.16 9.34
N HIS D 242 21.12 -11.66 10.30
CA HIS D 242 21.92 -10.44 10.23
C HIS D 242 21.52 -9.52 9.08
N VAL D 243 20.57 -8.63 9.33
CA VAL D 243 20.16 -7.67 8.31
C VAL D 243 21.11 -6.49 8.41
N SER D 244 21.61 -6.04 7.25
CA SER D 244 22.66 -5.02 7.22
C SER D 244 22.19 -3.66 6.74
N SER D 245 20.99 -3.57 6.16
CA SER D 245 20.48 -2.32 5.63
C SER D 245 19.07 -2.08 6.13
N PRO D 246 18.68 -0.80 6.33
CA PRO D 246 17.28 -0.51 6.68
C PRO D 246 16.31 -0.87 5.56
N GLU D 247 16.81 -0.95 4.32
CA GLU D 247 15.96 -1.42 3.22
C GLU D 247 15.63 -2.90 3.38
N GLY D 248 16.60 -3.71 3.83
CA GLY D 248 16.30 -5.10 4.10
C GLY D 248 15.25 -5.25 5.20
N VAL D 249 15.40 -4.47 6.28
CA VAL D 249 14.42 -4.50 7.37
C VAL D 249 13.03 -4.16 6.85
N GLU D 250 12.94 -3.14 6.00
CA GLU D 250 11.63 -2.71 5.54
C GLU D 250 10.91 -3.84 4.80
N GLU D 251 11.67 -4.67 4.05
CA GLU D 251 11.04 -5.80 3.39
C GLU D 251 10.40 -6.72 4.42
N VAL D 252 11.13 -7.02 5.49
CA VAL D 252 10.60 -7.88 6.54
C VAL D 252 9.37 -7.23 7.20
N THR D 253 9.48 -5.94 7.50
CA THR D 253 8.35 -5.25 8.12
C THR D 253 7.12 -5.32 7.24
N ARG D 254 7.28 -5.00 5.95
CA ARG D 254 6.14 -5.03 5.04
C ARG D 254 5.50 -6.43 5.01
N ALA D 255 6.31 -7.49 5.02
CA ALA D 255 5.76 -8.86 5.02
C ALA D 255 4.94 -9.12 6.27
N ARG D 256 5.49 -8.80 7.44
CA ARG D 256 4.79 -9.07 8.69
C ARG D 256 3.49 -8.28 8.76
N GLN D 257 3.51 -7.02 8.30
CA GLN D 257 2.31 -6.20 8.31
C GLN D 257 1.22 -6.75 7.40
N GLU D 258 1.57 -7.65 6.48
CA GLU D 258 0.58 -8.37 5.69
C GLU D 258 0.26 -9.75 6.28
N GLY D 259 0.79 -10.08 7.45
CA GLY D 259 0.43 -11.30 8.14
C GLY D 259 1.41 -12.44 8.07
N GLN D 260 2.57 -12.28 7.43
CA GLN D 260 3.53 -13.38 7.34
C GLN D 260 4.28 -13.58 8.66
N ASP D 261 4.45 -14.85 9.04
CA ASP D 261 5.20 -15.19 10.28
C ASP D 261 6.70 -15.09 9.98
N VAL D 262 7.24 -13.91 10.15
CA VAL D 262 8.68 -13.68 9.83
C VAL D 262 9.29 -12.83 10.95
N THR D 263 10.52 -13.15 11.30
CA THR D 263 11.26 -12.32 12.29
C THR D 263 12.62 -12.00 11.68
N CYS D 264 13.34 -11.07 12.28
CA CYS D 264 14.68 -10.80 11.80
C CYS D 264 15.58 -10.35 12.96
N GLU D 265 16.86 -10.26 12.66
CA GLU D 265 17.88 -9.99 13.65
C GLU D 265 18.90 -9.09 13.00
N SER D 266 19.70 -8.41 13.82
CA SER D 266 20.95 -7.77 13.34
C SER D 266 22.04 -8.03 14.38
N CYS D 267 23.18 -7.37 14.20
CA CYS D 267 24.40 -7.58 14.99
C CYS D 267 25.02 -6.26 15.41
N PRO D 268 25.73 -6.23 16.55
CA PRO D 268 26.26 -4.93 17.00
C PRO D 268 27.16 -4.24 15.98
N HIS D 269 27.83 -4.98 15.10
CA HIS D 269 28.73 -4.30 14.20
C HIS D 269 28.01 -3.51 13.10
N TYR D 270 26.74 -3.79 12.81
CA TYR D 270 25.99 -2.89 11.92
C TYR D 270 25.42 -1.67 12.63
N PHE D 271 25.56 -1.57 13.94
CA PHE D 271 25.12 -0.39 14.66
C PHE D 271 26.28 0.45 15.17
N VAL D 272 27.48 -0.10 15.23
CA VAL D 272 28.59 0.49 15.95
C VAL D 272 29.81 0.75 15.08
N LEU D 273 29.87 0.14 13.90
CA LEU D 273 30.93 0.34 12.95
C LEU D 273 30.31 0.80 11.63
N ASP D 274 31.15 1.34 10.76
CA ASP D 274 30.71 1.79 9.46
C ASP D 274 31.88 1.62 8.51
N THR D 275 31.59 1.81 7.23
CA THR D 275 32.56 1.50 6.18
C THR D 275 33.87 2.25 6.38
N ASP D 276 33.80 3.51 6.83
CA ASP D 276 35.02 4.29 7.07
C ASP D 276 35.85 3.68 8.19
N GLN D 277 35.22 3.21 9.27
CA GLN D 277 35.96 2.53 10.32
C GLN D 277 36.41 1.14 9.87
N PHE D 278 35.57 0.47 9.07
CA PHE D 278 35.97 -0.80 8.48
C PHE D 278 37.24 -0.62 7.66
N GLU D 279 37.36 0.47 6.90
CA GLU D 279 38.62 0.76 6.14
C GLU D 279 39.82 0.86 7.08
N GLU D 280 39.70 1.65 8.15
CA GLU D 280 40.81 1.87 9.12
C GLU D 280 41.23 0.56 9.80
N ILE D 281 40.27 -0.26 10.20
CA ILE D 281 40.58 -1.51 10.94
C ILE D 281 41.12 -2.54 9.97
N GLY D 282 40.57 -2.62 8.77
CA GLY D 282 41.05 -3.68 7.90
C GLY D 282 40.22 -4.96 7.91
N THR D 283 40.88 -6.11 7.66
CA THR D 283 40.15 -7.33 7.38
C THR D 283 39.46 -7.88 8.63
N LEU D 284 39.82 -7.43 9.82
CA LEU D 284 39.08 -7.84 10.99
C LEU D 284 37.64 -7.31 10.97
N ALA D 285 37.33 -6.27 10.20
CA ALA D 285 35.95 -5.78 10.11
C ALA D 285 35.22 -6.29 8.87
N LYS D 286 35.78 -7.24 8.15
CA LYS D 286 35.12 -7.80 6.97
C LYS D 286 34.15 -8.88 7.40
N CYS D 287 32.91 -8.80 6.91
CA CYS D 287 31.90 -9.80 7.19
C CYS D 287 30.92 -9.82 6.02
N SER D 288 30.07 -10.84 5.99
CA SER D 288 29.60 -11.28 4.68
C SER D 288 28.56 -10.31 4.16
N PRO D 289 27.41 -10.16 4.80
CA PRO D 289 26.67 -8.92 4.61
C PRO D 289 27.51 -7.80 5.20
N PRO D 290 27.88 -6.81 4.40
CA PRO D 290 28.97 -5.90 4.80
C PRO D 290 28.50 -4.79 5.74
N ILE D 291 29.48 -4.22 6.43
CA ILE D 291 29.20 -3.05 7.31
C ILE D 291 29.08 -1.83 6.38
N ARG D 292 27.91 -1.22 6.33
CA ARG D 292 27.64 -0.14 5.34
C ARG D 292 27.97 1.26 5.88
N ASP D 293 27.58 2.30 5.14
CA ASP D 293 27.99 3.68 5.47
C ASP D 293 27.24 4.23 6.69
N LEU D 294 27.68 5.38 7.16
CA LEU D 294 27.09 5.97 8.40
C LEU D 294 25.61 6.29 8.15
N GLU D 295 25.25 6.74 6.95
CA GLU D 295 23.83 7.02 6.77
C GLU D 295 23.01 5.74 6.85
N ASN D 296 23.57 4.64 6.37
CA ASN D 296 22.92 3.35 6.56
C ASN D 296 22.77 3.05 8.05
N GLN D 297 23.84 3.30 8.81
CA GLN D 297 23.81 3.04 10.24
C GLN D 297 22.65 3.80 10.93
N LYS D 298 22.51 5.09 10.59
CA LYS D 298 21.45 5.88 11.20
C LYS D 298 20.10 5.24 10.94
N GLY D 299 19.85 4.82 9.71
CA GLY D 299 18.62 4.11 9.41
C GLY D 299 18.44 2.89 10.29
N MET D 300 19.53 2.15 10.52
CA MET D 300 19.42 0.91 11.29
C MET D 300 19.02 1.20 12.74
N TRP D 301 19.64 2.22 13.34
CA TRP D 301 19.27 2.68 14.66
C TRP D 301 17.78 3.03 14.75
N GLU D 302 17.27 3.75 13.74
CA GLU D 302 15.85 4.09 13.76
C GLU D 302 14.96 2.85 13.64
N LYS D 303 15.37 1.88 12.82
CA LYS D 303 14.62 0.62 12.78
C LYS D 303 14.63 -0.06 14.14
N LEU D 304 15.79 -0.11 14.79
CA LEU D 304 15.90 -0.78 16.08
C LEU D 304 15.03 -0.09 17.12
N PHE D 305 15.12 1.24 17.20
CA PHE D 305 14.28 1.95 18.15
C PHE D 305 12.81 1.87 17.79
N ASN D 306 12.47 1.59 16.52
CA ASN D 306 11.09 1.44 16.09
C ASN D 306 10.55 0.03 16.30
N GLY D 307 11.37 -0.91 16.76
CA GLY D 307 10.85 -2.23 17.04
C GLY D 307 10.82 -3.17 15.85
N GLU D 308 11.52 -2.84 14.76
CA GLU D 308 11.43 -3.64 13.55
C GLU D 308 12.51 -4.72 13.45
N ILE D 309 13.41 -4.80 14.43
CA ILE D 309 14.52 -5.74 14.42
C ILE D 309 14.40 -6.56 15.69
N ASP D 310 13.97 -7.80 15.55
CA ASP D 310 13.60 -8.62 16.75
C ASP D 310 14.76 -8.91 17.71
N CYS D 311 15.91 -9.28 17.17
CA CYS D 311 17.01 -9.70 18.06
C CYS D 311 18.37 -9.12 17.67
N LEU D 312 19.25 -8.95 18.66
CA LEU D 312 20.66 -8.59 18.39
C LEU D 312 21.47 -9.84 18.73
N VAL D 313 22.28 -10.31 17.80
CA VAL D 313 23.05 -11.54 17.94
C VAL D 313 24.49 -11.25 17.50
N SER D 314 25.41 -12.16 17.86
CA SER D 314 26.82 -11.91 17.56
C SER D 314 27.18 -12.13 16.08
N ASP D 315 26.64 -13.17 15.43
CA ASP D 315 27.26 -13.77 14.26
C ASP D 315 28.75 -13.90 14.50
N HIS D 316 29.14 -14.32 15.70
CA HIS D 316 30.53 -14.63 16.02
C HIS D 316 31.09 -15.58 14.98
N SER D 317 32.08 -15.12 14.21
CA SER D 317 32.59 -15.86 13.06
C SER D 317 34.10 -15.76 12.98
N PRO D 318 34.80 -16.34 13.93
CA PRO D 318 36.26 -16.22 13.96
C PRO D 318 36.89 -17.15 12.92
N CYS D 319 38.19 -16.96 12.70
CA CYS D 319 38.97 -17.83 11.83
C CYS D 319 40.45 -17.67 12.18
N PRO D 320 41.31 -18.62 11.80
CA PRO D 320 42.74 -18.47 12.10
C PRO D 320 43.28 -17.23 11.43
N PRO D 321 44.27 -16.58 12.03
CA PRO D 321 44.76 -15.31 11.48
C PRO D 321 45.28 -15.41 10.05
N GLU D 322 45.78 -16.56 9.60
CA GLU D 322 46.28 -16.62 8.23
C GLU D 322 45.18 -16.32 7.22
N MET D 323 43.92 -16.61 7.54
CA MET D 323 42.83 -16.32 6.62
C MET D 323 42.39 -14.86 6.65
N LYS D 324 42.85 -14.08 7.62
CA LYS D 324 42.62 -12.64 7.69
C LYS D 324 43.76 -11.83 7.08
N ALA D 325 44.84 -12.47 6.66
CA ALA D 325 45.93 -11.76 6.02
C ALA D 325 45.57 -11.48 4.56
N GLY D 326 46.20 -10.46 4.00
CA GLY D 326 45.95 -10.12 2.62
C GLY D 326 44.85 -9.09 2.49
N ASN D 327 44.50 -8.78 1.24
CA ASN D 327 43.63 -7.64 1.03
C ASN D 327 42.18 -8.00 1.38
N ILE D 328 41.33 -6.98 1.46
CA ILE D 328 39.98 -7.17 2.01
C ILE D 328 39.16 -8.11 1.14
N MET D 329 39.34 -8.02 -0.19
CA MET D 329 38.50 -8.83 -1.12
C MET D 329 38.79 -10.32 -1.00
N GLU D 330 40.02 -10.72 -0.69
CA GLU D 330 40.38 -12.15 -0.63
C GLU D 330 40.27 -12.70 0.80
N ALA D 331 40.23 -11.82 1.79
CA ALA D 331 40.24 -12.26 3.20
C ALA D 331 38.95 -12.99 3.56
N TRP D 332 39.01 -13.80 4.61
CA TRP D 332 37.82 -14.47 5.07
C TRP D 332 36.93 -13.46 5.80
N GLY D 333 35.62 -13.55 5.55
CA GLY D 333 34.66 -12.64 6.15
C GLY D 333 34.15 -13.20 7.46
N GLY D 334 34.01 -12.33 8.45
CA GLY D 334 33.60 -12.78 9.77
C GLY D 334 34.11 -11.88 10.88
N ILE D 335 33.21 -11.49 11.78
CA ILE D 335 33.53 -10.65 12.93
C ILE D 335 33.68 -11.54 14.17
N ALA D 336 34.80 -11.44 14.86
CA ALA D 336 34.94 -12.03 16.19
C ALA D 336 34.45 -10.99 17.20
N GLY D 337 33.21 -11.12 17.65
CA GLY D 337 32.63 -10.16 18.56
C GLY D 337 31.82 -10.73 19.72
N LEU D 338 31.80 -12.05 19.84
CA LEU D 338 30.95 -12.72 20.84
C LEU D 338 31.05 -12.07 22.21
N GLN D 339 32.27 -11.66 22.62
CA GLN D 339 32.48 -11.19 23.98
C GLN D 339 31.97 -9.78 24.24
N ASN D 340 31.73 -8.99 23.18
CA ASN D 340 31.43 -7.57 23.33
C ASN D 340 30.08 -7.20 22.75
N CYS D 341 29.14 -8.14 22.70
CA CYS D 341 27.79 -7.78 22.30
C CYS D 341 27.06 -6.98 23.38
N MET D 342 27.12 -7.46 24.62
CA MET D 342 26.33 -6.85 25.70
C MET D 342 26.91 -5.52 26.15
N ASP D 343 28.22 -5.46 26.47
CA ASP D 343 28.73 -4.18 26.96
C ASP D 343 28.70 -3.12 25.85
N VAL D 344 29.03 -3.47 24.61
CA VAL D 344 29.07 -2.43 23.54
C VAL D 344 27.67 -1.89 23.29
N MET D 345 26.66 -2.75 23.23
CA MET D 345 25.27 -2.33 22.91
C MET D 345 24.66 -1.57 24.10
N PHE D 346 24.93 -2.01 25.32
CA PHE D 346 24.46 -1.26 26.49
C PHE D 346 25.01 0.17 26.41
N ASP D 347 26.32 0.29 26.15
CA ASP D 347 26.90 1.62 26.01
C ASP D 347 26.25 2.38 24.87
N GLU D 348 26.19 1.77 23.67
CA GLU D 348 25.78 2.50 22.47
C GLU D 348 24.27 2.67 22.39
N ALA D 349 23.49 1.64 22.76
CA ALA D 349 22.03 1.75 22.75
C ALA D 349 21.50 2.46 23.98
N VAL D 350 21.90 2.02 25.18
CA VAL D 350 21.28 2.52 26.41
C VAL D 350 21.93 3.84 26.87
N GLN D 351 23.24 3.81 27.10
CA GLN D 351 23.90 4.98 27.68
C GLN D 351 23.90 6.17 26.72
N LYS D 352 24.28 5.95 25.45
CA LYS D 352 24.45 7.06 24.52
C LYS D 352 23.17 7.48 23.78
N ARG D 353 22.24 6.56 23.52
CA ARG D 353 21.07 6.90 22.68
C ARG D 353 19.76 6.81 23.44
N GLY D 354 19.79 6.47 24.72
CA GLY D 354 18.61 6.56 25.56
C GLY D 354 17.58 5.46 25.41
N MET D 355 17.99 4.27 24.96
CA MET D 355 17.06 3.15 24.89
C MET D 355 16.73 2.68 26.30
N SER D 356 15.46 2.29 26.51
CA SER D 356 15.03 1.88 27.84
C SER D 356 15.63 0.52 28.20
N LEU D 357 15.83 0.29 29.48
CA LEU D 357 16.37 -0.99 29.94
C LEU D 357 15.53 -2.18 29.52
N PRO D 358 14.21 -2.16 29.64
CA PRO D 358 13.45 -3.35 29.26
C PRO D 358 13.43 -3.57 27.77
N MET D 359 13.57 -2.51 26.97
CA MET D 359 13.73 -2.75 25.55
C MET D 359 15.06 -3.43 25.27
N PHE D 360 16.13 -2.97 25.92
CA PHE D 360 17.42 -3.64 25.84
C PHE D 360 17.28 -5.11 26.19
N GLY D 361 16.57 -5.40 27.27
CA GLY D 361 16.42 -6.80 27.68
C GLY D 361 15.72 -7.62 26.62
N LYS D 362 14.76 -7.02 25.90
CA LYS D 362 14.04 -7.74 24.86
C LYS D 362 14.94 -8.01 23.67
N LEU D 363 15.73 -7.03 23.27
CA LEU D 363 16.55 -7.18 22.04
C LEU D 363 17.69 -8.16 22.26
N MET D 364 18.25 -8.18 23.47
CA MET D 364 19.45 -9.02 23.74
C MET D 364 19.07 -10.43 24.23
N ALA D 365 17.82 -10.68 24.63
CA ALA D 365 17.52 -12.00 25.24
C ALA D 365 16.08 -12.49 25.03
N THR D 366 15.10 -11.78 25.55
CA THR D 366 13.69 -12.26 25.57
C THR D 366 13.18 -12.61 24.17
N ASN D 367 13.32 -11.71 23.20
CA ASN D 367 12.73 -11.97 21.90
C ASN D 367 13.30 -13.24 21.29
N ALA D 368 14.61 -13.41 21.39
CA ALA D 368 15.24 -14.59 20.82
C ALA D 368 14.71 -15.86 21.49
N ALA D 369 14.56 -15.82 22.81
CA ALA D 369 14.08 -17.01 23.51
C ALA D 369 12.64 -17.33 23.14
N ASP D 370 11.82 -16.29 22.95
CA ASP D 370 10.45 -16.51 22.51
C ASP D 370 10.38 -17.00 21.07
N ILE D 371 11.23 -16.45 20.19
CA ILE D 371 11.19 -16.87 18.80
C ILE D 371 11.58 -18.33 18.67
N PHE D 372 12.53 -18.77 19.49
CA PHE D 372 13.09 -20.11 19.30
C PHE D 372 12.57 -21.10 20.31
N GLY D 373 11.55 -20.72 21.09
CA GLY D 373 10.91 -21.60 22.05
C GLY D 373 11.77 -22.00 23.23
N LEU D 374 12.66 -21.12 23.70
CA LEU D 374 13.54 -21.47 24.82
C LEU D 374 12.80 -21.11 26.10
N GLN D 375 11.93 -22.01 26.55
CA GLN D 375 10.98 -21.70 27.66
C GLN D 375 11.62 -21.17 28.94
N GLN D 376 12.81 -21.66 29.29
CA GLN D 376 13.38 -21.27 30.57
C GLN D 376 14.27 -20.02 30.51
N LYS D 377 14.57 -19.50 29.33
CA LYS D 377 15.57 -18.46 29.14
C LYS D 377 14.94 -17.12 28.76
N GLY D 378 15.75 -16.07 28.86
CA GLY D 378 15.42 -14.80 28.27
C GLY D 378 14.74 -13.79 29.16
N ARG D 379 14.33 -14.15 30.37
CA ARG D 379 13.58 -13.18 31.16
C ARG D 379 13.77 -13.43 32.65
N ILE D 380 13.76 -12.35 33.42
CA ILE D 380 13.82 -12.40 34.88
C ILE D 380 12.38 -12.46 35.35
N ALA D 381 11.90 -13.68 35.56
CA ALA D 381 10.51 -13.95 35.88
C ALA D 381 10.45 -15.22 36.72
N PRO D 382 9.51 -15.32 37.66
CA PRO D 382 9.44 -16.52 38.51
C PRO D 382 9.41 -17.78 37.66
N GLY D 383 10.24 -18.75 38.04
CA GLY D 383 10.24 -20.05 37.39
C GLY D 383 11.14 -20.18 36.19
N LYS D 384 11.75 -19.09 35.73
CA LYS D 384 12.73 -19.22 34.66
C LYS D 384 14.09 -19.56 35.26
N ASP D 385 15.00 -20.04 34.41
CA ASP D 385 16.37 -20.26 34.84
C ASP D 385 16.96 -18.99 35.40
N ALA D 386 17.77 -19.13 36.45
CA ALA D 386 18.43 -17.98 37.06
C ALA D 386 19.70 -17.68 36.27
N ASP D 387 19.50 -17.01 35.13
CA ASP D 387 20.57 -16.61 34.21
C ASP D 387 20.63 -15.09 34.19
N PHE D 388 21.73 -14.52 34.70
CA PHE D 388 21.87 -13.06 34.74
C PHE D 388 23.28 -12.60 34.35
N VAL D 389 23.36 -11.35 33.88
CA VAL D 389 24.59 -10.58 33.78
C VAL D 389 24.45 -9.33 34.63
N PHE D 390 25.43 -9.05 35.46
CA PHE D 390 25.55 -7.77 36.15
C PHE D 390 26.33 -6.83 35.26
N ILE D 391 25.75 -5.68 34.92
CA ILE D 391 26.41 -4.68 34.10
C ILE D 391 26.67 -3.47 34.96
N GLN D 392 27.91 -2.96 34.93
CA GLN D 392 28.26 -1.74 35.63
C GLN D 392 28.19 -0.56 34.67
N PRO D 393 27.21 0.33 34.81
CA PRO D 393 27.10 1.47 33.90
C PRO D 393 28.16 2.52 34.18
N ASN D 394 28.37 3.37 33.17
CA ASN D 394 29.27 4.53 33.27
C ASN D 394 30.61 4.13 33.87
N SER D 395 31.14 3.01 33.40
CA SER D 395 32.41 2.48 33.88
C SER D 395 33.11 2.01 32.63
N SER D 396 34.13 2.75 32.22
CA SER D 396 34.72 2.58 30.90
C SER D 396 35.99 1.76 30.98
N TYR D 397 36.28 1.07 29.89
CA TYR D 397 37.57 0.44 29.70
C TYR D 397 37.89 0.43 28.21
N VAL D 398 39.18 0.33 27.91
CA VAL D 398 39.68 0.19 26.55
C VAL D 398 39.93 -1.29 26.33
N LEU D 399 39.26 -1.85 25.33
CA LEU D 399 39.36 -3.30 25.12
C LEU D 399 40.68 -3.66 24.48
N THR D 400 41.34 -4.69 25.01
CA THR D 400 42.62 -5.13 24.49
C THR D 400 42.58 -6.61 24.18
N ASN D 401 43.57 -7.04 23.41
CA ASN D 401 43.65 -8.44 22.98
C ASN D 401 43.71 -9.40 24.16
N ASP D 402 44.43 -9.07 25.23
CA ASP D 402 44.45 -10.12 26.22
C ASP D 402 43.24 -10.08 27.16
N ASP D 403 42.30 -9.15 26.95
CA ASP D 403 40.96 -9.30 27.52
C ASP D 403 40.19 -10.45 26.89
N LEU D 404 40.53 -10.79 25.65
CA LEU D 404 39.69 -11.68 24.85
C LEU D 404 39.91 -13.13 25.25
N GLU D 405 38.82 -13.87 25.42
CA GLU D 405 38.94 -15.29 25.72
C GLU D 405 38.85 -16.15 24.46
N TYR D 406 38.73 -15.55 23.28
CA TYR D 406 38.70 -16.32 22.03
C TYR D 406 39.96 -17.17 21.87
N ARG D 407 39.85 -18.23 21.08
CA ARG D 407 41.04 -18.99 20.69
C ARG D 407 42.04 -18.09 19.98
N HIS D 408 41.55 -17.22 19.11
CA HIS D 408 42.39 -16.24 18.40
C HIS D 408 42.03 -14.86 18.94
N LYS D 409 42.98 -14.23 19.62
CA LYS D 409 42.68 -13.06 20.44
C LYS D 409 42.78 -11.81 19.57
N VAL D 410 41.81 -11.70 18.66
CA VAL D 410 41.68 -10.54 17.79
C VAL D 410 40.20 -10.22 17.69
N SER D 411 39.92 -8.98 17.32
CA SER D 411 38.55 -8.47 17.24
C SER D 411 38.58 -7.03 16.70
N PRO D 412 37.68 -6.68 15.78
CA PRO D 412 37.61 -5.28 15.32
C PRO D 412 37.28 -4.28 16.41
N TYR D 413 36.90 -4.74 17.62
CA TYR D 413 36.64 -3.85 18.75
C TYR D 413 37.87 -3.59 19.61
N VAL D 414 38.99 -4.27 19.36
CA VAL D 414 40.16 -4.03 20.18
C VAL D 414 40.55 -2.57 20.05
N GLY D 415 40.84 -1.93 21.18
CA GLY D 415 41.21 -0.54 21.19
C GLY D 415 40.05 0.42 21.30
N ARG D 416 38.82 -0.10 21.29
CA ARG D 416 37.63 0.73 21.48
C ARG D 416 37.45 1.06 22.96
N THR D 417 36.99 2.28 23.23
CA THR D 417 36.59 2.69 24.56
C THR D 417 35.14 2.29 24.77
N ILE D 418 34.89 1.45 25.77
CA ILE D 418 33.55 0.87 25.99
C ILE D 418 33.05 1.37 27.34
N GLY D 419 31.88 2.01 27.34
CA GLY D 419 31.40 2.76 28.48
C GLY D 419 30.74 2.00 29.60
N ALA D 420 30.69 0.65 29.56
CA ALA D 420 30.11 -0.17 30.62
C ALA D 420 30.87 -1.47 30.74
N ARG D 421 30.73 -2.15 31.89
CA ARG D 421 31.54 -3.33 32.15
C ARG D 421 30.65 -4.52 32.55
N ILE D 422 30.89 -5.68 31.94
CA ILE D 422 30.36 -6.92 32.50
C ILE D 422 31.12 -7.24 33.77
N THR D 423 30.43 -7.22 34.92
CA THR D 423 31.10 -7.54 36.17
C THR D 423 30.89 -8.97 36.60
N LYS D 424 29.81 -9.61 36.16
CA LYS D 424 29.50 -10.94 36.65
C LYS D 424 28.47 -11.57 35.73
N THR D 425 28.57 -12.90 35.57
CA THR D 425 27.62 -13.70 34.80
C THR D 425 27.22 -14.91 35.62
N ILE D 426 25.92 -15.18 35.68
CA ILE D 426 25.36 -16.23 36.51
C ILE D 426 24.49 -17.12 35.63
N LEU D 427 24.82 -18.40 35.59
CA LEU D 427 24.10 -19.39 34.80
C LEU D 427 23.40 -20.34 35.76
N ARG D 428 22.07 -20.41 35.67
CA ARG D 428 21.27 -21.30 36.50
C ARG D 428 21.77 -21.28 37.93
N GLY D 429 21.97 -20.06 38.45
CA GLY D 429 22.21 -19.85 39.86
C GLY D 429 23.66 -19.83 40.30
N ASP D 430 24.61 -20.25 39.48
CA ASP D 430 26.02 -20.23 39.85
C ASP D 430 26.78 -19.19 39.04
N VAL D 431 27.63 -18.44 39.74
CA VAL D 431 28.54 -17.50 39.07
C VAL D 431 29.50 -18.26 38.18
N ILE D 432 29.40 -18.05 36.87
CA ILE D 432 30.34 -18.69 35.95
C ILE D 432 31.42 -17.71 35.49
N TYR D 433 31.23 -16.41 35.67
CA TYR D 433 32.28 -15.45 35.37
C TYR D 433 32.15 -14.29 36.36
N ASP D 434 33.30 -13.81 36.83
CA ASP D 434 33.40 -12.73 37.81
C ASP D 434 34.60 -11.87 37.42
N ILE D 435 34.37 -10.56 37.26
CA ILE D 435 35.44 -9.69 36.77
C ILE D 435 36.61 -9.65 37.76
N GLU D 436 36.36 -9.99 39.02
CA GLU D 436 37.39 -10.07 40.06
C GLU D 436 37.96 -11.46 40.27
N GLN D 437 37.30 -12.50 39.78
CA GLN D 437 37.76 -13.87 40.03
C GLN D 437 38.16 -14.63 38.77
N GLY D 438 37.61 -14.29 37.61
CA GLY D 438 37.78 -15.12 36.44
C GLY D 438 36.65 -16.10 36.33
N PHE D 439 36.98 -17.36 36.07
CA PHE D 439 35.95 -18.38 35.90
C PHE D 439 35.97 -19.33 37.09
N PRO D 440 35.15 -19.12 38.12
CA PRO D 440 35.35 -19.79 39.41
C PRO D 440 34.90 -21.25 39.48
N VAL D 441 34.18 -21.78 38.49
CA VAL D 441 33.63 -23.12 38.60
C VAL D 441 33.89 -23.87 37.30
N ALA D 442 33.86 -25.20 37.41
CA ALA D 442 34.04 -26.03 36.24
C ALA D 442 32.90 -25.79 35.25
N PRO D 443 33.15 -25.93 33.94
CA PRO D 443 32.06 -25.81 32.96
C PRO D 443 30.81 -26.56 33.39
N LYS D 444 29.69 -25.84 33.53
CA LYS D 444 28.42 -26.42 33.97
C LYS D 444 27.34 -26.30 32.91
N GLY D 445 27.70 -25.84 31.71
CA GLY D 445 26.72 -25.65 30.66
C GLY D 445 26.16 -26.97 30.17
N GLN D 446 24.95 -26.89 29.60
CA GLN D 446 24.28 -28.06 29.05
C GLN D 446 23.66 -27.68 27.72
N PHE D 447 23.47 -28.70 26.87
CA PHE D 447 22.71 -28.52 25.66
C PHE D 447 21.23 -28.41 25.96
N ILE D 448 20.52 -27.65 25.13
CA ILE D 448 19.07 -27.49 25.24
C ILE D 448 18.45 -28.08 23.99
N LEU D 449 17.55 -29.04 24.17
CA LEU D 449 16.89 -29.71 23.05
C LEU D 449 15.38 -29.43 23.08
N LYS D 450 14.78 -29.17 21.92
CA LYS D 450 13.37 -28.67 21.85
C LYS D 450 12.37 -29.48 22.66
N HIS D 451 12.20 -30.75 22.33
CA HIS D 451 11.15 -31.60 22.96
C HIS D 451 11.57 -32.09 24.34
N GLN D 452 12.67 -31.59 24.86
CA GLN D 452 13.22 -32.08 26.13
C GLN D 452 13.25 -30.94 27.13
N GLN D 453 12.36 -29.96 27.01
CA GLN D 453 12.50 -28.81 27.94
C GLN D 453 11.19 -28.60 28.70
C1 PEG E . 3.44 22.56 1.75
O1 PEG E . 2.89 21.57 2.63
C2 PEG E . 2.60 23.82 1.73
O2 PEG E . 3.46 24.95 1.88
C3 PEG E . 2.76 26.19 2.06
C4 PEG E . 2.01 26.51 0.82
O4 PEG E . 0.68 26.04 0.93
H11 PEG E . 3.46 22.19 0.84
H12 PEG E . 4.34 22.78 2.03
HO1 PEG E . 2.05 21.54 2.64
H21 PEG E . 1.98 23.79 2.47
H22 PEG E . 2.12 23.89 0.90
H31 PEG E . 3.40 26.90 2.25
H32 PEG E . 2.14 26.11 2.80
H41 PEG E . 2.44 26.09 0.06
H42 PEG E . 2.00 27.48 0.68
HO4 PEG E . 0.56 25.25 0.66
C1 PEG F . 4.46 7.53 -10.52
O1 PEG F . 5.35 8.18 -9.63
C2 PEG F . 3.13 7.27 -9.90
O2 PEG F . 2.27 6.65 -10.85
C3 PEG F . 1.50 7.59 -11.59
C4 PEG F . 1.13 7.00 -12.92
O4 PEG F . 0.00 7.63 -13.47
H11 PEG F . 4.86 6.68 -10.80
H12 PEG F . 4.34 8.08 -11.33
HO1 PEG F . 4.94 8.34 -8.90
H21 PEG F . 2.73 8.12 -9.60
H22 PEG F . 3.23 6.69 -9.12
H31 PEG F . 2.03 8.41 -11.74
H32 PEG F . 0.69 7.83 -11.09
H41 PEG F . 0.95 6.05 -12.79
H42 PEG F . 1.88 7.09 -13.53
HO4 PEG F . -0.08 8.41 -13.16
ZN ZN G . -15.28 27.40 -9.65
ZN ZN H . -14.31 25.90 -6.77
C1 PEG I . -24.53 -4.38 9.95
O1 PEG I . -24.49 -5.67 10.50
C2 PEG I . -23.21 -3.96 9.43
O2 PEG I . -22.88 -4.76 8.31
C3 PEG I . -21.64 -4.39 7.72
C4 PEG I . -21.13 -5.51 6.88
O4 PEG I . -20.13 -5.09 5.97
H11 PEG I . -24.82 -3.74 10.64
H12 PEG I . -25.19 -4.36 9.22
HO1 PEG I . -23.68 -5.90 10.61
H21 PEG I . -22.53 -4.07 10.13
H22 PEG I . -23.24 -3.02 9.18
H31 PEG I . -20.99 -4.18 8.43
H32 PEG I . -21.77 -3.59 7.17
H41 PEG I . -21.87 -5.91 6.38
H42 PEG I . -20.75 -6.20 7.46
HO4 PEG I . -19.77 -5.76 5.61
ZN ZN J . -19.36 6.26 25.99
ZN ZN K . -19.33 6.85 22.60
C1 PEG L . -4.22 -21.56 -9.55
O1 PEG L . -4.79 -20.39 -8.97
C2 PEG L . -4.96 -22.04 -10.78
O2 PEG L . -4.66 -23.43 -11.02
C3 PEG L . -4.60 -23.77 -12.39
C4 PEG L . -3.27 -23.33 -12.85
O4 PEG L . -2.55 -22.98 -11.70
H11 PEG L . -4.25 -22.28 -8.89
H12 PEG L . -3.31 -21.38 -9.79
HO1 PEG L . -5.40 -20.03 -9.43
H21 PEG L . -4.68 -21.51 -11.55
H22 PEG L . -5.91 -21.93 -10.66
H31 PEG L . -5.30 -23.30 -12.89
H32 PEG L . -4.70 -24.73 -12.51
H41 PEG L . -3.35 -22.56 -13.44
H42 PEG L . -2.81 -24.05 -13.31
HO4 PEG L . -2.74 -23.49 -11.04
ZN ZN M . 8.24 -17.48 -26.98
ZN ZN N . 8.51 -17.80 -23.48
C1 PEG O . 26.24 0.70 1.27
O1 PEG O . 26.86 1.61 2.16
C2 PEG O . 24.78 0.93 1.22
O2 PEG O . 24.53 2.26 0.77
C3 PEG O . 23.19 2.69 1.02
C4 PEG O . 22.41 2.69 -0.27
O4 PEG O . 21.23 3.45 -0.15
H11 PEG O . 26.42 -0.21 1.56
H12 PEG O . 26.61 0.83 0.37
HO1 PEG O . 26.35 2.23 2.42
H21 PEG O . 24.40 0.82 2.12
H22 PEG O . 24.36 0.30 0.62
H31 PEG O . 23.20 3.59 1.37
H32 PEG O . 22.77 2.10 1.66
H41 PEG O . 22.17 1.77 -0.49
H42 PEG O . 22.95 3.05 -0.98
HO4 PEG O . 21.04 3.66 0.66
C1 PEG P . 6.06 -0.52 12.52
O1 PEG P . 6.33 -0.99 13.81
C2 PEG P . 6.24 0.96 12.41
O2 PEG P . 6.40 1.32 11.04
C3 PEG P . 6.21 2.70 10.81
C4 PEG P . 7.25 3.49 11.54
O4 PEG P . 7.58 4.68 10.88
H11 PEG P . 5.13 -0.74 12.29
H12 PEG P . 6.64 -0.97 11.88
HO1 PEG P . 6.27 -0.34 14.37
H21 PEG P . 7.04 1.22 12.91
H22 PEG P . 5.47 1.42 12.78
H31 PEG P . 5.32 2.97 11.12
H32 PEG P . 6.28 2.89 9.85
H41 PEG P . 8.05 2.94 11.63
H42 PEG P . 6.92 3.70 12.44
HO4 PEG P . 7.76 4.52 10.07
ZN ZN Q . 25.51 -15.54 7.85
ZN ZN R . 26.69 -16.50 10.42
#